data_2DAJ
#
_entry.id   2DAJ
#
_entity_poly.entity_id   1
_entity_poly.type   'polypeptide(L)'
_entity_poly.pdbx_seq_one_letter_code
;GSSGSSGEKTVRVVINFKKTQKTIVRVSPHASLQELAPIICSKCEFDPLHTLLLKDYQSQEPLDLTKSLNDLGLRELYAM
DVNRESGPSSG
;
_entity_poly.pdbx_strand_id   A
#
# COMPACT_ATOMS: atom_id res chain seq x y z
N GLY A 1 13.77 11.08 -6.19
CA GLY A 1 13.62 10.19 -5.06
C GLY A 1 14.20 10.81 -3.78
N SER A 2 14.33 9.98 -2.76
CA SER A 2 14.87 10.43 -1.49
C SER A 2 15.20 9.23 -0.61
N SER A 3 16.47 9.15 -0.24
CA SER A 3 16.93 8.04 0.61
C SER A 3 15.94 7.81 1.75
N GLY A 4 15.73 8.85 2.53
CA GLY A 4 14.81 8.78 3.66
C GLY A 4 15.53 9.07 4.98
N SER A 5 15.45 10.33 5.38
CA SER A 5 16.08 10.76 6.62
C SER A 5 15.15 10.50 7.80
N SER A 6 15.62 9.65 8.71
CA SER A 6 14.84 9.31 9.88
C SER A 6 13.57 8.57 9.48
N GLY A 7 13.19 7.61 10.31
CA GLY A 7 12.00 6.82 10.04
C GLY A 7 11.10 6.75 11.27
N GLU A 8 10.66 7.93 11.71
CA GLU A 8 9.80 8.02 12.88
C GLU A 8 8.41 8.51 12.46
N LYS A 9 7.58 8.74 13.47
CA LYS A 9 6.22 9.21 13.23
C LYS A 9 5.54 8.28 12.22
N THR A 10 5.47 7.01 12.58
CA THR A 10 4.85 6.02 11.71
C THR A 10 3.66 5.37 12.42
N VAL A 11 2.68 4.98 11.61
CA VAL A 11 1.48 4.34 12.15
C VAL A 11 1.49 2.86 11.76
N ARG A 12 0.75 2.08 12.54
CA ARG A 12 0.66 0.65 12.28
C ARG A 12 -0.50 0.35 11.32
N VAL A 13 -0.14 -0.06 10.12
CA VAL A 13 -1.13 -0.38 9.11
C VAL A 13 -1.17 -1.89 8.90
N VAL A 14 -2.35 -2.38 8.55
CA VAL A 14 -2.54 -3.80 8.31
C VAL A 14 -2.49 -4.08 6.81
N ILE A 15 -1.62 -5.00 6.43
CA ILE A 15 -1.48 -5.37 5.03
C ILE A 15 -2.07 -6.77 4.80
N ASN A 16 -3.32 -6.78 4.39
CA ASN A 16 -4.01 -8.04 4.13
C ASN A 16 -3.62 -8.54 2.74
N PHE A 17 -3.16 -9.80 2.71
CA PHE A 17 -2.76 -10.41 1.46
C PHE A 17 -3.11 -11.91 1.45
N LYS A 18 -3.32 -12.42 0.25
CA LYS A 18 -3.66 -13.82 0.09
C LYS A 18 -5.05 -14.08 0.66
N LYS A 19 -5.76 -12.98 0.90
CA LYS A 19 -7.11 -13.07 1.44
C LYS A 19 -7.12 -14.10 2.58
N THR A 20 -5.99 -14.22 3.25
CA THR A 20 -5.86 -15.16 4.35
C THR A 20 -4.82 -14.66 5.36
N GLN A 21 -3.64 -14.35 4.84
CA GLN A 21 -2.56 -13.86 5.68
C GLN A 21 -2.54 -12.33 5.69
N LYS A 22 -2.01 -11.79 6.78
CA LYS A 22 -1.94 -10.35 6.92
C LYS A 22 -0.74 -9.99 7.81
N THR A 23 -0.21 -8.81 7.59
CA THR A 23 0.94 -8.33 8.37
C THR A 23 0.78 -6.85 8.70
N ILE A 24 1.55 -6.42 9.69
CA ILE A 24 1.51 -5.04 10.12
C ILE A 24 2.88 -4.39 9.91
N VAL A 25 2.86 -3.14 9.49
CA VAL A 25 4.09 -2.41 9.24
C VAL A 25 3.93 -0.97 9.74
N ARG A 26 5.06 -0.36 10.06
CA ARG A 26 5.07 1.01 10.54
C ARG A 26 5.67 1.95 9.49
N VAL A 27 4.79 2.75 8.89
CA VAL A 27 5.21 3.69 7.88
C VAL A 27 4.47 5.01 8.07
N SER A 28 4.90 6.02 7.32
CA SER A 28 4.29 7.33 7.40
C SER A 28 2.94 7.32 6.68
N PRO A 29 1.91 7.83 7.41
CA PRO A 29 0.56 7.89 6.85
C PRO A 29 0.44 9.01 5.82
N HIS A 30 1.41 9.92 5.86
CA HIS A 30 1.42 11.04 4.93
C HIS A 30 1.74 10.54 3.53
N ALA A 31 2.93 9.96 3.39
CA ALA A 31 3.38 9.44 2.10
C ALA A 31 2.20 8.76 1.41
N SER A 32 2.12 8.96 0.11
CA SER A 32 1.06 8.37 -0.69
C SER A 32 1.35 6.88 -0.92
N LEU A 33 0.27 6.12 -1.08
CA LEU A 33 0.41 4.69 -1.31
C LEU A 33 1.38 4.46 -2.46
N GLN A 34 1.43 5.42 -3.37
CA GLN A 34 2.31 5.33 -4.51
C GLN A 34 3.75 5.14 -4.07
N GLU A 35 4.07 5.78 -2.94
CA GLU A 35 5.41 5.69 -2.40
C GLU A 35 5.50 4.55 -1.38
N LEU A 36 4.35 4.22 -0.81
CA LEU A 36 4.29 3.14 0.17
C LEU A 36 3.90 1.84 -0.53
N ALA A 37 3.91 1.89 -1.85
CA ALA A 37 3.57 0.72 -2.65
C ALA A 37 4.64 -0.36 -2.45
N PRO A 38 5.92 0.06 -2.63
CA PRO A 38 7.04 -0.85 -2.47
C PRO A 38 7.30 -1.15 -0.99
N ILE A 39 7.26 -0.09 -0.20
CA ILE A 39 7.50 -0.23 1.24
C ILE A 39 6.53 -1.27 1.81
N ILE A 40 5.37 -1.35 1.20
CA ILE A 40 4.35 -2.29 1.63
C ILE A 40 4.56 -3.63 0.92
N CYS A 41 4.43 -3.60 -0.40
CA CYS A 41 4.61 -4.79 -1.20
C CYS A 41 5.87 -5.50 -0.72
N SER A 42 6.92 -4.72 -0.57
CA SER A 42 8.20 -5.26 -0.12
C SER A 42 8.01 -6.02 1.20
N LYS A 43 7.29 -5.40 2.10
CA LYS A 43 7.03 -6.00 3.40
C LYS A 43 6.35 -7.36 3.20
N CYS A 44 5.61 -7.45 2.11
CA CYS A 44 4.90 -8.68 1.79
C CYS A 44 5.57 -9.32 0.57
N GLU A 45 6.82 -8.94 0.36
CA GLU A 45 7.59 -9.47 -0.76
C GLU A 45 6.69 -9.58 -2.00
N PHE A 46 5.77 -8.64 -2.11
CA PHE A 46 4.85 -8.62 -3.24
C PHE A 46 5.46 -7.88 -4.43
N ASP A 47 4.80 -8.03 -5.57
CA ASP A 47 5.26 -7.38 -6.78
C ASP A 47 4.43 -6.12 -7.04
N PRO A 48 5.10 -4.94 -6.85
CA PRO A 48 4.44 -3.66 -7.05
C PRO A 48 4.26 -3.37 -8.54
N LEU A 49 4.75 -4.29 -9.36
CA LEU A 49 4.66 -4.14 -10.80
C LEU A 49 3.20 -4.36 -11.24
N HIS A 50 2.55 -5.31 -10.56
CA HIS A 50 1.17 -5.63 -10.87
C HIS A 50 0.40 -5.86 -9.56
N THR A 51 0.42 -4.85 -8.72
CA THR A 51 -0.28 -4.92 -7.45
C THR A 51 -1.32 -3.81 -7.33
N LEU A 52 -2.45 -4.15 -6.73
CA LEU A 52 -3.52 -3.20 -6.56
C LEU A 52 -3.75 -2.96 -5.07
N LEU A 53 -4.39 -1.83 -4.77
CA LEU A 53 -4.66 -1.46 -3.39
C LEU A 53 -6.17 -1.28 -3.22
N LEU A 54 -6.81 -2.33 -2.72
CA LEU A 54 -8.24 -2.30 -2.49
C LEU A 54 -8.52 -1.79 -1.07
N LYS A 55 -9.77 -1.40 -0.86
CA LYS A 55 -10.18 -0.90 0.44
C LYS A 55 -9.77 -1.90 1.53
N ASP A 56 -10.52 -3.00 1.58
CA ASP A 56 -10.24 -4.04 2.55
C ASP A 56 -10.55 -5.40 1.94
N TYR A 57 -10.16 -6.44 2.66
CA TYR A 57 -10.39 -7.80 2.19
C TYR A 57 -11.80 -7.97 1.65
N GLN A 58 -12.75 -7.38 2.36
CA GLN A 58 -14.14 -7.45 1.95
C GLN A 58 -14.37 -6.66 0.67
N SER A 59 -14.28 -5.35 0.79
CA SER A 59 -14.47 -4.47 -0.34
C SER A 59 -13.49 -4.84 -1.46
N GLN A 60 -13.86 -4.48 -2.68
CA GLN A 60 -13.02 -4.76 -3.83
C GLN A 60 -12.76 -3.49 -4.63
N GLU A 61 -13.13 -2.37 -4.03
CA GLU A 61 -12.94 -1.08 -4.67
C GLU A 61 -11.48 -0.65 -4.58
N PRO A 62 -10.96 -0.14 -5.73
CA PRO A 62 -9.58 0.29 -5.79
C PRO A 62 -9.41 1.65 -5.08
N LEU A 63 -8.25 1.79 -4.45
CA LEU A 63 -7.95 3.03 -3.73
C LEU A 63 -7.16 3.96 -4.64
N ASP A 64 -7.00 5.19 -4.18
CA ASP A 64 -6.28 6.19 -4.94
C ASP A 64 -4.88 6.39 -4.34
N LEU A 65 -3.88 6.05 -5.14
CA LEU A 65 -2.49 6.18 -4.70
C LEU A 65 -2.26 7.60 -4.17
N THR A 66 -2.52 8.57 -5.03
CA THR A 66 -2.35 9.96 -4.66
C THR A 66 -2.83 10.20 -3.23
N LYS A 67 -3.88 9.50 -2.87
CA LYS A 67 -4.44 9.62 -1.53
C LYS A 67 -3.65 8.74 -0.56
N SER A 68 -3.47 9.26 0.64
CA SER A 68 -2.73 8.54 1.67
C SER A 68 -3.68 8.04 2.75
N LEU A 69 -3.13 7.28 3.68
CA LEU A 69 -3.92 6.73 4.78
C LEU A 69 -4.74 7.85 5.41
N ASN A 70 -4.16 9.05 5.40
CA ASN A 70 -4.82 10.21 5.97
C ASN A 70 -5.97 10.64 5.05
N ASP A 71 -5.62 10.95 3.81
CA ASP A 71 -6.59 11.38 2.83
C ASP A 71 -7.70 10.33 2.74
N LEU A 72 -7.29 9.07 2.78
CA LEU A 72 -8.23 7.97 2.71
C LEU A 72 -9.02 7.89 4.01
N GLY A 73 -8.28 7.71 5.11
CA GLY A 73 -8.90 7.61 6.41
C GLY A 73 -9.06 6.16 6.84
N LEU A 74 -8.09 5.34 6.43
CA LEU A 74 -8.12 3.93 6.76
C LEU A 74 -6.82 3.55 7.49
N ARG A 75 -6.88 2.43 8.20
CA ARG A 75 -5.72 1.97 8.94
C ARG A 75 -5.23 0.63 8.37
N GLU A 76 -6.07 0.04 7.52
CA GLU A 76 -5.73 -1.23 6.91
C GLU A 76 -6.15 -1.22 5.43
N LEU A 77 -5.45 -2.04 4.65
CA LEU A 77 -5.73 -2.14 3.22
C LEU A 77 -5.38 -3.55 2.74
N TYR A 78 -5.78 -3.83 1.51
CA TYR A 78 -5.52 -5.13 0.91
C TYR A 78 -4.72 -4.98 -0.39
N ALA A 79 -3.78 -5.91 -0.57
CA ALA A 79 -2.94 -5.89 -1.75
C ALA A 79 -3.38 -7.01 -2.68
N MET A 80 -3.94 -6.62 -3.82
CA MET A 80 -4.41 -7.57 -4.80
C MET A 80 -3.37 -7.78 -5.90
N ASP A 81 -3.29 -9.01 -6.38
CA ASP A 81 -2.34 -9.36 -7.42
C ASP A 81 -3.10 -9.54 -8.74
N VAL A 82 -2.92 -8.55 -9.62
CA VAL A 82 -3.58 -8.59 -10.92
C VAL A 82 -2.52 -8.75 -12.01
N ASN A 83 -2.73 -8.02 -13.10
CA ASN A 83 -1.80 -8.06 -14.22
C ASN A 83 -2.28 -7.11 -15.32
N ARG A 84 -1.76 -5.89 -15.26
CA ARG A 84 -2.12 -4.88 -16.24
C ARG A 84 -1.16 -3.69 -16.15
N GLU A 85 -0.46 -3.46 -17.25
CA GLU A 85 0.49 -2.36 -17.31
C GLU A 85 0.59 -1.82 -18.74
N SER A 86 -0.27 -0.86 -19.05
CA SER A 86 -0.27 -0.26 -20.36
C SER A 86 -1.13 1.01 -20.36
N GLY A 87 -0.54 2.09 -20.86
CA GLY A 87 -1.24 3.36 -20.92
C GLY A 87 -0.24 4.52 -20.91
N PRO A 88 -0.71 5.68 -21.46
CA PRO A 88 0.12 6.87 -21.52
C PRO A 88 0.25 7.53 -20.14
N SER A 89 1.33 8.27 -19.98
CA SER A 89 1.58 8.95 -18.72
C SER A 89 2.38 10.23 -18.98
N SER A 90 1.74 11.36 -18.71
CA SER A 90 2.37 12.65 -18.90
C SER A 90 1.43 13.77 -18.47
N GLY A 91 2.02 14.88 -18.04
CA GLY A 91 1.24 16.02 -17.60
C GLY A 91 2.15 17.21 -17.27
N GLY A 1 20.01 12.89 0.43
CA GLY A 1 18.76 12.15 0.55
C GLY A 1 18.47 11.80 2.01
N SER A 2 17.95 12.78 2.73
CA SER A 2 17.62 12.59 4.13
C SER A 2 18.89 12.27 4.93
N SER A 3 19.04 12.97 6.05
CA SER A 3 20.20 12.77 6.90
C SER A 3 19.76 12.60 8.35
N GLY A 4 19.06 13.62 8.85
CA GLY A 4 18.57 13.59 10.22
C GLY A 4 17.16 12.99 10.29
N SER A 5 16.98 12.11 11.26
CA SER A 5 15.69 11.46 11.44
C SER A 5 15.65 10.78 12.81
N SER A 6 15.36 11.57 13.84
CA SER A 6 15.28 11.06 15.19
C SER A 6 13.89 11.34 15.78
N GLY A 7 13.09 10.29 15.84
CA GLY A 7 11.75 10.41 16.38
C GLY A 7 10.77 9.55 15.59
N GLU A 8 10.65 9.88 14.31
CA GLU A 8 9.75 9.16 13.43
C GLU A 8 8.30 9.24 13.95
N LYS A 9 7.36 9.10 13.03
CA LYS A 9 5.96 9.17 13.38
C LYS A 9 5.16 8.25 12.46
N THR A 10 5.56 6.98 12.46
CA THR A 10 4.89 6.00 11.63
C THR A 10 3.67 5.42 12.35
N VAL A 11 2.68 5.03 11.56
CA VAL A 11 1.46 4.46 12.12
C VAL A 11 1.41 2.97 11.78
N ARG A 12 0.51 2.28 12.48
CA ARG A 12 0.35 0.85 12.28
C ARG A 12 -0.72 0.59 11.22
N VAL A 13 -0.26 0.09 10.07
CA VAL A 13 -1.17 -0.20 8.97
C VAL A 13 -1.26 -1.72 8.79
N VAL A 14 -2.45 -2.16 8.40
CA VAL A 14 -2.68 -3.58 8.18
C VAL A 14 -2.53 -3.90 6.70
N ILE A 15 -1.84 -4.99 6.42
CA ILE A 15 -1.63 -5.41 5.05
C ILE A 15 -2.11 -6.85 4.89
N ASN A 16 -3.34 -6.98 4.42
CA ASN A 16 -3.94 -8.29 4.20
C ASN A 16 -3.52 -8.82 2.82
N PHE A 17 -2.93 -10.01 2.83
CA PHE A 17 -2.50 -10.63 1.59
C PHE A 17 -2.69 -12.14 1.64
N LYS A 18 -2.54 -12.77 0.48
CA LYS A 18 -2.69 -14.21 0.39
C LYS A 18 -4.17 -14.57 0.52
N LYS A 19 -5.00 -13.54 0.56
CA LYS A 19 -6.43 -13.74 0.67
C LYS A 19 -6.72 -14.50 1.98
N THR A 20 -6.07 -14.07 3.04
CA THR A 20 -6.24 -14.71 4.33
C THR A 20 -5.20 -14.19 5.33
N GLN A 21 -3.95 -14.20 4.88
CA GLN A 21 -2.85 -13.74 5.71
C GLN A 21 -2.77 -12.21 5.70
N LYS A 22 -2.13 -11.67 6.73
CA LYS A 22 -1.99 -10.24 6.84
C LYS A 22 -0.70 -9.92 7.62
N THR A 23 -0.13 -8.77 7.29
CA THR A 23 1.10 -8.34 7.94
C THR A 23 0.99 -6.87 8.36
N ILE A 24 1.61 -6.57 9.50
CA ILE A 24 1.58 -5.21 10.02
C ILE A 24 2.94 -4.56 9.76
N VAL A 25 2.88 -3.29 9.36
CA VAL A 25 4.09 -2.54 9.08
C VAL A 25 3.92 -1.10 9.58
N ARG A 26 5.05 -0.49 9.91
CA ARG A 26 5.04 0.88 10.40
C ARG A 26 5.54 1.84 9.32
N VAL A 27 4.62 2.65 8.82
CA VAL A 27 4.96 3.61 7.78
C VAL A 27 4.38 4.97 8.15
N SER A 28 4.63 5.94 7.29
CA SER A 28 4.15 7.29 7.51
C SER A 28 2.78 7.46 6.87
N PRO A 29 1.84 8.08 7.65
CA PRO A 29 0.49 8.31 7.17
C PRO A 29 0.45 9.46 6.16
N HIS A 30 1.60 10.13 6.04
CA HIS A 30 1.70 11.25 5.12
C HIS A 30 1.90 10.73 3.69
N ALA A 31 3.02 10.05 3.50
CA ALA A 31 3.33 9.49 2.19
C ALA A 31 2.10 8.80 1.62
N SER A 32 2.01 8.80 0.31
CA SER A 32 0.89 8.18 -0.38
C SER A 32 1.19 6.71 -0.66
N LEU A 33 0.14 5.91 -0.68
CA LEU A 33 0.28 4.49 -0.94
C LEU A 33 1.17 4.28 -2.17
N GLN A 34 1.16 5.28 -3.03
CA GLN A 34 1.96 5.22 -4.25
C GLN A 34 3.44 5.08 -3.91
N GLU A 35 3.82 5.70 -2.81
CA GLU A 35 5.20 5.65 -2.37
C GLU A 35 5.39 4.51 -1.35
N LEU A 36 4.28 4.10 -0.76
CA LEU A 36 4.31 3.03 0.22
C LEU A 36 4.01 1.70 -0.48
N ALA A 37 3.81 1.78 -1.78
CA ALA A 37 3.51 0.60 -2.58
C ALA A 37 4.65 -0.42 -2.40
N PRO A 38 5.90 0.07 -2.58
CA PRO A 38 7.07 -0.77 -2.45
C PRO A 38 7.37 -1.07 -0.98
N ILE A 39 7.27 -0.02 -0.16
CA ILE A 39 7.53 -0.16 1.26
C ILE A 39 6.58 -1.21 1.85
N ILE A 40 5.43 -1.35 1.20
CA ILE A 40 4.45 -2.31 1.64
C ILE A 40 4.72 -3.67 0.98
N CYS A 41 4.64 -3.67 -0.34
CA CYS A 41 4.88 -4.89 -1.10
C CYS A 41 6.20 -5.50 -0.62
N SER A 42 7.22 -4.66 -0.57
CA SER A 42 8.54 -5.10 -0.13
C SER A 42 8.43 -5.78 1.23
N LYS A 43 7.66 -5.17 2.11
CA LYS A 43 7.47 -5.70 3.45
C LYS A 43 6.89 -7.12 3.36
N CYS A 44 5.98 -7.29 2.41
CA CYS A 44 5.34 -8.57 2.20
C CYS A 44 6.06 -9.29 1.04
N GLU A 45 7.26 -8.81 0.76
CA GLU A 45 8.07 -9.38 -0.31
C GLU A 45 7.19 -9.64 -1.54
N PHE A 46 6.32 -8.68 -1.83
CA PHE A 46 5.42 -8.81 -2.96
C PHE A 46 5.98 -8.05 -4.18
N ASP A 47 5.26 -8.18 -5.28
CA ASP A 47 5.67 -7.51 -6.51
C ASP A 47 4.71 -6.35 -6.79
N PRO A 48 5.29 -5.12 -6.76
CA PRO A 48 4.51 -3.92 -7.01
C PRO A 48 4.20 -3.77 -8.50
N LEU A 49 4.71 -4.71 -9.28
CA LEU A 49 4.50 -4.70 -10.71
C LEU A 49 3.01 -4.86 -11.00
N HIS A 50 2.42 -5.87 -10.37
CA HIS A 50 1.00 -6.14 -10.56
C HIS A 50 0.32 -6.25 -9.19
N THR A 51 0.38 -5.16 -8.45
CA THR A 51 -0.21 -5.11 -7.13
C THR A 51 -1.26 -3.99 -7.05
N LEU A 52 -2.41 -4.33 -6.47
CA LEU A 52 -3.49 -3.38 -6.34
C LEU A 52 -3.75 -3.11 -4.85
N LEU A 53 -4.37 -1.98 -4.58
CA LEU A 53 -4.68 -1.59 -3.22
C LEU A 53 -6.19 -1.39 -3.08
N LEU A 54 -6.84 -2.38 -2.49
CA LEU A 54 -8.28 -2.31 -2.31
C LEU A 54 -8.59 -1.89 -0.87
N LYS A 55 -9.83 -1.52 -0.64
CA LYS A 55 -10.27 -1.09 0.69
C LYS A 55 -9.89 -2.17 1.71
N ASP A 56 -10.33 -3.39 1.43
CA ASP A 56 -10.06 -4.51 2.31
C ASP A 56 -10.25 -5.82 1.54
N TYR A 57 -9.98 -6.92 2.23
CA TYR A 57 -10.11 -8.23 1.63
C TYR A 57 -11.54 -8.46 1.12
N GLN A 58 -12.50 -8.00 1.91
CA GLN A 58 -13.90 -8.14 1.55
C GLN A 58 -14.23 -7.26 0.34
N SER A 59 -14.13 -5.96 0.55
CA SER A 59 -14.42 -5.02 -0.52
C SER A 59 -13.57 -5.35 -1.75
N GLN A 60 -13.93 -4.71 -2.85
CA GLN A 60 -13.22 -4.92 -4.11
C GLN A 60 -13.01 -3.59 -4.83
N GLU A 61 -13.07 -2.52 -4.07
CA GLU A 61 -12.91 -1.19 -4.63
C GLU A 61 -11.45 -0.75 -4.52
N PRO A 62 -10.89 -0.31 -5.68
CA PRO A 62 -9.51 0.14 -5.73
C PRO A 62 -9.35 1.52 -5.09
N LEU A 63 -8.29 1.66 -4.33
CA LEU A 63 -8.02 2.92 -3.65
C LEU A 63 -7.17 3.81 -4.57
N ASP A 64 -7.08 5.08 -4.18
CA ASP A 64 -6.32 6.04 -4.96
C ASP A 64 -4.94 6.22 -4.31
N LEU A 65 -3.95 5.61 -4.94
CA LEU A 65 -2.59 5.70 -4.45
C LEU A 65 -2.24 7.17 -4.18
N THR A 66 -2.60 8.01 -5.13
CA THR A 66 -2.33 9.44 -5.01
C THR A 66 -2.66 9.92 -3.59
N LYS A 67 -3.80 9.45 -3.08
CA LYS A 67 -4.23 9.83 -1.75
C LYS A 67 -3.34 9.13 -0.71
N SER A 68 -3.41 9.63 0.51
CA SER A 68 -2.62 9.07 1.59
C SER A 68 -3.54 8.43 2.63
N LEU A 69 -2.93 7.70 3.55
CA LEU A 69 -3.68 7.04 4.61
C LEU A 69 -4.49 8.08 5.38
N ASN A 70 -3.95 9.28 5.44
CA ASN A 70 -4.61 10.36 6.14
C ASN A 70 -5.81 10.85 5.32
N ASP A 71 -5.53 11.18 4.07
CA ASP A 71 -6.56 11.65 3.17
C ASP A 71 -7.69 10.61 3.09
N LEU A 72 -7.28 9.36 2.91
CA LEU A 72 -8.24 8.27 2.82
C LEU A 72 -8.93 8.10 4.18
N GLY A 73 -8.11 7.91 5.21
CA GLY A 73 -8.63 7.74 6.55
C GLY A 73 -8.77 6.25 6.90
N LEU A 74 -8.03 5.43 6.15
CA LEU A 74 -8.07 4.00 6.36
C LEU A 74 -6.79 3.57 7.08
N ARG A 75 -6.94 2.58 7.96
CA ARG A 75 -5.81 2.07 8.72
C ARG A 75 -5.47 0.65 8.28
N GLU A 76 -5.97 0.30 7.10
CA GLU A 76 -5.72 -1.03 6.55
C GLU A 76 -6.04 -1.05 5.05
N LEU A 77 -5.47 -2.03 4.38
CA LEU A 77 -5.68 -2.18 2.94
C LEU A 77 -5.38 -3.62 2.53
N TYR A 78 -5.75 -3.93 1.30
CA TYR A 78 -5.52 -5.27 0.76
C TYR A 78 -4.69 -5.22 -0.52
N ALA A 79 -3.84 -6.22 -0.67
CA ALA A 79 -2.99 -6.31 -1.85
C ALA A 79 -3.51 -7.40 -2.78
N MET A 80 -4.00 -6.97 -3.92
CA MET A 80 -4.54 -7.89 -4.90
C MET A 80 -3.51 -8.18 -6.00
N ASP A 81 -3.50 -9.42 -6.45
CA ASP A 81 -2.58 -9.84 -7.49
C ASP A 81 -3.30 -9.88 -8.83
N VAL A 82 -3.13 -8.82 -9.60
CA VAL A 82 -3.76 -8.73 -10.91
C VAL A 82 -2.73 -9.05 -11.99
N ASN A 83 -2.79 -8.28 -13.07
CA ASN A 83 -1.87 -8.47 -14.18
C ASN A 83 -1.34 -7.11 -14.64
N ARG A 84 -2.26 -6.25 -15.04
CA ARG A 84 -1.90 -4.93 -15.50
C ARG A 84 -3.15 -4.11 -15.82
N GLU A 85 -3.28 -2.99 -15.11
CA GLU A 85 -4.43 -2.12 -15.31
C GLU A 85 -4.00 -0.82 -16.01
N SER A 86 -4.96 -0.16 -16.62
CA SER A 86 -4.70 1.08 -17.32
C SER A 86 -5.87 2.05 -17.13
N GLY A 87 -5.60 3.11 -16.39
CA GLY A 87 -6.61 4.12 -16.13
C GLY A 87 -6.15 5.50 -16.58
N PRO A 88 -7.15 6.38 -16.83
CA PRO A 88 -6.86 7.74 -17.27
C PRO A 88 -6.33 8.59 -16.12
N SER A 89 -5.07 8.38 -15.79
CA SER A 89 -4.44 9.13 -14.71
C SER A 89 -3.18 9.83 -15.23
N SER A 90 -3.07 11.11 -14.88
CA SER A 90 -1.93 11.90 -15.30
C SER A 90 -1.11 12.33 -14.08
N GLY A 91 0.20 12.29 -14.24
CA GLY A 91 1.10 12.67 -13.16
C GLY A 91 1.66 14.07 -13.39
N GLY A 1 3.06 26.43 5.43
CA GLY A 1 2.69 25.43 6.42
C GLY A 1 3.92 24.68 6.94
N SER A 2 4.31 23.65 6.21
CA SER A 2 5.47 22.86 6.58
C SER A 2 6.64 23.79 6.92
N SER A 3 7.39 23.38 7.93
CA SER A 3 8.54 24.15 8.37
C SER A 3 9.30 23.40 9.46
N GLY A 4 10.61 23.27 9.24
CA GLY A 4 11.45 22.56 10.19
C GLY A 4 10.99 21.12 10.39
N SER A 5 11.14 20.33 9.34
CA SER A 5 10.74 18.94 9.38
C SER A 5 11.85 18.09 10.01
N SER A 6 11.52 17.45 11.12
CA SER A 6 12.47 16.62 11.83
C SER A 6 11.73 15.51 12.58
N GLY A 7 12.29 14.30 12.50
CA GLY A 7 11.71 13.16 13.16
C GLY A 7 10.39 12.75 12.48
N GLU A 8 10.33 11.47 12.13
CA GLU A 8 9.15 10.94 11.48
C GLU A 8 8.41 9.98 12.42
N LYS A 9 7.12 9.81 12.15
CA LYS A 9 6.30 8.93 12.96
C LYS A 9 5.45 8.05 12.04
N THR A 10 5.71 6.76 12.10
CA THR A 10 4.97 5.81 11.27
C THR A 10 3.87 5.14 12.10
N VAL A 11 2.80 4.77 11.40
CA VAL A 11 1.68 4.12 12.06
C VAL A 11 1.61 2.65 11.61
N ARG A 12 1.01 1.84 12.46
CA ARG A 12 0.87 0.42 12.17
C ARG A 12 -0.34 0.18 11.27
N VAL A 13 -0.06 -0.26 10.06
CA VAL A 13 -1.11 -0.53 9.10
C VAL A 13 -1.27 -2.04 8.93
N VAL A 14 -2.51 -2.46 8.75
CA VAL A 14 -2.81 -3.88 8.58
C VAL A 14 -2.75 -4.23 7.09
N ILE A 15 -1.67 -4.89 6.71
CA ILE A 15 -1.49 -5.27 5.32
C ILE A 15 -2.06 -6.68 5.12
N ASN A 16 -3.24 -6.73 4.50
CA ASN A 16 -3.90 -7.99 4.25
C ASN A 16 -3.47 -8.51 2.88
N PHE A 17 -2.93 -9.73 2.90
CA PHE A 17 -2.48 -10.36 1.66
C PHE A 17 -2.73 -11.86 1.69
N LYS A 18 -2.50 -12.49 0.54
CA LYS A 18 -2.70 -13.93 0.43
C LYS A 18 -4.20 -14.24 0.45
N LYS A 19 -4.99 -13.18 0.44
CA LYS A 19 -6.44 -13.31 0.45
C LYS A 19 -6.85 -14.04 1.73
N THR A 20 -6.08 -13.81 2.78
CA THR A 20 -6.36 -14.44 4.06
C THR A 20 -5.35 -13.98 5.12
N GLN A 21 -4.09 -14.02 4.72
CA GLN A 21 -3.02 -13.61 5.63
C GLN A 21 -2.95 -12.08 5.71
N LYS A 22 -2.29 -11.61 6.76
CA LYS A 22 -2.14 -10.18 6.97
C LYS A 22 -0.83 -9.90 7.70
N THR A 23 -0.30 -8.72 7.47
CA THR A 23 0.95 -8.32 8.10
C THR A 23 0.89 -6.85 8.51
N ILE A 24 1.58 -6.55 9.60
CA ILE A 24 1.62 -5.20 10.12
C ILE A 24 2.94 -4.53 9.70
N VAL A 25 2.84 -3.26 9.34
CA VAL A 25 4.00 -2.51 8.93
C VAL A 25 3.89 -1.07 9.45
N ARG A 26 5.05 -0.45 9.63
CA ARG A 26 5.09 0.91 10.12
C ARG A 26 5.53 1.86 9.00
N VAL A 27 4.58 2.66 8.54
CA VAL A 27 4.84 3.61 7.48
C VAL A 27 4.23 4.97 7.85
N SER A 28 4.53 5.95 7.02
CA SER A 28 4.02 7.30 7.25
C SER A 28 2.61 7.43 6.66
N PRO A 29 1.68 7.94 7.51
CA PRO A 29 0.30 8.12 7.08
C PRO A 29 0.17 9.33 6.14
N HIS A 30 1.27 10.03 5.98
CA HIS A 30 1.30 11.20 5.11
C HIS A 30 1.58 10.77 3.67
N ALA A 31 2.76 10.21 3.47
CA ALA A 31 3.17 9.74 2.15
C ALA A 31 1.98 9.05 1.48
N SER A 32 2.02 9.05 0.16
CA SER A 32 0.96 8.43 -0.62
C SER A 32 1.25 6.93 -0.80
N LEU A 33 0.17 6.16 -0.86
CA LEU A 33 0.29 4.72 -1.02
C LEU A 33 1.23 4.43 -2.21
N GLN A 34 1.23 5.34 -3.16
CA GLN A 34 2.07 5.20 -4.33
C GLN A 34 3.53 5.01 -3.93
N GLU A 35 3.90 5.68 -2.85
CA GLU A 35 5.27 5.60 -2.34
C GLU A 35 5.38 4.46 -1.32
N LEU A 36 4.25 4.11 -0.74
CA LEU A 36 4.22 3.05 0.24
C LEU A 36 3.85 1.73 -0.44
N ALA A 37 3.85 1.77 -1.77
CA ALA A 37 3.53 0.59 -2.55
C ALA A 37 4.63 -0.46 -2.38
N PRO A 38 5.89 0.00 -2.59
CA PRO A 38 7.04 -0.88 -2.46
C PRO A 38 7.35 -1.16 -0.98
N ILE A 39 7.30 -0.10 -0.19
CA ILE A 39 7.57 -0.22 1.23
C ILE A 39 6.63 -1.26 1.84
N ILE A 40 5.49 -1.44 1.19
CA ILE A 40 4.50 -2.40 1.66
C ILE A 40 4.74 -3.73 0.96
N CYS A 41 4.60 -3.72 -0.35
CA CYS A 41 4.80 -4.92 -1.15
C CYS A 41 6.12 -5.57 -0.72
N SER A 42 7.14 -4.75 -0.57
CA SER A 42 8.45 -5.23 -0.17
C SER A 42 8.33 -6.01 1.14
N LYS A 43 7.56 -5.46 2.06
CA LYS A 43 7.36 -6.10 3.34
C LYS A 43 6.79 -7.50 3.14
N CYS A 44 5.89 -7.59 2.16
CA CYS A 44 5.26 -8.87 1.84
C CYS A 44 6.00 -9.48 0.65
N GLU A 45 7.19 -8.97 0.40
CA GLU A 45 7.99 -9.44 -0.71
C GLU A 45 7.13 -9.60 -1.96
N PHE A 46 6.36 -8.56 -2.26
CA PHE A 46 5.50 -8.58 -3.42
C PHE A 46 6.09 -7.74 -4.56
N ASP A 47 5.31 -7.61 -5.62
CA ASP A 47 5.75 -6.84 -6.78
C ASP A 47 4.84 -5.63 -6.95
N PRO A 48 5.41 -4.43 -6.65
CA PRO A 48 4.67 -3.20 -6.76
C PRO A 48 4.51 -2.78 -8.22
N LEU A 49 5.08 -3.60 -9.10
CA LEU A 49 5.01 -3.32 -10.52
C LEU A 49 3.59 -3.57 -11.02
N HIS A 50 2.96 -4.57 -10.44
CA HIS A 50 1.59 -4.92 -10.81
C HIS A 50 0.79 -5.27 -9.55
N THR A 51 0.75 -4.33 -8.63
CA THR A 51 0.02 -4.52 -7.39
C THR A 51 -1.08 -3.47 -7.23
N LEU A 52 -2.21 -3.91 -6.70
CA LEU A 52 -3.34 -3.03 -6.49
C LEU A 52 -3.58 -2.86 -4.99
N LEU A 53 -4.26 -1.77 -4.65
CA LEU A 53 -4.56 -1.48 -3.27
C LEU A 53 -6.08 -1.36 -3.09
N LEU A 54 -6.68 -2.45 -2.62
CA LEU A 54 -8.11 -2.48 -2.41
C LEU A 54 -8.42 -2.13 -0.95
N LYS A 55 -9.68 -1.81 -0.70
CA LYS A 55 -10.11 -1.47 0.64
C LYS A 55 -9.76 -2.61 1.60
N ASP A 56 -10.36 -3.76 1.34
CA ASP A 56 -10.12 -4.94 2.17
C ASP A 56 -10.21 -6.19 1.30
N TYR A 57 -10.00 -7.33 1.95
CA TYR A 57 -10.06 -8.60 1.25
C TYR A 57 -11.38 -8.77 0.52
N GLN A 58 -12.46 -8.52 1.23
CA GLN A 58 -13.79 -8.64 0.66
C GLN A 58 -14.02 -7.54 -0.38
N SER A 59 -14.10 -6.30 0.11
CA SER A 59 -14.31 -5.16 -0.77
C SER A 59 -13.41 -5.27 -2.00
N GLN A 60 -13.91 -4.74 -3.10
CA GLN A 60 -13.15 -4.77 -4.35
C GLN A 60 -12.92 -3.35 -4.87
N GLU A 61 -13.03 -2.39 -3.96
CA GLU A 61 -12.84 -1.00 -4.30
C GLU A 61 -11.35 -0.64 -4.23
N PRO A 62 -10.80 -0.22 -5.41
CA PRO A 62 -9.41 0.15 -5.48
C PRO A 62 -9.17 1.53 -4.85
N LEU A 63 -8.15 1.59 -4.00
CA LEU A 63 -7.81 2.82 -3.33
C LEU A 63 -7.01 3.72 -4.29
N ASP A 64 -7.00 5.01 -3.97
CA ASP A 64 -6.29 5.97 -4.79
C ASP A 64 -4.88 6.16 -4.23
N LEU A 65 -3.90 5.73 -5.01
CA LEU A 65 -2.51 5.84 -4.61
C LEU A 65 -2.19 7.31 -4.34
N THR A 66 -2.65 8.16 -5.25
CA THR A 66 -2.41 9.59 -5.12
C THR A 66 -2.86 10.09 -3.75
N LYS A 67 -3.73 9.30 -3.13
CA LYS A 67 -4.24 9.65 -1.80
C LYS A 67 -3.38 8.97 -0.74
N SER A 68 -3.55 9.43 0.49
CA SER A 68 -2.81 8.88 1.61
C SER A 68 -3.77 8.35 2.68
N LEU A 69 -3.20 7.66 3.65
CA LEU A 69 -3.99 7.10 4.73
C LEU A 69 -4.83 8.20 5.38
N ASN A 70 -4.27 9.40 5.38
CA ASN A 70 -4.95 10.55 5.96
C ASN A 70 -6.14 10.92 5.08
N ASP A 71 -5.85 11.20 3.82
CA ASP A 71 -6.88 11.56 2.88
C ASP A 71 -7.99 10.51 2.89
N LEU A 72 -7.58 9.27 2.62
CA LEU A 72 -8.52 8.16 2.59
C LEU A 72 -9.18 8.04 3.97
N GLY A 73 -8.35 7.87 4.98
CA GLY A 73 -8.83 7.73 6.34
C GLY A 73 -8.96 6.26 6.73
N LEU A 74 -8.12 5.44 6.10
CA LEU A 74 -8.12 4.01 6.38
C LEU A 74 -6.87 3.63 7.16
N ARG A 75 -7.02 2.64 8.02
CA ARG A 75 -5.90 2.17 8.82
C ARG A 75 -5.42 0.80 8.33
N GLU A 76 -6.16 0.25 7.39
CA GLU A 76 -5.82 -1.05 6.82
C GLU A 76 -6.20 -1.10 5.34
N LEU A 77 -5.45 -1.89 4.60
CA LEU A 77 -5.69 -2.05 3.18
C LEU A 77 -5.30 -3.46 2.74
N TYR A 78 -5.66 -3.79 1.51
CA TYR A 78 -5.35 -5.09 0.96
C TYR A 78 -4.49 -4.97 -0.29
N ALA A 79 -3.61 -5.96 -0.47
CA ALA A 79 -2.73 -5.98 -1.62
C ALA A 79 -3.19 -7.06 -2.60
N MET A 80 -3.68 -6.62 -3.74
CA MET A 80 -4.15 -7.53 -4.76
C MET A 80 -3.07 -7.81 -5.80
N ASP A 81 -2.98 -9.06 -6.20
CA ASP A 81 -1.98 -9.47 -7.19
C ASP A 81 -2.67 -9.66 -8.54
N VAL A 82 -2.54 -8.64 -9.38
CA VAL A 82 -3.13 -8.68 -10.70
C VAL A 82 -2.17 -9.35 -11.68
N ASN A 83 -0.88 -9.13 -11.45
CA ASN A 83 0.14 -9.70 -12.29
C ASN A 83 -0.24 -9.51 -13.76
N ARG A 84 0.18 -8.39 -14.30
CA ARG A 84 -0.12 -8.08 -15.69
C ARG A 84 -1.61 -7.77 -15.87
N GLU A 85 -1.87 -6.60 -16.43
CA GLU A 85 -3.24 -6.18 -16.65
C GLU A 85 -3.59 -6.26 -18.14
N SER A 86 -3.87 -7.48 -18.59
CA SER A 86 -4.22 -7.70 -19.98
C SER A 86 -3.08 -7.22 -20.89
N GLY A 87 -2.17 -8.14 -21.19
CA GLY A 87 -1.04 -7.82 -22.05
C GLY A 87 -1.48 -7.63 -23.49
N PRO A 88 -0.55 -7.09 -24.32
CA PRO A 88 -0.82 -6.85 -25.72
C PRO A 88 -0.80 -8.17 -26.51
N SER A 89 -1.10 -8.05 -27.80
CA SER A 89 -1.11 -9.21 -28.67
C SER A 89 -0.61 -8.82 -30.06
N SER A 90 -1.26 -7.82 -30.64
CA SER A 90 -0.89 -7.35 -31.96
C SER A 90 -1.26 -8.39 -33.01
N GLY A 91 -0.61 -9.54 -32.91
CA GLY A 91 -0.86 -10.62 -33.84
C GLY A 91 -0.46 -11.97 -33.23
N GLY A 1 14.78 12.18 -2.72
CA GLY A 1 16.15 12.23 -2.24
C GLY A 1 16.20 12.00 -0.73
N SER A 2 15.84 10.79 -0.32
CA SER A 2 15.84 10.43 1.08
C SER A 2 17.27 10.36 1.60
N SER A 3 17.57 11.26 2.53
CA SER A 3 18.91 11.31 3.12
C SER A 3 18.81 11.17 4.64
N GLY A 4 18.07 12.10 5.24
CA GLY A 4 17.89 12.10 6.68
C GLY A 4 16.48 11.62 7.06
N SER A 5 16.45 10.57 7.86
CA SER A 5 15.18 10.00 8.31
C SER A 5 14.52 10.95 9.30
N SER A 6 15.22 11.21 10.39
CA SER A 6 14.71 12.10 11.42
C SER A 6 13.41 11.52 12.00
N GLY A 7 13.53 10.94 13.17
CA GLY A 7 12.38 10.36 13.84
C GLY A 7 11.70 9.30 12.95
N GLU A 8 10.62 8.75 13.46
CA GLU A 8 9.88 7.74 12.73
C GLU A 8 8.50 8.28 12.33
N LYS A 9 7.71 8.64 13.34
CA LYS A 9 6.39 9.16 13.11
C LYS A 9 5.66 8.28 12.10
N THR A 10 5.58 7.00 12.43
CA THR A 10 4.93 6.04 11.56
C THR A 10 3.68 5.48 12.25
N VAL A 11 2.70 5.12 11.42
CA VAL A 11 1.45 4.57 11.92
C VAL A 11 1.40 3.07 11.62
N ARG A 12 0.47 2.40 12.30
CA ARG A 12 0.31 0.97 12.11
C ARG A 12 -0.72 0.70 11.01
N VAL A 13 -0.28 -0.06 10.00
CA VAL A 13 -1.15 -0.40 8.89
C VAL A 13 -1.20 -1.93 8.74
N VAL A 14 -2.41 -2.42 8.51
CA VAL A 14 -2.61 -3.86 8.34
C VAL A 14 -2.53 -4.21 6.85
N ILE A 15 -1.59 -5.09 6.53
CA ILE A 15 -1.40 -5.52 5.16
C ILE A 15 -2.00 -6.91 4.98
N ASN A 16 -3.25 -6.94 4.54
CA ASN A 16 -3.93 -8.20 4.32
C ASN A 16 -3.60 -8.72 2.91
N PHE A 17 -3.12 -9.95 2.88
CA PHE A 17 -2.76 -10.59 1.63
C PHE A 17 -3.10 -12.08 1.64
N LYS A 18 -3.27 -12.63 0.44
CA LYS A 18 -3.59 -14.04 0.30
C LYS A 18 -5.02 -14.28 0.81
N LYS A 19 -5.71 -13.18 1.07
CA LYS A 19 -7.08 -13.26 1.56
C LYS A 19 -7.15 -14.30 2.68
N THR A 20 -6.08 -14.38 3.45
CA THR A 20 -6.01 -15.33 4.55
C THR A 20 -5.01 -14.85 5.61
N GLN A 21 -3.86 -14.41 5.12
CA GLN A 21 -2.80 -13.94 6.01
C GLN A 21 -2.69 -12.41 5.91
N LYS A 22 -2.10 -11.84 6.95
CA LYS A 22 -1.93 -10.39 7.00
C LYS A 22 -0.69 -10.06 7.84
N THR A 23 -0.08 -8.93 7.52
CA THR A 23 1.10 -8.49 8.23
C THR A 23 0.96 -7.01 8.65
N ILE A 24 1.76 -6.63 9.64
CA ILE A 24 1.73 -5.27 10.13
C ILE A 24 3.06 -4.59 9.80
N VAL A 25 2.96 -3.33 9.42
CA VAL A 25 4.14 -2.55 9.07
C VAL A 25 3.97 -1.12 9.58
N ARG A 26 5.09 -0.46 9.81
CA ARG A 26 5.08 0.91 10.28
C ARG A 26 5.59 1.86 9.20
N VAL A 27 4.66 2.66 8.68
CA VAL A 27 5.01 3.61 7.63
C VAL A 27 4.37 4.97 7.95
N SER A 28 4.76 5.97 7.18
CA SER A 28 4.24 7.30 7.37
C SER A 28 2.88 7.44 6.70
N PRO A 29 1.93 8.08 7.44
CA PRO A 29 0.59 8.27 6.91
C PRO A 29 0.55 9.38 5.86
N HIS A 30 1.57 10.25 5.93
CA HIS A 30 1.66 11.35 4.99
C HIS A 30 1.94 10.81 3.60
N ALA A 31 3.07 10.13 3.47
CA ALA A 31 3.46 9.57 2.19
C ALA A 31 2.24 8.92 1.52
N SER A 32 2.20 9.01 0.21
CA SER A 32 1.09 8.45 -0.55
C SER A 32 1.33 6.95 -0.77
N LEU A 33 0.22 6.22 -0.83
CA LEU A 33 0.29 4.78 -1.03
C LEU A 33 1.23 4.47 -2.19
N GLN A 34 1.28 5.40 -3.13
CA GLN A 34 2.13 5.24 -4.30
C GLN A 34 3.58 5.04 -3.86
N GLU A 35 3.94 5.68 -2.77
CA GLU A 35 5.29 5.59 -2.24
C GLU A 35 5.38 4.45 -1.22
N LEU A 36 4.22 4.11 -0.66
CA LEU A 36 4.15 3.06 0.34
C LEU A 36 3.76 1.74 -0.35
N ALA A 37 3.78 1.77 -1.68
CA ALA A 37 3.43 0.60 -2.46
C ALA A 37 4.55 -0.43 -2.34
N PRO A 38 5.80 0.05 -2.58
CA PRO A 38 6.97 -0.82 -2.51
C PRO A 38 7.32 -1.14 -1.05
N ILE A 39 7.26 -0.11 -0.23
CA ILE A 39 7.58 -0.26 1.19
C ILE A 39 6.66 -1.32 1.79
N ILE A 40 5.48 -1.44 1.21
CA ILE A 40 4.51 -2.41 1.68
C ILE A 40 4.74 -3.75 0.97
N CYS A 41 4.72 -3.68 -0.36
CA CYS A 41 4.92 -4.87 -1.17
C CYS A 41 6.22 -5.55 -0.72
N SER A 42 7.27 -4.73 -0.62
CA SER A 42 8.56 -5.24 -0.20
C SER A 42 8.45 -5.93 1.16
N LYS A 43 7.66 -5.32 2.02
CA LYS A 43 7.45 -5.86 3.37
C LYS A 43 6.87 -7.28 3.24
N CYS A 44 5.94 -7.42 2.30
CA CYS A 44 5.29 -8.70 2.09
C CYS A 44 5.99 -9.39 0.90
N GLU A 45 7.17 -8.90 0.59
CA GLU A 45 7.95 -9.45 -0.51
C GLU A 45 7.04 -9.71 -1.71
N PHE A 46 6.20 -8.72 -2.00
CA PHE A 46 5.28 -8.83 -3.12
C PHE A 46 5.86 -8.15 -4.37
N ASP A 47 5.04 -8.13 -5.42
CA ASP A 47 5.45 -7.50 -6.66
C ASP A 47 4.57 -6.27 -6.93
N PRO A 48 5.22 -5.07 -6.82
CA PRO A 48 4.51 -3.83 -7.04
C PRO A 48 4.26 -3.60 -8.53
N LEU A 49 4.73 -4.55 -9.33
CA LEU A 49 4.56 -4.46 -10.78
C LEU A 49 3.08 -4.61 -11.12
N HIS A 50 2.45 -5.56 -10.46
CA HIS A 50 1.03 -5.81 -10.69
C HIS A 50 0.31 -5.96 -9.35
N THR A 51 0.39 -4.90 -8.55
CA THR A 51 -0.24 -4.91 -7.24
C THR A 51 -1.25 -3.75 -7.14
N LEU A 52 -2.42 -4.08 -6.61
CA LEU A 52 -3.47 -3.08 -6.45
C LEU A 52 -3.68 -2.81 -4.97
N LEU A 53 -4.40 -1.72 -4.70
CA LEU A 53 -4.68 -1.34 -3.32
C LEU A 53 -6.19 -1.18 -3.14
N LEU A 54 -6.80 -2.22 -2.60
CA LEU A 54 -8.23 -2.22 -2.37
C LEU A 54 -8.52 -1.67 -0.97
N LYS A 55 -9.78 -1.33 -0.75
CA LYS A 55 -10.19 -0.79 0.54
C LYS A 55 -9.76 -1.75 1.65
N ASP A 56 -10.20 -2.99 1.52
CA ASP A 56 -9.86 -4.00 2.51
C ASP A 56 -10.16 -5.39 1.92
N TYR A 57 -9.97 -6.40 2.75
CA TYR A 57 -10.21 -7.77 2.34
C TYR A 57 -11.66 -7.95 1.87
N GLN A 58 -12.58 -7.39 2.64
CA GLN A 58 -13.99 -7.49 2.31
C GLN A 58 -14.28 -6.74 1.01
N SER A 59 -14.15 -5.42 1.07
CA SER A 59 -14.39 -4.59 -0.09
C SER A 59 -13.46 -5.02 -1.24
N GLN A 60 -13.77 -4.49 -2.42
CA GLN A 60 -12.98 -4.81 -3.61
C GLN A 60 -12.75 -3.55 -4.44
N GLU A 61 -12.99 -2.41 -3.82
CA GLU A 61 -12.82 -1.14 -4.49
C GLU A 61 -11.36 -0.70 -4.42
N PRO A 62 -10.85 -0.20 -5.57
CA PRO A 62 -9.48 0.26 -5.66
C PRO A 62 -9.31 1.61 -4.98
N LEU A 63 -8.20 1.76 -4.28
CA LEU A 63 -7.90 3.00 -3.58
C LEU A 63 -7.11 3.92 -4.51
N ASP A 64 -7.10 5.21 -4.14
CA ASP A 64 -6.39 6.20 -4.92
C ASP A 64 -5.00 6.43 -4.31
N LEU A 65 -4.00 5.87 -4.97
CA LEU A 65 -2.62 6.01 -4.51
C LEU A 65 -2.38 7.45 -4.06
N THR A 66 -2.68 8.37 -4.97
CA THR A 66 -2.50 9.78 -4.69
C THR A 66 -2.94 10.11 -3.26
N LYS A 67 -4.03 9.48 -2.86
CA LYS A 67 -4.57 9.68 -1.52
C LYS A 67 -3.73 8.90 -0.51
N SER A 68 -3.48 9.54 0.62
CA SER A 68 -2.69 8.91 1.67
C SER A 68 -3.62 8.40 2.77
N LEU A 69 -3.01 7.69 3.71
CA LEU A 69 -3.75 7.13 4.82
C LEU A 69 -4.57 8.23 5.50
N ASN A 70 -4.03 9.44 5.43
CA ASN A 70 -4.68 10.59 6.03
C ASN A 70 -5.89 10.98 5.17
N ASP A 71 -5.62 11.21 3.89
CA ASP A 71 -6.66 11.59 2.96
C ASP A 71 -7.74 10.50 2.94
N LEU A 72 -7.28 9.27 2.77
CA LEU A 72 -8.20 8.13 2.73
C LEU A 72 -8.89 8.00 4.08
N GLY A 73 -8.07 7.97 5.13
CA GLY A 73 -8.60 7.84 6.48
C GLY A 73 -8.78 6.36 6.86
N LEU A 74 -8.09 5.51 6.12
CA LEU A 74 -8.16 4.08 6.37
C LEU A 74 -6.82 3.60 6.95
N ARG A 75 -6.91 2.62 7.83
CA ARG A 75 -5.72 2.07 8.46
C ARG A 75 -5.47 0.65 7.95
N GLU A 76 -6.45 0.12 7.24
CA GLU A 76 -6.34 -1.22 6.69
C GLU A 76 -6.52 -1.20 5.18
N LEU A 77 -5.88 -2.16 4.52
CA LEU A 77 -5.95 -2.25 3.08
C LEU A 77 -5.54 -3.66 2.64
N TYR A 78 -5.76 -3.94 1.37
CA TYR A 78 -5.41 -5.24 0.81
C TYR A 78 -4.66 -5.09 -0.51
N ALA A 79 -3.72 -6.00 -0.73
CA ALA A 79 -2.92 -5.98 -1.94
C ALA A 79 -3.38 -7.12 -2.86
N MET A 80 -3.96 -6.73 -3.98
CA MET A 80 -4.45 -7.71 -4.95
C MET A 80 -3.42 -7.92 -6.06
N ASP A 81 -3.31 -9.17 -6.50
CA ASP A 81 -2.37 -9.52 -7.55
C ASP A 81 -3.09 -9.47 -8.90
N VAL A 82 -2.63 -8.57 -9.75
CA VAL A 82 -3.22 -8.41 -11.07
C VAL A 82 -2.15 -8.68 -12.13
N ASN A 83 -2.25 -7.95 -13.23
CA ASN A 83 -1.31 -8.10 -14.32
C ASN A 83 -1.38 -6.87 -15.22
N ARG A 84 -0.37 -6.03 -15.10
CA ARG A 84 -0.30 -4.81 -15.89
C ARG A 84 1.15 -4.31 -15.98
N GLU A 85 1.68 -4.35 -17.20
CA GLU A 85 3.05 -3.91 -17.43
C GLU A 85 3.08 -2.42 -17.72
N SER A 86 2.40 -2.04 -18.80
CA SER A 86 2.34 -0.65 -19.20
C SER A 86 1.15 0.04 -18.53
N GLY A 87 1.24 1.36 -18.43
CA GLY A 87 0.19 2.15 -17.82
C GLY A 87 0.32 3.63 -18.19
N PRO A 88 -0.47 4.47 -17.47
CA PRO A 88 -0.45 5.90 -17.71
C PRO A 88 0.82 6.53 -17.13
N SER A 89 1.25 7.61 -17.76
CA SER A 89 2.44 8.31 -17.32
C SER A 89 3.54 7.31 -16.96
N SER A 90 4.37 7.00 -17.94
CA SER A 90 5.45 6.07 -17.74
C SER A 90 6.79 6.81 -17.72
N GLY A 91 6.78 7.98 -17.09
CA GLY A 91 7.98 8.79 -17.00
C GLY A 91 8.76 8.78 -18.32
N GLY A 1 21.30 8.53 4.51
CA GLY A 1 20.25 9.54 4.54
C GLY A 1 18.92 8.94 4.08
N SER A 2 18.61 9.17 2.81
CA SER A 2 17.37 8.67 2.24
C SER A 2 16.23 8.85 3.23
N SER A 3 15.56 10.00 3.12
CA SER A 3 14.45 10.31 3.99
C SER A 3 14.91 10.31 5.45
N GLY A 4 14.05 10.84 6.32
CA GLY A 4 14.37 10.91 7.73
C GLY A 4 15.36 12.03 8.02
N SER A 5 14.81 13.20 8.34
CA SER A 5 15.63 14.35 8.65
C SER A 5 15.71 14.56 10.16
N SER A 6 14.54 14.74 10.76
CA SER A 6 14.47 14.96 12.20
C SER A 6 13.42 14.02 12.81
N GLY A 7 12.20 14.13 12.29
CA GLY A 7 11.11 13.29 12.77
C GLY A 7 10.52 12.45 11.65
N GLU A 8 9.38 11.84 11.93
CA GLU A 8 8.72 11.00 10.95
C GLU A 8 7.39 10.49 11.51
N LYS A 9 7.47 9.76 12.61
CA LYS A 9 6.29 9.22 13.25
C LYS A 9 5.55 8.31 12.26
N THR A 10 5.58 7.02 12.54
CA THR A 10 4.92 6.05 11.68
C THR A 10 3.69 5.47 12.39
N VAL A 11 2.73 5.05 11.57
CA VAL A 11 1.51 4.48 12.10
C VAL A 11 1.43 3.00 11.74
N ARG A 12 0.63 2.27 12.48
CA ARG A 12 0.46 0.85 12.25
C ARG A 12 -0.64 0.60 11.22
N VAL A 13 -0.26 -0.06 10.14
CA VAL A 13 -1.20 -0.35 9.08
C VAL A 13 -1.26 -1.87 8.87
N VAL A 14 -2.46 -2.35 8.54
CA VAL A 14 -2.65 -3.77 8.31
C VAL A 14 -2.54 -4.07 6.82
N ILE A 15 -1.74 -5.07 6.51
CA ILE A 15 -1.53 -5.48 5.13
C ILE A 15 -2.06 -6.89 4.93
N ASN A 16 -3.31 -6.96 4.47
CA ASN A 16 -3.94 -8.25 4.24
C ASN A 16 -3.54 -8.77 2.85
N PHE A 17 -2.97 -9.97 2.85
CA PHE A 17 -2.53 -10.57 1.60
C PHE A 17 -2.75 -12.10 1.63
N LYS A 18 -2.62 -12.70 0.47
CA LYS A 18 -2.79 -14.13 0.35
C LYS A 18 -4.28 -14.48 0.50
N LYS A 19 -5.09 -13.43 0.55
CA LYS A 19 -6.52 -13.61 0.69
C LYS A 19 -6.81 -14.37 1.98
N THR A 20 -6.08 -14.00 3.03
CA THR A 20 -6.25 -14.63 4.31
C THR A 20 -5.18 -14.15 5.30
N GLN A 21 -3.94 -14.17 4.82
CA GLN A 21 -2.82 -13.73 5.65
C GLN A 21 -2.77 -12.21 5.70
N LYS A 22 -2.16 -11.70 6.75
CA LYS A 22 -2.02 -10.27 6.93
C LYS A 22 -0.70 -9.96 7.64
N THR A 23 -0.16 -8.80 7.33
CA THR A 23 1.10 -8.37 7.93
C THR A 23 1.02 -6.91 8.36
N ILE A 24 1.64 -6.62 9.49
CA ILE A 24 1.65 -5.27 10.02
C ILE A 24 2.99 -4.60 9.69
N VAL A 25 2.93 -3.31 9.45
CA VAL A 25 4.12 -2.54 9.12
C VAL A 25 3.96 -1.10 9.61
N ARG A 26 5.09 -0.47 9.86
CA ARG A 26 5.08 0.91 10.33
C ARG A 26 5.59 1.85 9.23
N VAL A 27 4.65 2.62 8.68
CA VAL A 27 4.99 3.55 7.62
C VAL A 27 4.47 4.95 7.99
N SER A 28 4.64 5.88 7.06
CA SER A 28 4.19 7.24 7.28
C SER A 28 2.81 7.45 6.65
N PRO A 29 1.90 8.06 7.45
CA PRO A 29 0.54 8.31 6.97
C PRO A 29 0.53 9.50 6.00
N HIS A 30 1.64 10.21 5.96
CA HIS A 30 1.77 11.36 5.07
C HIS A 30 2.04 10.87 3.64
N ALA A 31 3.14 10.15 3.49
CA ALA A 31 3.52 9.63 2.19
C ALA A 31 2.30 8.97 1.53
N SER A 32 2.28 9.02 0.21
CA SER A 32 1.19 8.43 -0.54
C SER A 32 1.42 6.94 -0.74
N LEU A 33 0.33 6.22 -0.93
CA LEU A 33 0.40 4.78 -1.13
C LEU A 33 1.39 4.48 -2.25
N GLN A 34 1.42 5.36 -3.24
CA GLN A 34 2.31 5.20 -4.37
C GLN A 34 3.75 5.00 -3.88
N GLU A 35 4.07 5.68 -2.80
CA GLU A 35 5.41 5.60 -2.23
C GLU A 35 5.47 4.46 -1.21
N LEU A 36 4.30 4.12 -0.67
CA LEU A 36 4.21 3.08 0.32
C LEU A 36 3.83 1.76 -0.36
N ALA A 37 3.88 1.79 -1.69
CA ALA A 37 3.54 0.61 -2.48
C ALA A 37 4.64 -0.43 -2.33
N PRO A 38 5.91 0.04 -2.52
CA PRO A 38 7.06 -0.83 -2.42
C PRO A 38 7.38 -1.15 -0.96
N ILE A 39 7.30 -0.11 -0.13
CA ILE A 39 7.58 -0.27 1.29
C ILE A 39 6.63 -1.32 1.88
N ILE A 40 5.46 -1.43 1.25
CA ILE A 40 4.47 -2.39 1.70
C ILE A 40 4.70 -3.73 1.01
N CYS A 41 4.63 -3.70 -0.31
CA CYS A 41 4.83 -4.90 -1.11
C CYS A 41 6.15 -5.55 -0.66
N SER A 42 7.18 -4.73 -0.58
CA SER A 42 8.48 -5.21 -0.17
C SER A 42 8.37 -5.95 1.17
N LYS A 43 7.63 -5.34 2.09
CA LYS A 43 7.44 -5.92 3.40
C LYS A 43 6.85 -7.33 3.25
N CYS A 44 5.92 -7.45 2.32
CA CYS A 44 5.27 -8.72 2.07
C CYS A 44 5.94 -9.36 0.84
N GLU A 45 7.14 -8.90 0.56
CA GLU A 45 7.90 -9.42 -0.57
C GLU A 45 6.96 -9.65 -1.76
N PHE A 46 6.15 -8.64 -2.04
CA PHE A 46 5.22 -8.71 -3.15
C PHE A 46 5.73 -7.92 -4.35
N ASP A 47 5.00 -8.05 -5.45
CA ASP A 47 5.36 -7.35 -6.67
C ASP A 47 4.42 -6.17 -6.89
N PRO A 48 4.98 -4.95 -6.76
CA PRO A 48 4.20 -3.73 -6.94
C PRO A 48 3.91 -3.48 -8.42
N LEU A 49 4.44 -4.37 -9.25
CA LEU A 49 4.25 -4.25 -10.69
C LEU A 49 2.76 -4.35 -11.01
N HIS A 50 2.14 -5.39 -10.46
CA HIS A 50 0.72 -5.61 -10.68
C HIS A 50 0.01 -5.82 -9.34
N THR A 51 0.09 -4.79 -8.51
CA THR A 51 -0.53 -4.85 -7.19
C THR A 51 -1.55 -3.72 -7.04
N LEU A 52 -2.69 -4.07 -6.47
CA LEU A 52 -3.76 -3.10 -6.26
C LEU A 52 -3.92 -2.85 -4.76
N LEU A 53 -4.52 -1.71 -4.45
CA LEU A 53 -4.74 -1.33 -3.06
C LEU A 53 -6.25 -1.15 -2.82
N LEU A 54 -6.84 -2.17 -2.22
CA LEU A 54 -8.26 -2.13 -1.92
C LEU A 54 -8.47 -1.81 -0.44
N LYS A 55 -9.68 -1.39 -0.11
CA LYS A 55 -10.02 -1.04 1.26
C LYS A 55 -9.71 -2.24 2.16
N ASP A 56 -10.40 -3.34 1.90
CA ASP A 56 -10.22 -4.54 2.68
C ASP A 56 -10.41 -5.76 1.77
N TYR A 57 -10.07 -6.93 2.31
CA TYR A 57 -10.19 -8.16 1.57
C TYR A 57 -11.60 -8.32 1.00
N GLN A 58 -12.57 -7.87 1.78
CA GLN A 58 -13.97 -7.96 1.38
C GLN A 58 -14.26 -6.93 0.28
N SER A 59 -14.13 -5.67 0.65
CA SER A 59 -14.38 -4.59 -0.30
C SER A 59 -13.55 -4.79 -1.57
N GLN A 60 -14.01 -4.17 -2.65
CA GLN A 60 -13.31 -4.28 -3.92
C GLN A 60 -13.04 -2.88 -4.49
N GLU A 61 -13.23 -1.88 -3.65
CA GLU A 61 -13.01 -0.51 -4.06
C GLU A 61 -11.52 -0.18 -4.07
N PRO A 62 -11.03 0.24 -5.26
CA PRO A 62 -9.63 0.59 -5.42
C PRO A 62 -9.32 1.95 -4.77
N LEU A 63 -8.19 2.00 -4.09
CA LEU A 63 -7.76 3.22 -3.43
C LEU A 63 -6.94 4.06 -4.39
N ASP A 64 -6.98 5.37 -4.17
CA ASP A 64 -6.24 6.29 -5.01
C ASP A 64 -4.84 6.52 -4.41
N LEU A 65 -3.85 5.98 -5.10
CA LEU A 65 -2.48 6.11 -4.65
C LEU A 65 -2.24 7.55 -4.18
N THR A 66 -2.42 8.48 -5.11
CA THR A 66 -2.23 9.89 -4.81
C THR A 66 -2.75 10.21 -3.41
N LYS A 67 -3.81 9.50 -3.02
CA LYS A 67 -4.40 9.70 -1.71
C LYS A 67 -3.63 8.87 -0.67
N SER A 68 -3.42 9.49 0.48
CA SER A 68 -2.71 8.83 1.56
C SER A 68 -3.70 8.27 2.58
N LEU A 69 -3.15 7.69 3.64
CA LEU A 69 -3.97 7.11 4.69
C LEU A 69 -4.82 8.21 5.32
N ASN A 70 -4.27 9.41 5.35
CA ASN A 70 -4.96 10.55 5.92
C ASN A 70 -6.11 10.97 4.98
N ASP A 71 -5.77 11.10 3.71
CA ASP A 71 -6.75 11.48 2.71
C ASP A 71 -7.87 10.45 2.67
N LEU A 72 -7.47 9.18 2.67
CA LEU A 72 -8.43 8.09 2.64
C LEU A 72 -9.17 8.04 3.98
N GLY A 73 -8.45 7.62 5.00
CA GLY A 73 -9.03 7.51 6.33
C GLY A 73 -9.02 6.06 6.81
N LEU A 74 -8.34 5.22 6.06
CA LEU A 74 -8.26 3.81 6.40
C LEU A 74 -6.88 3.51 6.98
N ARG A 75 -6.84 2.50 7.85
CA ARG A 75 -5.60 2.12 8.49
C ARG A 75 -5.15 0.75 7.97
N GLU A 76 -6.04 0.10 7.24
CA GLU A 76 -5.74 -1.20 6.68
C GLU A 76 -6.07 -1.23 5.18
N LEU A 77 -5.34 -2.08 4.46
CA LEU A 77 -5.54 -2.20 3.03
C LEU A 77 -5.18 -3.62 2.59
N TYR A 78 -5.56 -3.95 1.36
CA TYR A 78 -5.28 -5.26 0.82
C TYR A 78 -4.53 -5.15 -0.51
N ALA A 79 -3.67 -6.14 -0.74
CA ALA A 79 -2.88 -6.16 -1.97
C ALA A 79 -3.44 -7.24 -2.90
N MET A 80 -4.03 -6.78 -3.99
CA MET A 80 -4.61 -7.69 -4.97
C MET A 80 -3.69 -7.83 -6.19
N ASP A 81 -3.54 -9.07 -6.65
CA ASP A 81 -2.71 -9.35 -7.80
C ASP A 81 -3.58 -9.33 -9.07
N VAL A 82 -3.34 -8.32 -9.89
CA VAL A 82 -4.09 -8.18 -11.13
C VAL A 82 -3.22 -8.66 -12.29
N ASN A 83 -3.18 -9.98 -12.45
CA ASN A 83 -2.40 -10.59 -13.51
C ASN A 83 -3.34 -11.12 -14.58
N ARG A 84 -3.66 -10.25 -15.54
CA ARG A 84 -4.54 -10.63 -16.63
C ARG A 84 -3.80 -10.55 -17.97
N GLU A 85 -3.20 -9.40 -18.21
CA GLU A 85 -2.46 -9.19 -19.44
C GLU A 85 -1.08 -8.61 -19.14
N SER A 86 -0.28 -8.51 -20.19
CA SER A 86 1.07 -7.98 -20.05
C SER A 86 1.28 -6.81 -21.02
N GLY A 87 1.16 -7.12 -22.30
CA GLY A 87 1.34 -6.12 -23.33
C GLY A 87 2.36 -6.58 -24.37
N PRO A 88 2.23 -5.98 -25.60
CA PRO A 88 3.14 -6.32 -26.68
C PRO A 88 4.50 -5.68 -26.48
N SER A 89 5.12 -6.02 -25.36
CA SER A 89 6.44 -5.47 -25.03
C SER A 89 6.44 -3.96 -25.24
N SER A 90 6.08 -3.25 -24.18
CA SER A 90 6.04 -1.79 -24.23
C SER A 90 6.64 -1.20 -22.96
N GLY A 91 7.70 -0.43 -23.13
CA GLY A 91 8.37 0.18 -22.00
C GLY A 91 7.95 1.65 -21.85
N GLY A 1 20.44 -5.92 9.36
CA GLY A 1 21.04 -5.79 10.67
C GLY A 1 20.43 -4.60 11.43
N SER A 2 21.23 -3.55 11.55
CA SER A 2 20.80 -2.35 12.24
C SER A 2 20.42 -2.68 13.69
N SER A 3 20.20 -1.64 14.46
CA SER A 3 19.82 -1.80 15.86
C SER A 3 19.58 -0.44 16.50
N GLY A 4 18.89 -0.47 17.64
CA GLY A 4 18.58 0.75 18.35
C GLY A 4 17.06 0.92 18.53
N SER A 5 16.62 2.16 18.40
CA SER A 5 15.21 2.47 18.53
C SER A 5 14.54 2.49 17.16
N SER A 6 13.57 1.61 16.99
CA SER A 6 12.84 1.52 15.74
C SER A 6 11.54 2.34 15.82
N GLY A 7 11.17 2.90 14.69
CA GLY A 7 9.96 3.71 14.62
C GLY A 7 10.24 5.16 15.01
N GLU A 8 9.47 6.06 14.43
CA GLU A 8 9.63 7.48 14.70
C GLU A 8 8.32 8.22 14.44
N LYS A 9 7.93 8.25 13.17
CA LYS A 9 6.70 8.91 12.77
C LYS A 9 5.94 8.03 11.78
N THR A 10 5.69 6.80 12.20
CA THR A 10 4.97 5.86 11.36
C THR A 10 3.81 5.23 12.13
N VAL A 11 2.79 4.83 11.38
CA VAL A 11 1.62 4.21 11.98
C VAL A 11 1.55 2.75 11.56
N ARG A 12 0.86 1.97 12.37
CA ARG A 12 0.70 0.54 12.08
C ARG A 12 -0.46 0.32 11.12
N VAL A 13 -0.16 -0.34 10.01
CA VAL A 13 -1.17 -0.63 9.02
C VAL A 13 -1.29 -2.14 8.83
N VAL A 14 -2.53 -2.59 8.62
CA VAL A 14 -2.78 -4.00 8.43
C VAL A 14 -2.68 -4.34 6.94
N ILE A 15 -1.66 -5.12 6.62
CA ILE A 15 -1.44 -5.52 5.24
C ILE A 15 -2.06 -6.90 5.01
N ASN A 16 -3.25 -6.88 4.41
CA ASN A 16 -3.96 -8.12 4.12
C ASN A 16 -3.56 -8.62 2.74
N PHE A 17 -3.10 -9.86 2.70
CA PHE A 17 -2.69 -10.47 1.45
C PHE A 17 -3.02 -11.96 1.44
N LYS A 18 -3.12 -12.50 0.23
CA LYS A 18 -3.44 -13.91 0.06
C LYS A 18 -4.84 -14.18 0.59
N LYS A 19 -5.57 -13.10 0.83
CA LYS A 19 -6.93 -13.20 1.34
C LYS A 19 -6.96 -14.23 2.47
N THR A 20 -5.85 -14.33 3.19
CA THR A 20 -5.74 -15.26 4.29
C THR A 20 -4.70 -14.77 5.30
N GLN A 21 -3.53 -14.45 4.79
CA GLN A 21 -2.44 -13.97 5.62
C GLN A 21 -2.44 -12.44 5.67
N LYS A 22 -1.89 -11.91 6.75
CA LYS A 22 -1.81 -10.48 6.93
C LYS A 22 -0.60 -10.13 7.78
N THR A 23 -0.05 -8.95 7.54
CA THR A 23 1.12 -8.50 8.27
C THR A 23 0.97 -7.02 8.65
N ILE A 24 1.71 -6.62 9.67
CA ILE A 24 1.66 -5.25 10.14
C ILE A 24 2.97 -4.55 9.78
N VAL A 25 2.85 -3.31 9.33
CA VAL A 25 4.01 -2.53 8.95
C VAL A 25 3.84 -1.09 9.45
N ARG A 26 4.96 -0.44 9.69
CA ARG A 26 4.96 0.93 10.18
C ARG A 26 5.47 1.88 9.09
N VAL A 27 4.58 2.74 8.64
CA VAL A 27 4.93 3.71 7.60
C VAL A 27 4.28 5.06 7.94
N SER A 28 4.60 6.04 7.10
CA SER A 28 4.06 7.37 7.30
C SER A 28 2.67 7.48 6.66
N PRO A 29 1.70 7.97 7.47
CA PRO A 29 0.33 8.12 7.00
C PRO A 29 0.21 9.32 6.06
N HIS A 30 1.31 10.04 5.92
CA HIS A 30 1.34 11.21 5.06
C HIS A 30 1.60 10.78 3.61
N ALA A 31 2.79 10.21 3.41
CA ALA A 31 3.18 9.76 2.08
C ALA A 31 1.98 9.10 1.40
N SER A 32 2.03 9.09 0.08
CA SER A 32 0.96 8.49 -0.70
C SER A 32 1.20 6.98 -0.85
N LEU A 33 0.09 6.25 -0.94
CA LEU A 33 0.16 4.81 -1.09
C LEU A 33 1.12 4.46 -2.22
N GLN A 34 1.19 5.36 -3.19
CA GLN A 34 2.07 5.15 -4.34
C GLN A 34 3.51 4.94 -3.87
N GLU A 35 3.86 5.62 -2.80
CA GLU A 35 5.20 5.51 -2.24
C GLU A 35 5.24 4.42 -1.17
N LEU A 36 4.07 4.13 -0.63
CA LEU A 36 3.96 3.11 0.41
C LEU A 36 3.55 1.78 -0.23
N ALA A 37 3.59 1.76 -1.55
CA ALA A 37 3.23 0.56 -2.29
C ALA A 37 4.37 -0.46 -2.20
N PRO A 38 5.61 0.03 -2.49
CA PRO A 38 6.78 -0.83 -2.43
C PRO A 38 7.19 -1.10 -1.00
N ILE A 39 7.19 -0.05 -0.19
CA ILE A 39 7.56 -0.15 1.20
C ILE A 39 6.66 -1.19 1.88
N ILE A 40 5.49 -1.39 1.31
CA ILE A 40 4.53 -2.34 1.85
C ILE A 40 4.73 -3.68 1.14
N CYS A 41 4.69 -3.64 -0.18
CA CYS A 41 4.85 -4.84 -0.97
C CYS A 41 6.15 -5.52 -0.56
N SER A 42 7.16 -4.69 -0.33
CA SER A 42 8.46 -5.20 0.08
C SER A 42 8.32 -6.05 1.35
N LYS A 43 7.54 -5.54 2.28
CA LYS A 43 7.32 -6.24 3.54
C LYS A 43 6.72 -7.62 3.25
N CYS A 44 5.80 -7.64 2.28
CA CYS A 44 5.15 -8.88 1.91
C CYS A 44 5.90 -9.47 0.71
N GLU A 45 7.10 -8.95 0.49
CA GLU A 45 7.93 -9.42 -0.61
C GLU A 45 7.08 -9.61 -1.86
N PHE A 46 6.15 -8.68 -2.06
CA PHE A 46 5.28 -8.73 -3.22
C PHE A 46 5.88 -7.97 -4.41
N ASP A 47 5.08 -7.84 -5.45
CA ASP A 47 5.52 -7.15 -6.65
C ASP A 47 4.59 -5.96 -6.92
N PRO A 48 5.17 -4.74 -6.78
CA PRO A 48 4.40 -3.53 -7.01
C PRO A 48 4.18 -3.29 -8.50
N LEU A 49 4.72 -4.20 -9.29
CA LEU A 49 4.58 -4.10 -10.74
C LEU A 49 3.11 -4.23 -11.12
N HIS A 50 2.48 -5.27 -10.59
CA HIS A 50 1.07 -5.52 -10.87
C HIS A 50 0.32 -5.74 -9.55
N THR A 51 0.37 -4.73 -8.70
CA THR A 51 -0.30 -4.80 -7.41
C THR A 51 -1.32 -3.67 -7.28
N LEU A 52 -2.47 -4.02 -6.71
CA LEU A 52 -3.53 -3.06 -6.52
C LEU A 52 -3.70 -2.76 -5.02
N LEU A 53 -4.49 -1.74 -4.73
CA LEU A 53 -4.72 -1.34 -3.35
C LEU A 53 -6.23 -1.21 -3.12
N LEU A 54 -6.80 -2.27 -2.58
CA LEU A 54 -8.23 -2.28 -2.30
C LEU A 54 -8.47 -1.84 -0.86
N LYS A 55 -9.69 -1.39 -0.61
CA LYS A 55 -10.06 -0.93 0.72
C LYS A 55 -9.68 -2.01 1.75
N ASP A 56 -10.23 -3.19 1.53
CA ASP A 56 -9.96 -4.31 2.42
C ASP A 56 -10.24 -5.62 1.69
N TYR A 57 -10.41 -6.68 2.47
CA TYR A 57 -10.68 -7.99 1.92
C TYR A 57 -12.17 -8.17 1.64
N GLN A 58 -12.98 -7.62 2.54
CA GLN A 58 -14.43 -7.72 2.40
C GLN A 58 -14.90 -6.84 1.23
N SER A 59 -14.11 -5.82 0.94
CA SER A 59 -14.45 -4.91 -0.14
C SER A 59 -13.65 -5.28 -1.39
N GLN A 60 -14.04 -4.67 -2.51
CA GLN A 60 -13.36 -4.91 -3.77
C GLN A 60 -13.13 -3.59 -4.52
N GLU A 61 -13.37 -2.50 -3.81
CA GLU A 61 -13.18 -1.19 -4.38
C GLU A 61 -11.71 -0.77 -4.30
N PRO A 62 -11.18 -0.31 -5.47
CA PRO A 62 -9.80 0.12 -5.55
C PRO A 62 -9.61 1.49 -4.88
N LEU A 63 -8.37 1.75 -4.48
CA LEU A 63 -8.04 3.01 -3.82
C LEU A 63 -7.23 3.88 -4.79
N ASP A 64 -7.10 5.14 -4.42
CA ASP A 64 -6.35 6.08 -5.24
C ASP A 64 -4.99 6.33 -4.60
N LEU A 65 -3.97 5.74 -5.21
CA LEU A 65 -2.60 5.89 -4.71
C LEU A 65 -2.33 7.36 -4.40
N THR A 66 -2.63 8.20 -5.39
CA THR A 66 -2.43 9.63 -5.24
C THR A 66 -2.83 10.09 -3.83
N LYS A 67 -3.91 9.50 -3.35
CA LYS A 67 -4.41 9.83 -2.01
C LYS A 67 -3.55 9.12 -0.96
N SER A 68 -3.46 9.76 0.19
CA SER A 68 -2.68 9.21 1.28
C SER A 68 -3.60 8.59 2.34
N LEU A 69 -2.99 7.85 3.26
CA LEU A 69 -3.75 7.20 4.32
C LEU A 69 -4.58 8.25 5.05
N ASN A 70 -4.05 9.47 5.08
CA ASN A 70 -4.72 10.56 5.75
C ASN A 70 -5.92 11.01 4.90
N ASP A 71 -5.63 11.36 3.66
CA ASP A 71 -6.66 11.80 2.75
C ASP A 71 -7.78 10.75 2.70
N LEU A 72 -7.37 9.49 2.70
CA LEU A 72 -8.31 8.39 2.66
C LEU A 72 -8.95 8.22 4.03
N GLY A 73 -8.09 7.92 5.01
CA GLY A 73 -8.56 7.72 6.37
C GLY A 73 -8.75 6.23 6.68
N LEU A 74 -7.82 5.44 6.17
CA LEU A 74 -7.87 3.99 6.38
C LEU A 74 -6.65 3.56 7.17
N ARG A 75 -6.87 2.61 8.07
CA ARG A 75 -5.79 2.09 8.90
C ARG A 75 -5.36 0.71 8.41
N GLU A 76 -6.07 0.22 7.40
CA GLU A 76 -5.78 -1.08 6.83
C GLU A 76 -6.15 -1.11 5.35
N LEU A 77 -5.42 -1.92 4.60
CA LEU A 77 -5.68 -2.05 3.17
C LEU A 77 -5.29 -3.47 2.72
N TYR A 78 -5.65 -3.78 1.48
CA TYR A 78 -5.35 -5.08 0.92
C TYR A 78 -4.58 -4.95 -0.39
N ALA A 79 -3.65 -5.87 -0.58
CA ALA A 79 -2.83 -5.86 -1.78
C ALA A 79 -3.29 -6.99 -2.72
N MET A 80 -3.88 -6.58 -3.84
CA MET A 80 -4.37 -7.54 -4.81
C MET A 80 -3.38 -7.69 -5.97
N ASP A 81 -3.41 -8.86 -6.57
CA ASP A 81 -2.52 -9.14 -7.70
C ASP A 81 -3.36 -9.32 -8.97
N VAL A 82 -3.13 -8.41 -9.91
CA VAL A 82 -3.85 -8.45 -11.16
C VAL A 82 -2.99 -9.14 -12.23
N ASN A 83 -1.69 -9.13 -11.98
CA ASN A 83 -0.75 -9.75 -12.90
C ASN A 83 -1.14 -9.40 -14.34
N ARG A 84 -0.82 -8.19 -14.73
CA ARG A 84 -1.13 -7.72 -16.07
C ARG A 84 0.09 -7.05 -16.69
N GLU A 85 0.80 -7.82 -17.50
CA GLU A 85 2.00 -7.31 -18.17
C GLU A 85 2.00 -7.73 -19.63
N SER A 86 1.69 -6.76 -20.49
CA SER A 86 1.65 -7.03 -21.92
C SER A 86 2.51 -5.99 -22.65
N GLY A 87 2.69 -6.23 -23.94
CA GLY A 87 3.47 -5.33 -24.77
C GLY A 87 4.58 -6.09 -25.51
N PRO A 88 5.03 -5.49 -26.65
CA PRO A 88 6.07 -6.10 -27.45
C PRO A 88 7.44 -5.95 -26.79
N SER A 89 7.85 -7.00 -26.09
CA SER A 89 9.13 -6.99 -25.40
C SER A 89 9.28 -8.26 -24.57
N SER A 90 10.53 -8.69 -24.43
CA SER A 90 10.82 -9.90 -23.66
C SER A 90 9.85 -11.01 -24.05
N GLY A 91 10.25 -11.80 -25.03
CA GLY A 91 9.44 -12.90 -25.50
C GLY A 91 9.13 -12.77 -26.99
N GLY A 1 3.09 24.34 18.30
CA GLY A 1 3.34 24.93 17.00
C GLY A 1 4.73 24.58 16.49
N SER A 2 4.97 23.29 16.36
CA SER A 2 6.25 22.80 15.88
C SER A 2 6.30 22.84 14.35
N SER A 3 7.46 23.21 13.84
CA SER A 3 7.65 23.28 12.40
C SER A 3 8.56 22.15 11.93
N GLY A 4 7.96 20.99 11.75
CA GLY A 4 8.69 19.82 11.29
C GLY A 4 9.33 19.09 12.47
N SER A 5 9.00 17.81 12.59
CA SER A 5 9.54 16.99 13.66
C SER A 5 10.71 16.15 13.15
N SER A 6 11.76 16.10 13.95
CA SER A 6 12.94 15.34 13.58
C SER A 6 12.86 13.94 14.19
N GLY A 7 13.40 12.98 13.44
CA GLY A 7 13.40 11.60 13.90
C GLY A 7 12.65 10.70 12.90
N GLU A 8 11.42 10.38 13.26
CA GLU A 8 10.58 9.53 12.41
C GLU A 8 9.20 9.36 13.04
N LYS A 9 8.25 8.97 12.21
CA LYS A 9 6.89 8.76 12.66
C LYS A 9 6.15 7.88 11.65
N THR A 10 5.71 6.73 12.13
CA THR A 10 4.99 5.79 11.29
C THR A 10 3.84 5.14 12.07
N VAL A 11 2.79 4.80 11.34
CA VAL A 11 1.62 4.18 11.94
C VAL A 11 1.55 2.72 11.51
N ARG A 12 0.92 1.92 12.37
CA ARG A 12 0.78 0.50 12.09
C ARG A 12 -0.41 0.26 11.14
N VAL A 13 -0.10 -0.32 10.00
CA VAL A 13 -1.12 -0.62 9.00
C VAL A 13 -1.26 -2.12 8.85
N VAL A 14 -2.48 -2.56 8.63
CA VAL A 14 -2.76 -3.98 8.46
C VAL A 14 -2.70 -4.33 6.97
N ILE A 15 -1.67 -5.06 6.60
CA ILE A 15 -1.48 -5.47 5.22
C ILE A 15 -2.12 -6.85 5.02
N ASN A 16 -3.35 -6.83 4.51
CA ASN A 16 -4.07 -8.06 4.26
C ASN A 16 -3.71 -8.58 2.86
N PHE A 17 -3.25 -9.82 2.83
CA PHE A 17 -2.87 -10.44 1.57
C PHE A 17 -3.21 -11.94 1.57
N LYS A 18 -3.31 -12.49 0.39
CA LYS A 18 -3.62 -13.90 0.24
C LYS A 18 -5.05 -14.15 0.72
N LYS A 19 -5.77 -13.07 0.96
CA LYS A 19 -7.14 -13.16 1.43
C LYS A 19 -7.20 -14.12 2.62
N THR A 20 -6.10 -14.16 3.36
CA THR A 20 -6.01 -15.02 4.53
C THR A 20 -4.93 -14.52 5.49
N GLN A 21 -3.74 -14.35 4.94
CA GLN A 21 -2.62 -13.89 5.73
C GLN A 21 -2.59 -12.35 5.76
N LYS A 22 -1.95 -11.82 6.79
CA LYS A 22 -1.84 -10.38 6.95
C LYS A 22 -0.55 -10.05 7.70
N THR A 23 -0.01 -8.88 7.40
CA THR A 23 1.21 -8.43 8.04
C THR A 23 1.10 -6.95 8.43
N ILE A 24 1.68 -6.62 9.56
CA ILE A 24 1.67 -5.25 10.05
C ILE A 24 2.97 -4.55 9.66
N VAL A 25 2.83 -3.29 9.25
CA VAL A 25 3.99 -2.51 8.84
C VAL A 25 3.86 -1.10 9.42
N ARG A 26 5.01 -0.48 9.63
CA ARG A 26 5.05 0.87 10.17
C ARG A 26 5.52 1.86 9.10
N VAL A 27 4.58 2.64 8.60
CA VAL A 27 4.90 3.62 7.58
C VAL A 27 4.23 4.95 7.93
N SER A 28 4.59 5.98 7.17
CA SER A 28 4.04 7.31 7.40
C SER A 28 2.66 7.43 6.74
N PRO A 29 1.69 7.97 7.53
CA PRO A 29 0.34 8.15 7.02
C PRO A 29 0.26 9.32 6.05
N HIS A 30 1.36 10.05 5.97
CA HIS A 30 1.43 11.21 5.07
C HIS A 30 1.69 10.73 3.65
N ALA A 31 2.88 10.19 3.43
CA ALA A 31 3.27 9.70 2.13
C ALA A 31 2.08 8.98 1.49
N SER A 32 2.01 9.07 0.17
CA SER A 32 0.93 8.43 -0.57
C SER A 32 1.22 6.95 -0.75
N LEU A 33 0.15 6.17 -0.83
CA LEU A 33 0.28 4.74 -1.01
C LEU A 33 1.21 4.45 -2.18
N GLN A 34 1.17 5.34 -3.17
CA GLN A 34 2.01 5.20 -4.35
C GLN A 34 3.47 5.01 -3.94
N GLU A 35 3.84 5.68 -2.86
CA GLU A 35 5.21 5.60 -2.35
C GLU A 35 5.32 4.49 -1.30
N LEU A 36 4.18 4.16 -0.71
CA LEU A 36 4.14 3.13 0.30
C LEU A 36 3.74 1.80 -0.35
N ALA A 37 3.74 1.80 -1.67
CA ALA A 37 3.38 0.61 -2.42
C ALA A 37 4.49 -0.44 -2.26
N PRO A 38 5.75 0.02 -2.52
CA PRO A 38 6.90 -0.86 -2.41
C PRO A 38 7.24 -1.14 -0.94
N ILE A 39 7.22 -0.06 -0.15
CA ILE A 39 7.54 -0.16 1.26
C ILE A 39 6.63 -1.21 1.90
N ILE A 40 5.44 -1.35 1.34
CA ILE A 40 4.47 -2.30 1.84
C ILE A 40 4.67 -3.65 1.14
N CYS A 41 4.62 -3.61 -0.18
CA CYS A 41 4.80 -4.81 -0.98
C CYS A 41 6.07 -5.52 -0.49
N SER A 42 7.12 -4.73 -0.31
CA SER A 42 8.40 -5.26 0.14
C SER A 42 8.20 -6.08 1.42
N LYS A 43 7.50 -5.46 2.37
CA LYS A 43 7.23 -6.11 3.64
C LYS A 43 6.57 -7.48 3.38
N CYS A 44 5.68 -7.49 2.40
CA CYS A 44 4.97 -8.71 2.05
C CYS A 44 5.70 -9.35 0.86
N GLU A 45 6.95 -8.95 0.68
CA GLU A 45 7.75 -9.48 -0.41
C GLU A 45 6.89 -9.64 -1.67
N PHE A 46 5.97 -8.70 -1.84
CA PHE A 46 5.08 -8.74 -2.99
C PHE A 46 5.69 -7.98 -4.17
N ASP A 47 5.01 -8.04 -5.30
CA ASP A 47 5.47 -7.38 -6.50
C ASP A 47 4.59 -6.15 -6.77
N PRO A 48 5.22 -4.96 -6.63
CA PRO A 48 4.51 -3.70 -6.85
C PRO A 48 4.29 -3.45 -8.34
N LEU A 49 4.80 -4.38 -9.14
CA LEU A 49 4.68 -4.27 -10.58
C LEU A 49 3.20 -4.39 -10.97
N HIS A 50 2.56 -5.42 -10.44
CA HIS A 50 1.16 -5.67 -10.73
C HIS A 50 0.40 -5.87 -9.41
N THR A 51 0.46 -4.85 -8.57
CA THR A 51 -0.22 -4.91 -7.28
C THR A 51 -1.24 -3.78 -7.17
N LEU A 52 -2.41 -4.11 -6.64
CA LEU A 52 -3.47 -3.14 -6.46
C LEU A 52 -3.69 -2.89 -4.97
N LEU A 53 -4.38 -1.80 -4.69
CA LEU A 53 -4.66 -1.44 -3.30
C LEU A 53 -6.18 -1.30 -3.12
N LEU A 54 -6.77 -2.37 -2.60
CA LEU A 54 -8.21 -2.38 -2.37
C LEU A 54 -8.48 -2.02 -0.91
N LYS A 55 -9.75 -1.73 -0.63
CA LYS A 55 -10.16 -1.38 0.72
C LYS A 55 -9.80 -2.52 1.68
N ASP A 56 -10.45 -3.65 1.47
CA ASP A 56 -10.21 -4.81 2.30
C ASP A 56 -10.52 -6.08 1.50
N TYR A 57 -10.38 -7.21 2.17
CA TYR A 57 -10.64 -8.49 1.54
C TYR A 57 -12.08 -8.57 1.02
N GLN A 58 -12.91 -7.66 1.54
CA GLN A 58 -14.30 -7.61 1.15
C GLN A 58 -14.70 -6.18 0.80
N SER A 59 -14.46 -5.82 -0.45
CA SER A 59 -14.80 -4.49 -0.93
C SER A 59 -14.68 -4.43 -2.45
N GLN A 60 -13.57 -4.94 -2.95
CA GLN A 60 -13.32 -4.95 -4.37
C GLN A 60 -13.20 -3.52 -4.91
N GLU A 61 -13.01 -2.59 -3.98
CA GLU A 61 -12.87 -1.18 -4.34
C GLU A 61 -11.42 -0.73 -4.20
N PRO A 62 -10.85 -0.29 -5.36
CA PRO A 62 -9.47 0.17 -5.38
C PRO A 62 -9.34 1.55 -4.74
N LEU A 63 -8.20 1.77 -4.11
CA LEU A 63 -7.94 3.04 -3.46
C LEU A 63 -7.21 3.97 -4.43
N ASP A 64 -7.02 5.20 -3.98
CA ASP A 64 -6.34 6.20 -4.81
C ASP A 64 -4.91 6.40 -4.28
N LEU A 65 -3.96 5.76 -4.96
CA LEU A 65 -2.57 5.85 -4.57
C LEU A 65 -2.21 7.32 -4.34
N THR A 66 -2.58 8.15 -5.31
CA THR A 66 -2.31 9.57 -5.22
C THR A 66 -2.67 10.10 -3.84
N LYS A 67 -3.71 9.51 -3.27
CA LYS A 67 -4.17 9.92 -1.95
C LYS A 67 -3.26 9.28 -0.88
N SER A 68 -3.50 9.69 0.35
CA SER A 68 -2.72 9.17 1.46
C SER A 68 -3.65 8.59 2.53
N LEU A 69 -3.06 7.83 3.44
CA LEU A 69 -3.82 7.21 4.52
C LEU A 69 -4.65 8.29 5.23
N ASN A 70 -4.10 9.49 5.24
CA ASN A 70 -4.77 10.61 5.88
C ASN A 70 -5.98 11.03 5.05
N ASP A 71 -5.72 11.27 3.76
CA ASP A 71 -6.76 11.67 2.85
C ASP A 71 -7.87 10.61 2.84
N LEU A 72 -7.45 9.37 2.62
CA LEU A 72 -8.38 8.27 2.59
C LEU A 72 -9.00 8.07 3.98
N GLY A 73 -8.13 8.06 4.97
CA GLY A 73 -8.57 7.89 6.35
C GLY A 73 -8.75 6.41 6.69
N LEU A 74 -7.85 5.60 6.15
CA LEU A 74 -7.89 4.17 6.39
C LEU A 74 -6.66 3.76 7.19
N ARG A 75 -6.83 2.69 7.97
CA ARG A 75 -5.75 2.18 8.79
C ARG A 75 -5.24 0.85 8.23
N GLU A 76 -6.07 0.25 7.38
CA GLU A 76 -5.71 -1.02 6.78
C GLU A 76 -6.07 -1.02 5.29
N LEU A 77 -5.41 -1.90 4.55
CA LEU A 77 -5.65 -2.00 3.12
C LEU A 77 -5.30 -3.41 2.65
N TYR A 78 -5.69 -3.70 1.41
CA TYR A 78 -5.43 -5.01 0.83
C TYR A 78 -4.59 -4.89 -0.44
N ALA A 79 -3.70 -5.86 -0.61
CA ALA A 79 -2.84 -5.87 -1.79
C ALA A 79 -3.30 -6.98 -2.73
N MET A 80 -3.83 -6.56 -3.88
CA MET A 80 -4.31 -7.50 -4.87
C MET A 80 -3.23 -7.78 -5.93
N ASP A 81 -3.16 -9.03 -6.34
CA ASP A 81 -2.18 -9.43 -7.34
C ASP A 81 -2.85 -9.49 -8.71
N VAL A 82 -2.50 -8.52 -9.54
CA VAL A 82 -3.06 -8.43 -10.88
C VAL A 82 -1.96 -8.74 -11.90
N ASN A 83 -1.99 -7.99 -12.99
CA ASN A 83 -1.01 -8.16 -14.04
C ASN A 83 -0.75 -6.82 -14.74
N ARG A 84 -1.84 -6.23 -15.23
CA ARG A 84 -1.77 -4.96 -15.91
C ARG A 84 -0.84 -5.07 -17.13
N GLU A 85 -1.47 -5.01 -18.31
CA GLU A 85 -0.72 -5.10 -19.55
C GLU A 85 0.51 -4.20 -19.50
N SER A 86 0.27 -2.93 -19.78
CA SER A 86 1.34 -1.95 -19.78
C SER A 86 0.95 -0.75 -18.91
N GLY A 87 -0.11 -0.07 -19.34
CA GLY A 87 -0.59 1.10 -18.62
C GLY A 87 -0.34 2.39 -19.41
N PRO A 88 -0.62 3.53 -18.75
CA PRO A 88 -0.43 4.83 -19.39
C PRO A 88 1.06 5.19 -19.44
N SER A 89 1.53 5.46 -20.66
CA SER A 89 2.92 5.82 -20.86
C SER A 89 3.02 7.30 -21.23
N SER A 90 2.40 7.64 -22.35
CA SER A 90 2.41 9.00 -22.83
C SER A 90 1.20 9.27 -23.71
N GLY A 91 0.07 9.53 -23.04
CA GLY A 91 -1.18 9.80 -23.74
C GLY A 91 -1.49 8.68 -24.74
N GLY A 1 18.75 13.91 -5.17
CA GLY A 1 17.33 14.02 -4.89
C GLY A 1 16.92 13.08 -3.75
N SER A 2 17.21 13.52 -2.53
CA SER A 2 16.89 12.74 -1.35
C SER A 2 16.09 13.59 -0.36
N SER A 3 14.89 13.13 -0.06
CA SER A 3 14.03 13.84 0.87
C SER A 3 13.83 13.01 2.14
N GLY A 4 14.21 13.61 3.26
CA GLY A 4 14.09 12.95 4.54
C GLY A 4 15.47 12.74 5.19
N SER A 5 15.55 13.13 6.46
CA SER A 5 16.80 13.00 7.19
C SER A 5 16.54 12.26 8.52
N SER A 6 15.68 12.87 9.34
CA SER A 6 15.35 12.30 10.63
C SER A 6 13.92 12.67 11.01
N GLY A 7 13.45 12.06 12.08
CA GLY A 7 12.10 12.32 12.57
C GLY A 7 11.06 11.82 11.56
N GLU A 8 10.19 10.94 12.03
CA GLU A 8 9.16 10.38 11.19
C GLU A 8 8.28 9.43 11.99
N LYS A 9 7.13 9.93 12.41
CA LYS A 9 6.19 9.14 13.19
C LYS A 9 5.41 8.21 12.25
N THR A 10 5.73 6.93 12.35
CA THR A 10 5.07 5.93 11.53
C THR A 10 3.86 5.35 12.24
N VAL A 11 2.85 5.00 11.46
CA VAL A 11 1.62 4.44 12.00
C VAL A 11 1.56 2.95 11.69
N ARG A 12 0.68 2.26 12.39
CA ARG A 12 0.52 0.83 12.19
C ARG A 12 -0.53 0.56 11.12
N VAL A 13 -0.05 0.07 9.98
CA VAL A 13 -0.94 -0.24 8.87
C VAL A 13 -0.94 -1.75 8.62
N VAL A 14 -2.13 -2.27 8.38
CA VAL A 14 -2.28 -3.70 8.13
C VAL A 14 -2.18 -3.96 6.62
N ILE A 15 -1.62 -5.12 6.30
CA ILE A 15 -1.45 -5.50 4.90
C ILE A 15 -2.04 -6.90 4.70
N ASN A 16 -3.29 -6.92 4.26
CA ASN A 16 -3.98 -8.18 4.02
C ASN A 16 -3.62 -8.69 2.62
N PHE A 17 -3.00 -9.86 2.60
CA PHE A 17 -2.60 -10.46 1.33
C PHE A 17 -2.74 -11.98 1.38
N LYS A 18 -2.63 -12.59 0.22
CA LYS A 18 -2.73 -14.04 0.11
C LYS A 18 -4.20 -14.45 0.31
N LYS A 19 -5.06 -13.44 0.40
CA LYS A 19 -6.47 -13.68 0.60
C LYS A 19 -6.67 -14.51 1.87
N THR A 20 -5.95 -14.12 2.91
CA THR A 20 -6.05 -14.81 4.19
C THR A 20 -4.96 -14.31 5.14
N GLN A 21 -3.76 -14.19 4.61
CA GLN A 21 -2.62 -13.72 5.40
C GLN A 21 -2.65 -12.20 5.51
N LYS A 22 -2.12 -11.71 6.62
CA LYS A 22 -2.08 -10.28 6.86
C LYS A 22 -0.89 -9.96 7.77
N THR A 23 -0.41 -8.73 7.66
CA THR A 23 0.71 -8.28 8.46
C THR A 23 0.65 -6.76 8.67
N ILE A 24 1.21 -6.33 9.79
CA ILE A 24 1.21 -4.91 10.12
C ILE A 24 2.63 -4.37 9.92
N VAL A 25 2.69 -3.12 9.49
CA VAL A 25 3.97 -2.46 9.25
C VAL A 25 3.90 -1.02 9.73
N ARG A 26 5.06 -0.48 10.07
CA ARG A 26 5.14 0.90 10.54
C ARG A 26 5.66 1.82 9.43
N VAL A 27 4.78 2.65 8.94
CA VAL A 27 5.14 3.59 7.88
C VAL A 27 4.50 4.95 8.17
N SER A 28 4.82 5.90 7.30
CA SER A 28 4.28 7.25 7.45
C SER A 28 2.91 7.34 6.76
N PRO A 29 1.94 7.93 7.51
CA PRO A 29 0.59 8.09 6.99
C PRO A 29 0.54 9.22 5.95
N HIS A 30 1.47 10.15 6.09
CA HIS A 30 1.53 11.28 5.18
C HIS A 30 1.81 10.78 3.76
N ALA A 31 2.88 10.02 3.63
CA ALA A 31 3.26 9.47 2.34
C ALA A 31 2.05 8.80 1.70
N SER A 32 2.01 8.86 0.37
CA SER A 32 0.92 8.26 -0.37
C SER A 32 1.21 6.77 -0.63
N LEU A 33 0.14 6.00 -0.76
CA LEU A 33 0.26 4.58 -1.01
C LEU A 33 1.21 4.36 -2.19
N GLN A 34 1.26 5.34 -3.08
CA GLN A 34 2.11 5.26 -4.24
C GLN A 34 3.57 5.09 -3.82
N GLU A 35 3.93 5.76 -2.75
CA GLU A 35 5.29 5.69 -2.23
C GLU A 35 5.41 4.53 -1.23
N LEU A 36 4.27 4.16 -0.66
CA LEU A 36 4.25 3.07 0.30
C LEU A 36 3.89 1.76 -0.41
N ALA A 37 3.89 1.83 -1.73
CA ALA A 37 3.57 0.67 -2.55
C ALA A 37 4.67 -0.38 -2.39
N PRO A 38 5.94 0.09 -2.57
CA PRO A 38 7.09 -0.79 -2.46
C PRO A 38 7.37 -1.12 -0.99
N ILE A 39 7.30 -0.09 -0.16
CA ILE A 39 7.56 -0.25 1.25
C ILE A 39 6.62 -1.31 1.83
N ILE A 40 5.46 -1.44 1.19
CA ILE A 40 4.47 -2.41 1.61
C ILE A 40 4.72 -3.74 0.90
N CYS A 41 4.61 -3.69 -0.43
CA CYS A 41 4.82 -4.88 -1.23
C CYS A 41 6.13 -5.54 -0.78
N SER A 42 7.15 -4.71 -0.63
CA SER A 42 8.45 -5.20 -0.21
C SER A 42 8.33 -5.93 1.14
N LYS A 43 7.60 -5.30 2.05
CA LYS A 43 7.40 -5.87 3.37
C LYS A 43 6.72 -7.23 3.23
N CYS A 44 5.97 -7.37 2.14
CA CYS A 44 5.26 -8.61 1.88
C CYS A 44 5.92 -9.30 0.68
N GLU A 45 7.15 -8.88 0.40
CA GLU A 45 7.89 -9.44 -0.71
C GLU A 45 6.98 -9.68 -1.91
N PHE A 46 6.17 -8.67 -2.20
CA PHE A 46 5.24 -8.75 -3.31
C PHE A 46 5.78 -8.01 -4.53
N ASP A 47 4.97 -7.98 -5.58
CA ASP A 47 5.35 -7.31 -6.81
C ASP A 47 4.43 -6.10 -7.03
N PRO A 48 5.05 -4.90 -6.93
CA PRO A 48 4.30 -3.66 -7.12
C PRO A 48 3.99 -3.43 -8.61
N LEU A 49 4.47 -4.35 -9.42
CA LEU A 49 4.25 -4.26 -10.86
C LEU A 49 2.75 -4.41 -11.16
N HIS A 50 2.17 -5.45 -10.58
CA HIS A 50 0.76 -5.72 -10.78
C HIS A 50 0.08 -5.93 -9.43
N THR A 51 0.17 -4.91 -8.58
CA THR A 51 -0.42 -4.98 -7.26
C THR A 51 -1.46 -3.86 -7.08
N LEU A 52 -2.60 -4.24 -6.54
CA LEU A 52 -3.68 -3.29 -6.32
C LEU A 52 -3.83 -3.05 -4.80
N LEU A 53 -4.46 -1.93 -4.48
CA LEU A 53 -4.67 -1.58 -3.10
C LEU A 53 -6.17 -1.38 -2.84
N LEU A 54 -6.77 -2.37 -2.21
CA LEU A 54 -8.19 -2.32 -1.91
C LEU A 54 -8.38 -1.87 -0.47
N LYS A 55 -9.58 -1.35 -0.20
CA LYS A 55 -9.90 -0.88 1.15
C LYS A 55 -9.67 -2.02 2.14
N ASP A 56 -10.19 -3.18 1.80
CA ASP A 56 -10.07 -4.34 2.66
C ASP A 56 -10.44 -5.60 1.87
N TYR A 57 -10.13 -6.75 2.46
CA TYR A 57 -10.43 -8.01 1.82
C TYR A 57 -11.89 -8.08 1.39
N GLN A 58 -12.76 -7.58 2.26
CA GLN A 58 -14.19 -7.56 1.97
C GLN A 58 -14.48 -6.68 0.76
N SER A 59 -14.29 -5.39 0.95
CA SER A 59 -14.52 -4.43 -0.12
C SER A 59 -13.76 -4.86 -1.38
N GLN A 60 -14.13 -4.23 -2.49
CA GLN A 60 -13.50 -4.54 -3.76
C GLN A 60 -13.19 -3.25 -4.53
N GLU A 61 -13.21 -2.14 -3.79
CA GLU A 61 -12.93 -0.84 -4.37
C GLU A 61 -11.44 -0.52 -4.26
N PRO A 62 -10.88 -0.02 -5.40
CA PRO A 62 -9.47 0.33 -5.44
C PRO A 62 -9.21 1.64 -4.68
N LEU A 63 -8.05 1.70 -4.05
CA LEU A 63 -7.67 2.88 -3.29
C LEU A 63 -6.87 3.82 -4.20
N ASP A 64 -7.02 5.12 -3.94
CA ASP A 64 -6.33 6.13 -4.72
C ASP A 64 -4.92 6.34 -4.13
N LEU A 65 -3.93 5.88 -4.89
CA LEU A 65 -2.55 6.01 -4.45
C LEU A 65 -2.25 7.48 -4.16
N THR A 66 -2.57 8.32 -5.13
CA THR A 66 -2.34 9.75 -4.99
C THR A 66 -2.80 10.23 -3.62
N LYS A 67 -3.79 9.53 -3.08
CA LYS A 67 -4.34 9.87 -1.78
C LYS A 67 -3.52 9.17 -0.69
N SER A 68 -3.36 9.87 0.42
CA SER A 68 -2.60 9.33 1.54
C SER A 68 -3.54 8.65 2.52
N LEU A 69 -2.94 7.93 3.46
CA LEU A 69 -3.72 7.22 4.47
C LEU A 69 -4.59 8.22 5.23
N ASN A 70 -4.06 9.42 5.40
CA ASN A 70 -4.78 10.47 6.10
C ASN A 70 -5.97 10.91 5.27
N ASP A 71 -5.73 11.07 3.96
CA ASP A 71 -6.77 11.49 3.05
C ASP A 71 -7.84 10.40 2.97
N LEU A 72 -7.37 9.18 2.74
CA LEU A 72 -8.27 8.04 2.63
C LEU A 72 -8.95 7.81 3.99
N GLY A 73 -8.12 7.67 5.01
CA GLY A 73 -8.63 7.44 6.35
C GLY A 73 -8.82 5.95 6.62
N LEU A 74 -8.01 5.16 5.95
CA LEU A 74 -8.09 3.71 6.10
C LEU A 74 -6.78 3.20 6.71
N ARG A 75 -6.89 2.63 7.90
CA ARG A 75 -5.74 2.10 8.59
C ARG A 75 -5.47 0.65 8.17
N GLU A 76 -6.20 0.24 7.13
CA GLU A 76 -6.06 -1.12 6.62
C GLU A 76 -6.25 -1.13 5.11
N LEU A 77 -5.64 -2.13 4.47
CA LEU A 77 -5.75 -2.26 3.03
C LEU A 77 -5.38 -3.70 2.63
N TYR A 78 -5.62 -4.01 1.36
CA TYR A 78 -5.32 -5.33 0.84
C TYR A 78 -4.55 -5.24 -0.47
N ALA A 79 -3.69 -6.24 -0.69
CA ALA A 79 -2.89 -6.27 -1.90
C ALA A 79 -3.44 -7.36 -2.83
N MET A 80 -4.01 -6.90 -3.93
CA MET A 80 -4.58 -7.81 -4.92
C MET A 80 -3.69 -7.92 -6.15
N ASP A 81 -3.43 -9.15 -6.55
CA ASP A 81 -2.59 -9.40 -7.71
C ASP A 81 -3.48 -9.69 -8.93
N VAL A 82 -3.70 -8.66 -9.72
CA VAL A 82 -4.52 -8.78 -10.92
C VAL A 82 -3.71 -9.45 -12.02
N ASN A 83 -2.43 -9.13 -12.05
CA ASN A 83 -1.53 -9.69 -13.05
C ASN A 83 -2.25 -9.71 -14.39
N ARG A 84 -2.43 -8.52 -14.96
CA ARG A 84 -3.09 -8.41 -16.25
C ARG A 84 -2.06 -8.43 -17.38
N GLU A 85 -1.62 -9.63 -17.71
CA GLU A 85 -0.63 -9.81 -18.76
C GLU A 85 0.73 -9.31 -18.31
N SER A 86 0.84 -8.00 -18.18
CA SER A 86 2.09 -7.38 -17.75
C SER A 86 1.85 -5.91 -17.40
N GLY A 87 2.89 -5.29 -16.85
CA GLY A 87 2.80 -3.89 -16.48
C GLY A 87 3.89 -3.07 -17.17
N PRO A 88 3.43 -2.15 -18.07
CA PRO A 88 4.35 -1.31 -18.81
C PRO A 88 4.92 -0.20 -17.91
N SER A 89 6.20 0.10 -18.11
CA SER A 89 6.86 1.12 -17.33
C SER A 89 7.05 2.38 -18.18
N SER A 90 7.37 3.47 -17.50
CA SER A 90 7.58 4.74 -18.18
C SER A 90 8.68 5.54 -17.46
N GLY A 91 9.77 5.77 -18.19
CA GLY A 91 10.88 6.52 -17.63
C GLY A 91 12.20 6.09 -18.28
N GLY A 1 16.94 13.83 -3.86
CA GLY A 1 17.47 14.72 -2.83
C GLY A 1 17.04 14.26 -1.45
N SER A 2 17.96 14.40 -0.49
CA SER A 2 17.68 14.01 0.88
C SER A 2 18.65 14.71 1.83
N SER A 3 18.10 15.28 2.88
CA SER A 3 18.89 15.99 3.87
C SER A 3 18.06 16.26 5.12
N GLY A 4 18.76 16.51 6.22
CA GLY A 4 18.11 16.79 7.49
C GLY A 4 17.36 15.55 8.00
N SER A 5 17.04 15.59 9.28
CA SER A 5 16.33 14.48 9.90
C SER A 5 14.93 14.93 10.34
N SER A 6 14.06 13.95 10.51
CA SER A 6 12.70 14.24 10.93
C SER A 6 12.03 12.96 11.45
N GLY A 7 11.36 13.10 12.58
CA GLY A 7 10.67 11.97 13.20
C GLY A 7 9.90 11.18 12.16
N GLU A 8 10.03 9.86 12.25
CA GLU A 8 9.35 8.97 11.33
C GLU A 8 7.84 9.12 11.47
N LYS A 9 7.38 9.08 12.72
CA LYS A 9 5.97 9.21 13.00
C LYS A 9 5.17 8.25 12.10
N THR A 10 5.49 6.98 12.24
CA THR A 10 4.83 5.95 11.45
C THR A 10 3.64 5.38 12.22
N VAL A 11 2.66 4.91 11.46
CA VAL A 11 1.46 4.34 12.05
C VAL A 11 1.41 2.84 11.76
N ARG A 12 0.53 2.15 12.47
CA ARG A 12 0.38 0.72 12.29
C ARG A 12 -0.65 0.43 11.20
N VAL A 13 -0.16 -0.12 10.10
CA VAL A 13 -1.03 -0.44 8.98
C VAL A 13 -1.09 -1.97 8.80
N VAL A 14 -2.29 -2.45 8.52
CA VAL A 14 -2.49 -3.88 8.33
C VAL A 14 -2.41 -4.21 6.83
N ILE A 15 -1.51 -5.11 6.50
CA ILE A 15 -1.34 -5.52 5.11
C ILE A 15 -1.92 -6.92 4.92
N ASN A 16 -3.17 -6.94 4.49
CA ASN A 16 -3.87 -8.20 4.26
C ASN A 16 -3.54 -8.71 2.85
N PHE A 17 -3.02 -9.93 2.80
CA PHE A 17 -2.67 -10.54 1.53
C PHE A 17 -2.98 -12.04 1.53
N LYS A 18 -3.12 -12.58 0.33
CA LYS A 18 -3.41 -13.99 0.18
C LYS A 18 -4.82 -14.27 0.70
N LYS A 19 -5.55 -13.20 0.94
CA LYS A 19 -6.91 -13.31 1.44
C LYS A 19 -6.96 -14.35 2.55
N THR A 20 -5.86 -14.47 3.26
CA THR A 20 -5.76 -15.43 4.35
C THR A 20 -4.73 -14.96 5.38
N GLN A 21 -3.58 -14.56 4.87
CA GLN A 21 -2.50 -14.09 5.74
C GLN A 21 -2.47 -12.56 5.77
N LYS A 22 -1.84 -12.03 6.80
CA LYS A 22 -1.74 -10.59 6.96
C LYS A 22 -0.43 -10.24 7.67
N THR A 23 0.02 -9.02 7.45
CA THR A 23 1.26 -8.57 8.07
C THR A 23 1.15 -7.08 8.45
N ILE A 24 1.74 -6.76 9.59
CA ILE A 24 1.70 -5.38 10.08
C ILE A 24 3.02 -4.70 9.73
N VAL A 25 2.93 -3.42 9.42
CA VAL A 25 4.10 -2.64 9.06
C VAL A 25 3.93 -1.20 9.56
N ARG A 26 5.06 -0.56 9.81
CA ARG A 26 5.05 0.81 10.29
C ARG A 26 5.44 1.77 9.18
N VAL A 27 4.46 2.50 8.68
CA VAL A 27 4.69 3.46 7.62
C VAL A 27 4.11 4.82 8.03
N SER A 28 4.42 5.82 7.22
CA SER A 28 3.94 7.17 7.48
C SER A 28 2.57 7.38 6.83
N PRO A 29 1.64 7.98 7.62
CA PRO A 29 0.31 8.24 7.14
C PRO A 29 0.29 9.42 6.17
N HIS A 30 1.42 10.10 6.10
CA HIS A 30 1.55 11.25 5.21
C HIS A 30 1.80 10.77 3.78
N ALA A 31 2.92 10.07 3.61
CA ALA A 31 3.28 9.55 2.31
C ALA A 31 2.06 8.90 1.66
N SER A 32 2.04 8.93 0.34
CA SER A 32 0.94 8.36 -0.41
C SER A 32 1.20 6.87 -0.65
N LEU A 33 0.11 6.12 -0.77
CA LEU A 33 0.20 4.69 -1.00
C LEU A 33 1.20 4.43 -2.14
N GLN A 34 1.23 5.37 -3.07
CA GLN A 34 2.13 5.25 -4.21
C GLN A 34 3.56 5.06 -3.73
N GLU A 35 3.88 5.71 -2.63
CA GLU A 35 5.22 5.63 -2.06
C GLU A 35 5.29 4.48 -1.07
N LEU A 36 4.14 4.09 -0.56
CA LEU A 36 4.05 2.99 0.40
C LEU A 36 3.73 1.70 -0.34
N ALA A 37 3.80 1.77 -1.65
CA ALA A 37 3.51 0.61 -2.49
C ALA A 37 4.65 -0.40 -2.35
N PRO A 38 5.90 0.12 -2.52
CA PRO A 38 7.07 -0.73 -2.41
C PRO A 38 7.38 -1.08 -0.95
N ILE A 39 7.29 -0.06 -0.11
CA ILE A 39 7.55 -0.23 1.32
C ILE A 39 6.65 -1.35 1.86
N ILE A 40 5.46 -1.44 1.28
CA ILE A 40 4.51 -2.45 1.69
C ILE A 40 4.81 -3.76 0.96
N CYS A 41 4.64 -3.72 -0.36
CA CYS A 41 4.89 -4.89 -1.18
C CYS A 41 6.20 -5.53 -0.72
N SER A 42 7.21 -4.67 -0.55
CA SER A 42 8.52 -5.13 -0.11
C SER A 42 8.40 -5.85 1.23
N LYS A 43 7.56 -5.30 2.09
CA LYS A 43 7.35 -5.87 3.41
C LYS A 43 6.73 -7.26 3.26
N CYS A 44 6.06 -7.46 2.14
CA CYS A 44 5.41 -8.74 1.86
C CYS A 44 6.07 -9.35 0.63
N GLU A 45 7.27 -8.88 0.33
CA GLU A 45 8.01 -9.36 -0.82
C GLU A 45 7.07 -9.59 -2.00
N PHE A 46 6.15 -8.65 -2.16
CA PHE A 46 5.18 -8.75 -3.25
C PHE A 46 5.68 -8.01 -4.49
N ASP A 47 5.02 -8.28 -5.61
CA ASP A 47 5.39 -7.66 -6.86
C ASP A 47 4.48 -6.45 -7.11
N PRO A 48 5.09 -5.23 -7.02
CA PRO A 48 4.34 -4.00 -7.23
C PRO A 48 4.06 -3.78 -8.72
N LEU A 49 4.56 -4.72 -9.53
CA LEU A 49 4.37 -4.63 -10.96
C LEU A 49 2.92 -4.98 -11.30
N HIS A 50 2.24 -5.59 -10.33
CA HIS A 50 0.85 -5.98 -10.51
C HIS A 50 0.17 -6.07 -9.15
N THR A 51 0.27 -4.99 -8.40
CA THR A 51 -0.33 -4.94 -7.07
C THR A 51 -1.35 -3.80 -7.00
N LEU A 52 -2.49 -4.10 -6.41
CA LEU A 52 -3.55 -3.12 -6.26
C LEU A 52 -3.77 -2.83 -4.77
N LEU A 53 -4.53 -1.77 -4.52
CA LEU A 53 -4.82 -1.37 -3.15
C LEU A 53 -6.33 -1.16 -3.01
N LEU A 54 -6.96 -2.10 -2.30
CA LEU A 54 -8.39 -2.04 -2.08
C LEU A 54 -8.67 -1.51 -0.67
N LYS A 55 -9.93 -1.22 -0.42
CA LYS A 55 -10.34 -0.71 0.89
C LYS A 55 -9.86 -1.67 1.98
N ASP A 56 -10.27 -2.93 1.83
CA ASP A 56 -9.90 -3.95 2.79
C ASP A 56 -10.03 -5.33 2.13
N TYR A 57 -9.75 -6.35 2.93
CA TYR A 57 -9.83 -7.71 2.44
C TYR A 57 -11.25 -8.06 1.98
N GLN A 58 -12.20 -7.32 2.54
CA GLN A 58 -13.60 -7.53 2.21
C GLN A 58 -14.15 -6.32 1.44
N SER A 59 -13.45 -5.97 0.38
CA SER A 59 -13.85 -4.83 -0.45
C SER A 59 -13.40 -5.04 -1.88
N GLN A 60 -13.94 -4.23 -2.77
CA GLN A 60 -13.61 -4.31 -4.18
C GLN A 60 -13.36 -2.92 -4.76
N GLU A 61 -13.23 -1.96 -3.84
CA GLU A 61 -12.99 -0.58 -4.24
C GLU A 61 -11.50 -0.25 -4.15
N PRO A 62 -10.91 0.04 -5.34
CA PRO A 62 -9.49 0.37 -5.40
C PRO A 62 -9.24 1.80 -4.88
N LEU A 63 -8.29 1.90 -3.96
CA LEU A 63 -7.95 3.18 -3.38
C LEU A 63 -7.06 3.95 -4.35
N ASP A 64 -7.02 5.26 -4.16
CA ASP A 64 -6.21 6.12 -5.00
C ASP A 64 -4.82 6.29 -4.39
N LEU A 65 -3.82 5.90 -5.16
CA LEU A 65 -2.44 6.00 -4.70
C LEU A 65 -2.10 7.46 -4.43
N THR A 66 -2.40 8.30 -5.41
CA THR A 66 -2.13 9.72 -5.29
C THR A 66 -2.55 10.23 -3.91
N LYS A 67 -3.62 9.63 -3.39
CA LYS A 67 -4.13 10.00 -2.08
C LYS A 67 -3.31 9.30 -1.00
N SER A 68 -3.24 9.95 0.16
CA SER A 68 -2.50 9.39 1.27
C SER A 68 -3.46 8.76 2.28
N LEU A 69 -2.88 8.07 3.25
CA LEU A 69 -3.67 7.42 4.27
C LEU A 69 -4.55 8.45 4.98
N ASN A 70 -4.04 9.67 5.01
CA ASN A 70 -4.77 10.77 5.65
C ASN A 70 -5.96 11.16 4.78
N ASP A 71 -5.67 11.47 3.53
CA ASP A 71 -6.71 11.86 2.59
C ASP A 71 -7.80 10.79 2.57
N LEU A 72 -7.36 9.54 2.61
CA LEU A 72 -8.28 8.42 2.59
C LEU A 72 -8.90 8.26 3.98
N GLY A 73 -8.06 7.89 4.92
CA GLY A 73 -8.51 7.68 6.29
C GLY A 73 -8.73 6.21 6.59
N LEU A 74 -7.87 5.39 6.01
CA LEU A 74 -7.97 3.95 6.20
C LEU A 74 -6.62 3.42 6.71
N ARG A 75 -6.68 2.77 7.86
CA ARG A 75 -5.48 2.21 8.47
C ARG A 75 -5.26 0.78 7.99
N GLU A 76 -6.25 0.28 7.25
CA GLU A 76 -6.17 -1.08 6.72
C GLU A 76 -6.38 -1.06 5.21
N LEU A 77 -5.78 -2.05 4.56
CA LEU A 77 -5.89 -2.17 3.12
C LEU A 77 -5.51 -3.59 2.70
N TYR A 78 -5.76 -3.89 1.43
CA TYR A 78 -5.46 -5.20 0.89
C TYR A 78 -4.68 -5.08 -0.43
N ALA A 79 -3.77 -6.03 -0.62
CA ALA A 79 -2.96 -6.05 -1.83
C ALA A 79 -3.45 -7.17 -2.75
N MET A 80 -4.03 -6.77 -3.88
CA MET A 80 -4.53 -7.72 -4.84
C MET A 80 -3.57 -7.88 -6.02
N ASP A 81 -3.44 -9.12 -6.48
CA ASP A 81 -2.56 -9.41 -7.59
C ASP A 81 -3.39 -9.54 -8.87
N VAL A 82 -3.17 -8.61 -9.79
CA VAL A 82 -3.88 -8.62 -11.05
C VAL A 82 -3.01 -9.30 -12.12
N ASN A 83 -3.07 -10.62 -12.12
CA ASN A 83 -2.31 -11.40 -13.09
C ASN A 83 -2.52 -10.82 -14.49
N ARG A 84 -3.79 -10.60 -14.82
CA ARG A 84 -4.14 -10.07 -16.12
C ARG A 84 -5.32 -9.10 -15.99
N GLU A 85 -5.00 -7.81 -16.10
CA GLU A 85 -6.01 -6.78 -15.99
C GLU A 85 -5.97 -5.86 -17.22
N SER A 86 -7.16 -5.52 -17.71
CA SER A 86 -7.26 -4.66 -18.87
C SER A 86 -6.78 -3.25 -18.52
N GLY A 87 -5.55 -2.97 -18.92
CA GLY A 87 -4.95 -1.66 -18.65
C GLY A 87 -3.71 -1.44 -19.52
N PRO A 88 -3.36 -0.14 -19.70
CA PRO A 88 -2.19 0.22 -20.49
C PRO A 88 -0.90 -0.07 -19.73
N SER A 89 0.21 0.28 -20.36
CA SER A 89 1.51 0.07 -19.75
C SER A 89 2.42 1.28 -20.02
N SER A 90 2.47 2.17 -19.03
CA SER A 90 3.28 3.37 -19.14
C SER A 90 3.16 3.94 -20.55
N GLY A 91 2.13 4.74 -20.73
CA GLY A 91 1.88 5.37 -22.03
C GLY A 91 1.78 6.90 -21.88
N GLY A 1 4.90 19.84 1.69
CA GLY A 1 5.05 18.40 1.59
C GLY A 1 5.54 17.81 2.92
N SER A 2 5.03 16.62 3.22
CA SER A 2 5.41 15.93 4.45
C SER A 2 6.84 15.40 4.34
N SER A 3 7.76 16.16 4.92
CA SER A 3 9.17 15.76 4.89
C SER A 3 9.85 16.16 6.20
N GLY A 4 10.65 15.25 6.71
CA GLY A 4 11.37 15.49 7.96
C GLY A 4 12.59 14.58 8.07
N SER A 5 13.00 14.33 9.31
CA SER A 5 14.15 13.49 9.56
C SER A 5 14.34 13.32 11.07
N SER A 6 15.07 12.27 11.43
CA SER A 6 15.33 11.97 12.83
C SER A 6 14.02 11.67 13.56
N GLY A 7 14.07 10.67 14.41
CA GLY A 7 12.90 10.27 15.18
C GLY A 7 11.96 9.42 14.33
N GLU A 8 11.12 8.65 15.03
CA GLU A 8 10.17 7.79 14.36
C GLU A 8 8.79 8.47 14.30
N LYS A 9 8.11 8.25 13.18
CA LYS A 9 6.80 8.84 12.99
C LYS A 9 6.01 7.98 11.99
N THR A 10 5.88 6.70 12.32
CA THR A 10 5.17 5.77 11.47
C THR A 10 3.99 5.16 12.22
N VAL A 11 2.97 4.80 11.47
CA VAL A 11 1.78 4.19 12.05
C VAL A 11 1.68 2.74 11.60
N ARG A 12 1.09 1.92 12.46
CA ARG A 12 0.92 0.50 12.17
C ARG A 12 -0.26 0.29 11.21
N VAL A 13 0.08 -0.16 10.01
CA VAL A 13 -0.95 -0.41 9.01
C VAL A 13 -1.11 -1.92 8.81
N VAL A 14 -2.34 -2.31 8.52
CA VAL A 14 -2.64 -3.72 8.30
C VAL A 14 -2.53 -4.03 6.81
N ILE A 15 -1.71 -5.03 6.50
CA ILE A 15 -1.51 -5.45 5.13
C ILE A 15 -2.07 -6.85 4.93
N ASN A 16 -3.32 -6.90 4.47
CA ASN A 16 -3.98 -8.18 4.25
C ASN A 16 -3.62 -8.69 2.85
N PHE A 17 -3.09 -9.90 2.82
CA PHE A 17 -2.69 -10.51 1.56
C PHE A 17 -2.94 -12.02 1.59
N LYS A 18 -2.79 -12.64 0.42
CA LYS A 18 -3.00 -14.06 0.29
C LYS A 18 -4.47 -14.38 0.49
N LYS A 19 -5.27 -13.33 0.54
CA LYS A 19 -6.71 -13.48 0.73
C LYS A 19 -6.97 -14.22 2.04
N THR A 20 -6.27 -13.81 3.08
CA THR A 20 -6.42 -14.43 4.38
C THR A 20 -5.30 -13.98 5.32
N GLN A 21 -4.07 -14.02 4.80
CA GLN A 21 -2.92 -13.61 5.59
C GLN A 21 -2.87 -12.10 5.70
N LYS A 22 -2.31 -11.63 6.80
CA LYS A 22 -2.19 -10.20 7.06
C LYS A 22 -0.88 -9.93 7.80
N THR A 23 -0.38 -8.72 7.61
CA THR A 23 0.87 -8.32 8.26
C THR A 23 0.81 -6.84 8.65
N ILE A 24 1.53 -6.52 9.71
CA ILE A 24 1.56 -5.15 10.20
C ILE A 24 2.93 -4.53 9.87
N VAL A 25 2.90 -3.26 9.52
CA VAL A 25 4.12 -2.54 9.18
C VAL A 25 4.01 -1.09 9.67
N ARG A 26 5.17 -0.51 9.95
CA ARG A 26 5.22 0.86 10.42
C ARG A 26 5.64 1.80 9.29
N VAL A 27 4.67 2.57 8.83
CA VAL A 27 4.94 3.52 7.74
C VAL A 27 4.29 4.85 8.08
N SER A 28 4.71 5.88 7.35
CA SER A 28 4.18 7.22 7.56
C SER A 28 2.80 7.35 6.91
N PRO A 29 1.84 7.92 7.69
CA PRO A 29 0.49 8.10 7.20
C PRO A 29 0.42 9.26 6.20
N HIS A 30 1.49 10.05 6.18
CA HIS A 30 1.56 11.18 5.28
C HIS A 30 1.76 10.68 3.84
N ALA A 31 2.90 10.06 3.62
CA ALA A 31 3.24 9.54 2.30
C ALA A 31 1.98 8.88 1.70
N SER A 32 1.96 8.85 0.38
CA SER A 32 0.85 8.27 -0.34
C SER A 32 1.12 6.79 -0.62
N LEU A 33 0.03 6.04 -0.74
CA LEU A 33 0.14 4.61 -1.01
C LEU A 33 1.07 4.38 -2.19
N GLN A 34 1.12 5.37 -3.06
CA GLN A 34 1.97 5.30 -4.24
C GLN A 34 3.44 5.11 -3.83
N GLU A 35 3.78 5.72 -2.71
CA GLU A 35 5.14 5.63 -2.20
C GLU A 35 5.24 4.49 -1.18
N LEU A 36 4.09 4.13 -0.63
CA LEU A 36 4.04 3.07 0.36
C LEU A 36 3.66 1.75 -0.34
N ALA A 37 3.68 1.79 -1.66
CA ALA A 37 3.35 0.62 -2.44
C ALA A 37 4.47 -0.41 -2.32
N PRO A 38 5.72 0.08 -2.54
CA PRO A 38 6.89 -0.79 -2.47
C PRO A 38 7.24 -1.10 -1.00
N ILE A 39 7.12 -0.08 -0.17
CA ILE A 39 7.42 -0.24 1.24
C ILE A 39 6.50 -1.30 1.85
N ILE A 40 5.33 -1.42 1.24
CA ILE A 40 4.35 -2.39 1.70
C ILE A 40 4.59 -3.73 1.01
N CYS A 41 4.56 -3.69 -0.31
CA CYS A 41 4.79 -4.90 -1.10
C CYS A 41 6.10 -5.52 -0.66
N SER A 42 7.13 -4.68 -0.61
CA SER A 42 8.46 -5.13 -0.21
C SER A 42 8.39 -5.78 1.17
N LYS A 43 7.59 -5.17 2.04
CA LYS A 43 7.44 -5.67 3.39
C LYS A 43 6.91 -7.11 3.35
N CYS A 44 6.01 -7.34 2.39
CA CYS A 44 5.43 -8.66 2.22
C CYS A 44 6.13 -9.35 1.05
N GLU A 45 7.30 -8.83 0.71
CA GLU A 45 8.08 -9.38 -0.38
C GLU A 45 7.18 -9.68 -1.58
N PHE A 46 6.33 -8.72 -1.89
CA PHE A 46 5.41 -8.86 -3.01
C PHE A 46 5.95 -8.14 -4.25
N ASP A 47 5.18 -8.26 -5.33
CA ASP A 47 5.57 -7.64 -6.59
C ASP A 47 4.69 -6.41 -6.84
N PRO A 48 5.31 -5.21 -6.64
CA PRO A 48 4.59 -3.96 -6.83
C PRO A 48 4.41 -3.67 -8.33
N LEU A 49 4.94 -4.56 -9.15
CA LEU A 49 4.84 -4.41 -10.59
C LEU A 49 3.39 -4.62 -11.02
N HIS A 50 2.73 -5.53 -10.33
CA HIS A 50 1.34 -5.83 -10.63
C HIS A 50 0.56 -6.03 -9.32
N THR A 51 0.57 -4.99 -8.50
CA THR A 51 -0.12 -5.04 -7.23
C THR A 51 -1.16 -3.92 -7.15
N LEU A 52 -2.32 -4.27 -6.63
CA LEU A 52 -3.40 -3.31 -6.50
C LEU A 52 -3.67 -3.06 -5.02
N LEU A 53 -4.33 -1.93 -4.74
CA LEU A 53 -4.65 -1.56 -3.38
C LEU A 53 -6.16 -1.43 -3.23
N LEU A 54 -6.77 -2.49 -2.72
CA LEU A 54 -8.21 -2.52 -2.53
C LEU A 54 -8.53 -2.15 -1.08
N LYS A 55 -9.78 -1.78 -0.87
CA LYS A 55 -10.23 -1.40 0.47
C LYS A 55 -9.85 -2.50 1.46
N ASP A 56 -10.37 -3.70 1.19
CA ASP A 56 -10.10 -4.84 2.03
C ASP A 56 -10.27 -6.13 1.23
N TYR A 57 -10.01 -7.24 1.90
CA TYR A 57 -10.12 -8.54 1.25
C TYR A 57 -11.52 -8.74 0.65
N GLN A 58 -12.52 -8.43 1.47
CA GLN A 58 -13.90 -8.56 1.03
C GLN A 58 -14.20 -7.59 -0.10
N SER A 59 -14.08 -6.31 0.21
CA SER A 59 -14.34 -5.27 -0.77
C SER A 59 -13.44 -5.48 -1.99
N GLN A 60 -13.84 -4.85 -3.10
CA GLN A 60 -13.08 -4.96 -4.33
C GLN A 60 -12.84 -3.57 -4.92
N GLU A 61 -13.11 -2.55 -4.12
CA GLU A 61 -12.94 -1.18 -4.55
C GLU A 61 -11.46 -0.78 -4.42
N PRO A 62 -10.89 -0.33 -5.56
CA PRO A 62 -9.50 0.10 -5.59
C PRO A 62 -9.32 1.46 -4.93
N LEU A 63 -8.19 1.60 -4.25
CA LEU A 63 -7.88 2.85 -3.57
C LEU A 63 -7.03 3.73 -4.48
N ASP A 64 -7.02 5.02 -4.17
CA ASP A 64 -6.25 5.98 -4.94
C ASP A 64 -4.86 6.14 -4.33
N LEU A 65 -3.86 5.80 -5.11
CA LEU A 65 -2.49 5.89 -4.65
C LEU A 65 -2.14 7.36 -4.39
N THR A 66 -2.70 8.23 -5.23
CA THR A 66 -2.46 9.65 -5.09
C THR A 66 -2.95 10.15 -3.74
N LYS A 67 -3.72 9.31 -3.07
CA LYS A 67 -4.26 9.65 -1.76
C LYS A 67 -3.46 8.91 -0.69
N SER A 68 -3.34 9.55 0.46
CA SER A 68 -2.61 8.96 1.57
C SER A 68 -3.59 8.34 2.56
N LEU A 69 -3.04 7.75 3.61
CA LEU A 69 -3.85 7.10 4.64
C LEU A 69 -4.70 8.16 5.35
N ASN A 70 -4.15 9.37 5.41
CA ASN A 70 -4.84 10.47 6.06
C ASN A 70 -5.99 10.94 5.17
N ASP A 71 -5.67 11.16 3.90
CA ASP A 71 -6.66 11.60 2.94
C ASP A 71 -7.79 10.58 2.86
N LEU A 72 -7.40 9.32 2.72
CA LEU A 72 -8.36 8.24 2.63
C LEU A 72 -9.09 8.11 3.96
N GLY A 73 -8.31 8.00 5.02
CA GLY A 73 -8.87 7.87 6.36
C GLY A 73 -8.98 6.39 6.77
N LEU A 74 -8.08 5.60 6.20
CA LEU A 74 -8.07 4.17 6.50
C LEU A 74 -6.77 3.82 7.23
N ARG A 75 -6.81 2.70 7.93
CA ARG A 75 -5.65 2.24 8.68
C ARG A 75 -5.21 0.85 8.18
N GLU A 76 -5.87 0.41 7.12
CA GLU A 76 -5.56 -0.88 6.54
C GLU A 76 -5.88 -0.88 5.04
N LEU A 77 -5.36 -1.89 4.36
CA LEU A 77 -5.58 -2.02 2.93
C LEU A 77 -5.30 -3.46 2.50
N TYR A 78 -5.65 -3.76 1.26
CA TYR A 78 -5.44 -5.09 0.72
C TYR A 78 -4.56 -5.04 -0.54
N ALA A 79 -3.71 -6.04 -0.66
CA ALA A 79 -2.82 -6.12 -1.81
C ALA A 79 -3.27 -7.25 -2.73
N MET A 80 -3.77 -6.85 -3.90
CA MET A 80 -4.24 -7.82 -4.87
C MET A 80 -3.15 -8.14 -5.90
N ASP A 81 -3.09 -9.42 -6.27
CA ASP A 81 -2.11 -9.87 -7.24
C ASP A 81 -2.75 -9.92 -8.62
N VAL A 82 -2.30 -9.03 -9.49
CA VAL A 82 -2.83 -8.97 -10.85
C VAL A 82 -1.74 -9.41 -11.83
N ASN A 83 -1.41 -10.70 -11.75
CA ASN A 83 -0.40 -11.27 -12.63
C ASN A 83 -1.08 -11.87 -13.86
N ARG A 84 -1.93 -12.85 -13.61
CA ARG A 84 -2.64 -13.51 -14.69
C ARG A 84 -3.23 -12.49 -15.66
N GLU A 85 -4.09 -11.65 -15.12
CA GLU A 85 -4.72 -10.60 -15.93
C GLU A 85 -4.66 -9.26 -15.20
N SER A 86 -4.58 -8.20 -16.00
CA SER A 86 -4.52 -6.86 -15.44
C SER A 86 -5.86 -6.15 -15.62
N GLY A 87 -6.28 -6.05 -16.87
CA GLY A 87 -7.54 -5.41 -17.19
C GLY A 87 -7.31 -4.11 -17.98
N PRO A 88 -8.44 -3.40 -18.23
CA PRO A 88 -8.37 -2.14 -18.97
C PRO A 88 -7.81 -1.03 -18.10
N SER A 89 -6.96 -0.21 -18.71
CA SER A 89 -6.34 0.91 -18.01
C SER A 89 -5.55 1.77 -18.99
N SER A 90 -6.17 2.87 -19.40
CA SER A 90 -5.53 3.78 -20.33
C SER A 90 -4.08 4.02 -19.92
N GLY A 91 -3.18 3.73 -20.85
CA GLY A 91 -1.76 3.91 -20.59
C GLY A 91 -1.31 5.32 -20.99
N GLY A 1 19.64 24.41 6.69
CA GLY A 1 18.58 24.42 5.71
C GLY A 1 17.29 23.78 6.27
N SER A 2 16.80 22.79 5.55
CA SER A 2 15.60 22.09 5.96
C SER A 2 15.94 20.67 6.41
N SER A 3 15.10 20.15 7.29
CA SER A 3 15.30 18.80 7.81
C SER A 3 13.96 18.06 7.90
N GLY A 4 14.06 16.75 8.05
CA GLY A 4 12.87 15.92 8.15
C GLY A 4 12.09 15.92 6.84
N SER A 5 11.27 14.90 6.66
CA SER A 5 10.47 14.77 5.46
C SER A 5 9.38 13.71 5.67
N SER A 6 9.83 12.50 5.96
CA SER A 6 8.91 11.39 6.18
C SER A 6 9.68 10.17 6.69
N GLY A 7 9.79 10.08 8.00
CA GLY A 7 10.49 8.96 8.62
C GLY A 7 9.73 8.45 9.84
N GLU A 8 10.08 9.01 11.00
CA GLU A 8 9.45 8.63 12.25
C GLU A 8 7.95 8.90 12.18
N LYS A 9 7.31 8.79 13.34
CA LYS A 9 5.87 9.02 13.43
C LYS A 9 5.16 8.15 12.39
N THR A 10 5.38 6.85 12.52
CA THR A 10 4.76 5.91 11.60
C THR A 10 3.56 5.22 12.26
N VAL A 11 2.56 4.91 11.45
CA VAL A 11 1.36 4.27 11.95
C VAL A 11 1.36 2.80 11.52
N ARG A 12 0.66 1.99 12.30
CA ARG A 12 0.57 0.57 12.01
C ARG A 12 -0.53 0.29 11.00
N VAL A 13 -0.12 -0.17 9.83
CA VAL A 13 -1.07 -0.47 8.77
C VAL A 13 -1.25 -1.99 8.67
N VAL A 14 -2.49 -2.39 8.44
CA VAL A 14 -2.80 -3.81 8.32
C VAL A 14 -2.74 -4.22 6.85
N ILE A 15 -1.69 -4.96 6.51
CA ILE A 15 -1.49 -5.42 5.16
C ILE A 15 -2.06 -6.84 5.02
N ASN A 16 -3.26 -6.90 4.45
CA ASN A 16 -3.92 -8.18 4.25
C ASN A 16 -3.55 -8.73 2.87
N PHE A 17 -3.12 -9.98 2.86
CA PHE A 17 -2.74 -10.64 1.62
C PHE A 17 -3.11 -12.12 1.64
N LYS A 18 -3.29 -12.67 0.45
CA LYS A 18 -3.66 -14.08 0.32
C LYS A 18 -5.09 -14.28 0.81
N LYS A 19 -5.75 -13.16 1.09
CA LYS A 19 -7.12 -13.19 1.56
C LYS A 19 -7.21 -14.14 2.77
N THR A 20 -6.11 -14.21 3.50
CA THR A 20 -6.05 -15.07 4.68
C THR A 20 -4.98 -14.57 5.65
N GLN A 21 -3.80 -14.34 5.10
CA GLN A 21 -2.69 -13.86 5.91
C GLN A 21 -2.61 -12.33 5.85
N LYS A 22 -2.03 -11.76 6.90
CA LYS A 22 -1.89 -10.31 6.98
C LYS A 22 -0.63 -9.97 7.78
N THR A 23 -0.09 -8.80 7.50
CA THR A 23 1.12 -8.35 8.18
C THR A 23 1.00 -6.86 8.54
N ILE A 24 1.59 -6.51 9.67
CA ILE A 24 1.56 -5.12 10.12
C ILE A 24 2.89 -4.46 9.79
N VAL A 25 2.81 -3.18 9.44
CA VAL A 25 3.99 -2.41 9.11
C VAL A 25 3.85 -0.99 9.63
N ARG A 26 4.99 -0.36 9.89
CA ARG A 26 4.98 1.00 10.39
C ARG A 26 5.58 1.95 9.34
N VAL A 27 4.72 2.79 8.79
CA VAL A 27 5.14 3.75 7.78
C VAL A 27 4.43 5.08 8.02
N SER A 28 4.86 6.08 7.26
CA SER A 28 4.27 7.41 7.39
C SER A 28 2.92 7.46 6.67
N PRO A 29 1.91 7.98 7.41
CA PRO A 29 0.56 8.09 6.86
C PRO A 29 0.47 9.24 5.86
N HIS A 30 1.49 10.08 5.88
CA HIS A 30 1.55 11.22 4.98
C HIS A 30 1.82 10.73 3.55
N ALA A 31 3.00 10.15 3.38
CA ALA A 31 3.39 9.64 2.08
C ALA A 31 2.21 8.93 1.42
N SER A 32 2.12 9.08 0.11
CA SER A 32 1.03 8.46 -0.64
C SER A 32 1.32 6.97 -0.84
N LEU A 33 0.24 6.20 -0.93
CA LEU A 33 0.36 4.77 -1.11
C LEU A 33 1.32 4.49 -2.28
N GLN A 34 1.35 5.42 -3.21
CA GLN A 34 2.22 5.29 -4.37
C GLN A 34 3.66 5.08 -3.94
N GLU A 35 4.02 5.72 -2.84
CA GLU A 35 5.37 5.61 -2.30
C GLU A 35 5.44 4.48 -1.28
N LEU A 36 4.28 4.14 -0.74
CA LEU A 36 4.20 3.07 0.25
C LEU A 36 3.82 1.76 -0.44
N ALA A 37 3.81 1.82 -1.77
CA ALA A 37 3.46 0.65 -2.56
C ALA A 37 4.56 -0.40 -2.42
N PRO A 38 5.83 0.06 -2.60
CA PRO A 38 6.97 -0.83 -2.50
C PRO A 38 7.27 -1.16 -1.03
N ILE A 39 7.23 -0.12 -0.21
CA ILE A 39 7.49 -0.29 1.21
C ILE A 39 6.55 -1.36 1.78
N ILE A 40 5.34 -1.39 1.25
CA ILE A 40 4.35 -2.36 1.69
C ILE A 40 4.61 -3.70 1.00
N CYS A 41 4.50 -3.68 -0.32
CA CYS A 41 4.72 -4.88 -1.11
C CYS A 41 6.00 -5.55 -0.61
N SER A 42 7.05 -4.74 -0.50
CA SER A 42 8.34 -5.24 -0.04
C SER A 42 8.15 -6.01 1.27
N LYS A 43 7.54 -5.35 2.24
CA LYS A 43 7.30 -5.96 3.54
C LYS A 43 6.59 -7.30 3.35
N CYS A 44 5.73 -7.33 2.34
CA CYS A 44 4.98 -8.55 2.03
C CYS A 44 5.68 -9.26 0.86
N GLU A 45 6.94 -8.91 0.66
CA GLU A 45 7.71 -9.51 -0.41
C GLU A 45 6.84 -9.69 -1.66
N PHE A 46 5.95 -8.74 -1.85
CA PHE A 46 5.05 -8.79 -3.00
C PHE A 46 5.61 -8.00 -4.18
N ASP A 47 5.06 -8.26 -5.35
CA ASP A 47 5.50 -7.58 -6.55
C ASP A 47 4.55 -6.42 -6.85
N PRO A 48 5.10 -5.18 -6.74
CA PRO A 48 4.31 -3.98 -6.98
C PRO A 48 4.10 -3.78 -8.49
N LEU A 49 4.66 -4.70 -9.26
CA LEU A 49 4.55 -4.62 -10.72
C LEU A 49 3.07 -4.66 -11.10
N HIS A 50 2.35 -5.60 -10.50
CA HIS A 50 0.93 -5.75 -10.78
C HIS A 50 0.17 -5.90 -9.46
N THR A 51 0.31 -4.89 -8.61
CA THR A 51 -0.36 -4.91 -7.31
C THR A 51 -1.42 -3.81 -7.25
N LEU A 52 -2.49 -4.11 -6.53
CA LEU A 52 -3.58 -3.16 -6.38
C LEU A 52 -3.81 -2.88 -4.90
N LEU A 53 -4.48 -1.76 -4.64
CA LEU A 53 -4.77 -1.37 -3.27
C LEU A 53 -6.29 -1.22 -3.10
N LEU A 54 -6.88 -2.20 -2.44
CA LEU A 54 -8.31 -2.20 -2.20
C LEU A 54 -8.58 -1.68 -0.78
N LYS A 55 -9.84 -1.33 -0.56
CA LYS A 55 -10.25 -0.83 0.75
C LYS A 55 -9.80 -1.81 1.83
N ASP A 56 -10.37 -3.01 1.78
CA ASP A 56 -10.04 -4.04 2.74
C ASP A 56 -10.37 -5.41 2.14
N TYR A 57 -10.25 -6.44 2.98
CA TYR A 57 -10.53 -7.79 2.56
C TYR A 57 -11.98 -7.93 2.08
N GLN A 58 -12.87 -7.27 2.81
CA GLN A 58 -14.29 -7.31 2.47
C GLN A 58 -14.53 -6.57 1.15
N SER A 59 -14.47 -5.26 1.23
CA SER A 59 -14.69 -4.43 0.06
C SER A 59 -13.73 -4.85 -1.06
N GLN A 60 -14.02 -4.36 -2.26
CA GLN A 60 -13.20 -4.66 -3.42
C GLN A 60 -12.94 -3.39 -4.24
N GLU A 61 -13.22 -2.26 -3.62
CA GLU A 61 -13.02 -0.98 -4.28
C GLU A 61 -11.54 -0.59 -4.23
N PRO A 62 -11.04 -0.13 -5.41
CA PRO A 62 -9.65 0.29 -5.52
C PRO A 62 -9.43 1.64 -4.85
N LEU A 63 -8.31 1.75 -4.15
CA LEU A 63 -7.96 2.97 -3.46
C LEU A 63 -7.12 3.85 -4.39
N ASP A 64 -7.11 5.14 -4.09
CA ASP A 64 -6.35 6.09 -4.88
C ASP A 64 -4.97 6.28 -4.25
N LEU A 65 -3.95 6.03 -5.07
CA LEU A 65 -2.57 6.17 -4.61
C LEU A 65 -2.34 7.60 -4.11
N THR A 66 -2.58 8.54 -5.02
CA THR A 66 -2.41 9.95 -4.69
C THR A 66 -2.90 10.23 -3.27
N LYS A 67 -3.91 9.47 -2.87
CA LYS A 67 -4.48 9.63 -1.54
C LYS A 67 -3.65 8.83 -0.53
N SER A 68 -3.49 9.41 0.65
CA SER A 68 -2.74 8.76 1.70
C SER A 68 -3.67 8.31 2.83
N LEU A 69 -3.11 7.54 3.76
CA LEU A 69 -3.88 7.04 4.87
C LEU A 69 -4.64 8.19 5.53
N ASN A 70 -4.05 9.38 5.42
CA ASN A 70 -4.66 10.57 5.99
C ASN A 70 -5.86 10.99 5.14
N ASP A 71 -5.61 11.09 3.84
CA ASP A 71 -6.66 11.48 2.91
C ASP A 71 -7.78 10.44 2.95
N LEU A 72 -7.39 9.19 2.78
CA LEU A 72 -8.35 8.10 2.80
C LEU A 72 -8.98 7.99 4.19
N GLY A 73 -8.14 7.93 5.19
CA GLY A 73 -8.60 7.83 6.56
C GLY A 73 -8.74 6.37 6.99
N LEU A 74 -8.00 5.51 6.30
CA LEU A 74 -8.03 4.08 6.60
C LEU A 74 -6.73 3.69 7.30
N ARG A 75 -6.78 2.56 7.99
CA ARG A 75 -5.62 2.07 8.71
C ARG A 75 -5.29 0.65 8.27
N GLU A 76 -5.94 0.23 7.18
CA GLU A 76 -5.73 -1.09 6.64
C GLU A 76 -6.05 -1.12 5.15
N LEU A 77 -5.39 -2.03 4.45
CA LEU A 77 -5.60 -2.17 3.01
C LEU A 77 -5.22 -3.59 2.58
N TYR A 78 -5.56 -3.91 1.34
CA TYR A 78 -5.26 -5.22 0.79
C TYR A 78 -4.48 -5.11 -0.51
N ALA A 79 -3.61 -6.09 -0.74
CA ALA A 79 -2.79 -6.10 -1.94
C ALA A 79 -3.30 -7.21 -2.88
N MET A 80 -3.87 -6.77 -3.99
CA MET A 80 -4.40 -7.70 -4.98
C MET A 80 -3.43 -7.88 -6.14
N ASP A 81 -3.21 -9.13 -6.50
CA ASP A 81 -2.30 -9.45 -7.59
C ASP A 81 -3.10 -9.54 -8.90
N VAL A 82 -2.96 -8.52 -9.72
CA VAL A 82 -3.65 -8.48 -10.99
C VAL A 82 -2.63 -8.59 -12.13
N ASN A 83 -2.86 -7.80 -13.17
CA ASN A 83 -1.98 -7.81 -14.32
C ASN A 83 -2.00 -6.42 -14.99
N ARG A 84 -0.84 -5.78 -14.99
CA ARG A 84 -0.72 -4.47 -15.58
C ARG A 84 0.32 -4.48 -16.70
N GLU A 85 -0.16 -4.70 -17.92
CA GLU A 85 0.71 -4.73 -19.07
C GLU A 85 1.63 -5.96 -19.01
N SER A 86 2.68 -5.83 -18.21
CA SER A 86 3.64 -6.91 -18.06
C SER A 86 4.06 -7.01 -16.59
N GLY A 87 4.57 -8.19 -16.24
CA GLY A 87 5.03 -8.43 -14.87
C GLY A 87 6.56 -8.55 -14.81
N PRO A 88 7.03 -9.43 -13.89
CA PRO A 88 8.45 -9.64 -13.72
C PRO A 88 9.02 -10.49 -14.87
N SER A 89 9.46 -9.79 -15.90
CA SER A 89 10.03 -10.47 -17.06
C SER A 89 11.08 -9.57 -17.72
N SER A 90 10.64 -8.38 -18.11
CA SER A 90 11.52 -7.42 -18.75
C SER A 90 10.96 -6.02 -18.62
N GLY A 91 9.74 -5.84 -19.14
CA GLY A 91 9.09 -4.55 -19.08
C GLY A 91 8.75 -4.05 -20.49
N GLY A 1 13.84 12.26 1.21
CA GLY A 1 14.51 11.37 2.16
C GLY A 1 15.64 12.11 2.88
N SER A 2 15.83 11.72 4.14
CA SER A 2 16.87 12.33 4.95
C SER A 2 17.31 11.35 6.04
N SER A 3 18.42 10.67 5.78
CA SER A 3 18.96 9.71 6.73
C SER A 3 18.95 10.31 8.13
N GLY A 4 19.02 11.63 8.19
CA GLY A 4 19.03 12.33 9.46
C GLY A 4 17.77 13.20 9.62
N SER A 5 17.04 12.92 10.69
CA SER A 5 15.81 13.67 10.96
C SER A 5 15.52 13.65 12.46
N SER A 6 14.58 14.49 12.86
CA SER A 6 14.19 14.59 14.25
C SER A 6 12.67 14.76 14.36
N GLY A 7 11.99 13.65 14.50
CA GLY A 7 10.54 13.66 14.63
C GLY A 7 9.91 12.47 13.89
N GLU A 8 8.94 12.79 13.04
CA GLU A 8 8.25 11.77 12.28
C GLU A 8 7.58 10.76 13.21
N LYS A 9 6.54 10.13 12.70
CA LYS A 9 5.80 9.14 13.47
C LYS A 9 5.05 8.22 12.51
N THR A 10 5.50 6.97 12.47
CA THR A 10 4.88 5.98 11.61
C THR A 10 3.71 5.31 12.34
N VAL A 11 2.75 4.84 11.54
CA VAL A 11 1.59 4.17 12.09
C VAL A 11 1.58 2.71 11.64
N ARG A 12 0.90 1.89 12.42
CA ARG A 12 0.81 0.48 12.11
C ARG A 12 -0.34 0.22 11.13
N VAL A 13 0.02 -0.25 9.95
CA VAL A 13 -0.98 -0.53 8.92
C VAL A 13 -1.11 -2.04 8.77
N VAL A 14 -2.35 -2.47 8.51
CA VAL A 14 -2.63 -3.88 8.34
C VAL A 14 -2.57 -4.23 6.85
N ILE A 15 -1.62 -5.08 6.50
CA ILE A 15 -1.46 -5.51 5.12
C ILE A 15 -2.00 -6.92 4.95
N ASN A 16 -3.23 -6.99 4.44
CA ASN A 16 -3.87 -8.28 4.22
C ASN A 16 -3.48 -8.82 2.85
N PHE A 17 -2.91 -10.01 2.85
CA PHE A 17 -2.49 -10.64 1.62
C PHE A 17 -2.70 -12.16 1.67
N LYS A 18 -2.52 -12.79 0.52
CA LYS A 18 -2.69 -14.24 0.42
C LYS A 18 -4.17 -14.58 0.55
N LYS A 19 -4.99 -13.54 0.56
CA LYS A 19 -6.44 -13.72 0.68
C LYS A 19 -6.76 -14.46 1.97
N THR A 20 -6.01 -14.11 3.02
CA THR A 20 -6.21 -14.74 4.31
C THR A 20 -5.16 -14.24 5.31
N GLN A 21 -3.91 -14.22 4.85
CA GLN A 21 -2.82 -13.77 5.68
C GLN A 21 -2.78 -12.24 5.74
N LYS A 22 -2.21 -11.73 6.83
CA LYS A 22 -2.12 -10.30 7.01
C LYS A 22 -0.86 -9.98 7.82
N THR A 23 -0.30 -8.81 7.55
CA THR A 23 0.91 -8.38 8.24
C THR A 23 0.79 -6.91 8.65
N ILE A 24 1.65 -6.51 9.57
CA ILE A 24 1.65 -5.15 10.07
C ILE A 24 2.97 -4.47 9.68
N VAL A 25 2.87 -3.18 9.41
CA VAL A 25 4.05 -2.41 9.04
C VAL A 25 3.91 -0.98 9.57
N ARG A 26 5.06 -0.36 9.80
CA ARG A 26 5.08 1.00 10.30
C ARG A 26 5.61 1.96 9.24
N VAL A 27 4.71 2.78 8.72
CA VAL A 27 5.08 3.75 7.70
C VAL A 27 4.45 5.11 8.03
N SER A 28 4.68 6.06 7.13
CA SER A 28 4.14 7.39 7.32
C SER A 28 2.75 7.49 6.69
N PRO A 29 1.77 7.94 7.53
CA PRO A 29 0.40 8.08 7.07
C PRO A 29 0.25 9.31 6.17
N HIS A 30 1.33 10.04 6.04
CA HIS A 30 1.33 11.24 5.20
C HIS A 30 1.66 10.86 3.76
N ALA A 31 2.73 10.07 3.62
CA ALA A 31 3.17 9.64 2.30
C ALA A 31 1.99 8.99 1.57
N SER A 32 2.05 9.03 0.25
CA SER A 32 1.00 8.46 -0.57
C SER A 32 1.27 6.96 -0.78
N LEU A 33 0.19 6.20 -0.86
CA LEU A 33 0.30 4.77 -1.06
C LEU A 33 1.29 4.48 -2.19
N GLN A 34 1.27 5.35 -3.18
CA GLN A 34 2.16 5.22 -4.32
C GLN A 34 3.60 5.02 -3.84
N GLU A 35 3.93 5.70 -2.76
CA GLU A 35 5.26 5.62 -2.19
C GLU A 35 5.34 4.47 -1.18
N LEU A 36 4.17 4.12 -0.65
CA LEU A 36 4.09 3.04 0.32
C LEU A 36 3.74 1.74 -0.39
N ALA A 37 3.80 1.79 -1.71
CA ALA A 37 3.48 0.61 -2.51
C ALA A 37 4.59 -0.43 -2.35
N PRO A 38 5.86 0.05 -2.51
CA PRO A 38 7.01 -0.83 -2.38
C PRO A 38 7.29 -1.14 -0.91
N ILE A 39 7.21 -0.11 -0.08
CA ILE A 39 7.44 -0.26 1.34
C ILE A 39 6.50 -1.34 1.89
N ILE A 40 5.33 -1.43 1.28
CA ILE A 40 4.35 -2.41 1.71
C ILE A 40 4.62 -3.74 1.02
N CYS A 41 4.57 -3.71 -0.30
CA CYS A 41 4.81 -4.91 -1.10
C CYS A 41 6.11 -5.55 -0.60
N SER A 42 7.16 -4.74 -0.55
CA SER A 42 8.45 -5.21 -0.09
C SER A 42 8.31 -5.93 1.25
N LYS A 43 7.62 -5.26 2.17
CA LYS A 43 7.40 -5.80 3.49
C LYS A 43 6.84 -7.22 3.36
N CYS A 44 5.95 -7.39 2.40
CA CYS A 44 5.34 -8.68 2.16
C CYS A 44 6.02 -9.34 0.96
N GLU A 45 7.25 -8.89 0.71
CA GLU A 45 8.02 -9.42 -0.40
C GLU A 45 7.12 -9.66 -1.61
N PHE A 46 6.30 -8.65 -1.90
CA PHE A 46 5.39 -8.74 -3.03
C PHE A 46 5.92 -7.95 -4.23
N ASP A 47 5.26 -8.14 -5.36
CA ASP A 47 5.65 -7.45 -6.58
C ASP A 47 4.63 -6.36 -6.90
N PRO A 48 5.11 -5.09 -6.82
CA PRO A 48 4.25 -3.94 -7.09
C PRO A 48 4.00 -3.80 -8.60
N LEU A 49 4.58 -4.72 -9.35
CA LEU A 49 4.43 -4.70 -10.80
C LEU A 49 2.95 -4.80 -11.15
N HIS A 50 2.29 -5.77 -10.54
CA HIS A 50 0.87 -5.98 -10.78
C HIS A 50 0.14 -6.12 -9.44
N THR A 51 0.24 -5.06 -8.64
CA THR A 51 -0.41 -5.05 -7.33
C THR A 51 -1.40 -3.88 -7.25
N LEU A 52 -2.45 -4.11 -6.48
CA LEU A 52 -3.47 -3.10 -6.29
C LEU A 52 -3.65 -2.80 -4.80
N LEU A 53 -4.37 -1.73 -4.51
CA LEU A 53 -4.61 -1.34 -3.14
C LEU A 53 -6.11 -1.10 -2.94
N LEU A 54 -6.75 -2.10 -2.35
CA LEU A 54 -8.18 -2.02 -2.09
C LEU A 54 -8.41 -1.73 -0.60
N LYS A 55 -9.63 -1.31 -0.30
CA LYS A 55 -9.99 -1.00 1.08
C LYS A 55 -9.80 -2.24 1.95
N ASP A 56 -10.37 -3.34 1.48
CA ASP A 56 -10.26 -4.60 2.21
C ASP A 56 -10.43 -5.77 1.23
N TYR A 57 -10.43 -6.97 1.78
CA TYR A 57 -10.58 -8.17 0.98
C TYR A 57 -11.98 -8.24 0.35
N GLN A 58 -12.96 -7.77 1.12
CA GLN A 58 -14.34 -7.77 0.66
C GLN A 58 -14.57 -6.65 -0.35
N SER A 59 -14.55 -5.42 0.17
CA SER A 59 -14.74 -4.26 -0.67
C SER A 59 -14.01 -4.44 -2.00
N GLN A 60 -14.54 -3.79 -3.03
CA GLN A 60 -13.93 -3.87 -4.35
C GLN A 60 -13.60 -2.46 -4.87
N GLU A 61 -13.41 -1.55 -3.92
CA GLU A 61 -13.08 -0.18 -4.27
C GLU A 61 -11.58 0.05 -4.17
N PRO A 62 -10.97 0.42 -5.33
CA PRO A 62 -9.54 0.68 -5.38
C PRO A 62 -9.20 2.02 -4.75
N LEU A 63 -8.13 2.02 -3.98
CA LEU A 63 -7.68 3.23 -3.31
C LEU A 63 -6.90 4.10 -4.30
N ASP A 64 -6.83 5.38 -3.98
CA ASP A 64 -6.12 6.32 -4.83
C ASP A 64 -4.68 6.48 -4.33
N LEU A 65 -3.76 5.94 -5.10
CA LEU A 65 -2.34 6.01 -4.75
C LEU A 65 -1.95 7.47 -4.55
N THR A 66 -2.51 8.33 -5.40
CA THR A 66 -2.22 9.75 -5.33
C THR A 66 -2.66 10.32 -3.97
N LYS A 67 -3.45 9.52 -3.26
CA LYS A 67 -3.95 9.93 -1.96
C LYS A 67 -3.09 9.30 -0.87
N SER A 68 -3.43 9.62 0.37
CA SER A 68 -2.70 9.09 1.51
C SER A 68 -3.69 8.50 2.53
N LEU A 69 -3.14 7.68 3.42
CA LEU A 69 -3.95 7.06 4.45
C LEU A 69 -4.79 8.13 5.16
N ASN A 70 -4.24 9.33 5.22
CA ASN A 70 -4.93 10.44 5.85
C ASN A 70 -6.10 10.88 4.97
N ASP A 71 -5.78 11.20 3.73
CA ASP A 71 -6.78 11.63 2.78
C ASP A 71 -7.91 10.60 2.73
N LEU A 72 -7.52 9.33 2.72
CA LEU A 72 -8.48 8.24 2.68
C LEU A 72 -9.17 8.13 4.04
N GLY A 73 -8.39 7.72 5.03
CA GLY A 73 -8.91 7.57 6.38
C GLY A 73 -8.94 6.09 6.78
N LEU A 74 -8.20 5.28 6.03
CA LEU A 74 -8.14 3.86 6.30
C LEU A 74 -6.80 3.54 6.98
N ARG A 75 -6.85 2.55 7.86
CA ARG A 75 -5.67 2.13 8.59
C ARG A 75 -5.16 0.78 8.06
N GLU A 76 -5.99 0.17 7.22
CA GLU A 76 -5.65 -1.11 6.64
C GLU A 76 -5.99 -1.14 5.15
N LEU A 77 -5.27 -1.96 4.42
CA LEU A 77 -5.49 -2.10 2.99
C LEU A 77 -5.20 -3.53 2.55
N TYR A 78 -5.59 -3.83 1.32
CA TYR A 78 -5.38 -5.16 0.78
C TYR A 78 -4.58 -5.10 -0.53
N ALA A 79 -3.75 -6.11 -0.73
CA ALA A 79 -2.92 -6.18 -1.93
C ALA A 79 -3.49 -7.24 -2.86
N MET A 80 -4.04 -6.78 -3.98
CA MET A 80 -4.61 -7.68 -4.97
C MET A 80 -3.62 -7.96 -6.10
N ASP A 81 -3.64 -9.21 -6.55
CA ASP A 81 -2.74 -9.61 -7.63
C ASP A 81 -3.52 -9.64 -8.95
N VAL A 82 -3.17 -8.70 -9.81
CA VAL A 82 -3.83 -8.60 -11.11
C VAL A 82 -2.92 -9.19 -12.19
N ASN A 83 -2.80 -10.52 -12.17
CA ASN A 83 -1.97 -11.21 -13.12
C ASN A 83 -2.81 -11.59 -14.34
N ARG A 84 -3.03 -10.60 -15.21
CA ARG A 84 -3.81 -10.82 -16.41
C ARG A 84 -3.74 -9.60 -17.32
N GLU A 85 -2.76 -9.61 -18.20
CA GLU A 85 -2.56 -8.51 -19.13
C GLU A 85 -2.26 -7.21 -18.37
N SER A 86 -1.08 -6.68 -18.62
CA SER A 86 -0.66 -5.45 -17.97
C SER A 86 -0.05 -4.48 -18.99
N GLY A 87 -0.80 -3.43 -19.27
CA GLY A 87 -0.35 -2.44 -20.23
C GLY A 87 -0.67 -1.02 -19.73
N PRO A 88 0.11 -0.03 -20.27
CA PRO A 88 -0.09 1.35 -19.89
C PRO A 88 -1.34 1.93 -20.57
N SER A 89 -1.70 3.14 -20.14
CA SER A 89 -2.87 3.80 -20.69
C SER A 89 -2.50 5.23 -21.12
N SER A 90 -1.89 5.31 -22.29
CA SER A 90 -1.49 6.61 -22.83
C SER A 90 -1.38 6.53 -24.35
N GLY A 91 -1.57 7.68 -24.99
CA GLY A 91 -1.50 7.76 -26.44
C GLY A 91 -0.78 9.02 -26.89
N GLY A 1 19.71 10.98 9.34
CA GLY A 1 19.77 10.91 7.89
C GLY A 1 20.14 12.26 7.29
N SER A 2 19.56 12.52 6.12
CA SER A 2 19.82 13.79 5.43
C SER A 2 19.57 14.96 6.37
N SER A 3 18.33 15.02 6.87
CA SER A 3 17.96 16.08 7.78
C SER A 3 18.23 15.67 9.22
N GLY A 4 18.58 16.65 10.03
CA GLY A 4 18.88 16.41 11.44
C GLY A 4 17.58 16.25 12.25
N SER A 5 16.84 15.21 11.93
CA SER A 5 15.59 14.94 12.61
C SER A 5 15.20 13.47 12.44
N SER A 6 15.32 12.73 13.53
CA SER A 6 14.99 11.32 13.52
C SER A 6 13.92 11.02 14.57
N GLY A 7 12.69 10.91 14.10
CA GLY A 7 11.57 10.63 14.99
C GLY A 7 10.61 9.62 14.35
N GLU A 8 10.34 8.56 15.10
CA GLU A 8 9.44 7.52 14.62
C GLU A 8 8.00 8.03 14.61
N LYS A 9 7.58 8.49 13.44
CA LYS A 9 6.24 9.01 13.28
C LYS A 9 5.50 8.17 12.23
N THR A 10 5.42 6.87 12.51
CA THR A 10 4.74 5.96 11.60
C THR A 10 3.54 5.31 12.30
N VAL A 11 2.54 4.96 11.49
CA VAL A 11 1.34 4.34 12.02
C VAL A 11 1.30 2.87 11.58
N ARG A 12 0.63 2.06 12.40
CA ARG A 12 0.52 0.65 12.11
C ARG A 12 -0.59 0.40 11.08
N VAL A 13 -0.18 -0.15 9.94
CA VAL A 13 -1.11 -0.44 8.87
C VAL A 13 -1.27 -1.96 8.73
N VAL A 14 -2.50 -2.38 8.48
CA VAL A 14 -2.80 -3.79 8.33
C VAL A 14 -2.76 -4.15 6.84
N ILE A 15 -1.77 -4.96 6.49
CA ILE A 15 -1.61 -5.39 5.10
C ILE A 15 -2.23 -6.77 4.93
N ASN A 16 -3.36 -6.80 4.23
CA ASN A 16 -4.05 -8.05 3.99
C ASN A 16 -3.64 -8.61 2.62
N PHE A 17 -3.18 -9.85 2.65
CA PHE A 17 -2.74 -10.50 1.42
C PHE A 17 -3.07 -11.99 1.46
N LYS A 18 -3.20 -12.57 0.26
CA LYS A 18 -3.52 -13.98 0.14
C LYS A 18 -4.95 -14.22 0.61
N LYS A 19 -5.65 -13.12 0.86
CA LYS A 19 -7.03 -13.20 1.30
C LYS A 19 -7.13 -14.15 2.50
N THR A 20 -6.03 -14.21 3.25
CA THR A 20 -5.97 -15.07 4.42
C THR A 20 -4.91 -14.56 5.40
N GLN A 21 -3.71 -14.36 4.88
CA GLN A 21 -2.61 -13.89 5.69
C GLN A 21 -2.56 -12.36 5.68
N LYS A 22 -1.90 -11.81 6.69
CA LYS A 22 -1.78 -10.37 6.81
C LYS A 22 -0.48 -10.02 7.54
N THR A 23 0.04 -8.84 7.26
CA THR A 23 1.27 -8.39 7.87
C THR A 23 1.15 -6.91 8.28
N ILE A 24 1.67 -6.61 9.45
CA ILE A 24 1.64 -5.25 9.96
C ILE A 24 2.95 -4.54 9.62
N VAL A 25 2.85 -3.24 9.40
CA VAL A 25 4.02 -2.45 9.08
C VAL A 25 3.83 -1.02 9.59
N ARG A 26 4.94 -0.36 9.87
CA ARG A 26 4.91 1.00 10.37
C ARG A 26 5.49 1.96 9.32
N VAL A 27 4.62 2.79 8.78
CA VAL A 27 5.03 3.76 7.78
C VAL A 27 4.39 5.11 8.08
N SER A 28 4.66 6.07 7.21
CA SER A 28 4.12 7.42 7.38
C SER A 28 2.74 7.50 6.74
N PRO A 29 1.78 8.05 7.53
CA PRO A 29 0.41 8.20 7.06
C PRO A 29 0.29 9.35 6.06
N HIS A 30 1.38 10.11 5.96
CA HIS A 30 1.41 11.24 5.05
C HIS A 30 1.69 10.75 3.63
N ALA A 31 2.88 10.18 3.47
CA ALA A 31 3.29 9.67 2.16
C ALA A 31 2.10 8.97 1.50
N SER A 32 2.07 9.03 0.18
CA SER A 32 1.00 8.40 -0.57
C SER A 32 1.30 6.92 -0.77
N LEU A 33 0.22 6.14 -0.85
CA LEU A 33 0.36 4.70 -1.04
C LEU A 33 1.31 4.43 -2.19
N GLN A 34 1.29 5.32 -3.17
CA GLN A 34 2.14 5.19 -4.33
C GLN A 34 3.60 5.02 -3.91
N GLU A 35 3.95 5.68 -2.82
CA GLU A 35 5.30 5.62 -2.29
C GLU A 35 5.42 4.48 -1.27
N LEU A 36 4.28 4.11 -0.71
CA LEU A 36 4.24 3.05 0.28
C LEU A 36 3.86 1.73 -0.42
N ALA A 37 3.85 1.78 -1.74
CA ALA A 37 3.51 0.60 -2.53
C ALA A 37 4.62 -0.44 -2.37
N PRO A 38 5.88 0.02 -2.57
CA PRO A 38 7.02 -0.87 -2.46
C PRO A 38 7.33 -1.19 -0.99
N ILE A 39 7.23 -0.16 -0.17
CA ILE A 39 7.49 -0.31 1.25
C ILE A 39 6.54 -1.36 1.84
N ILE A 40 5.37 -1.45 1.23
CA ILE A 40 4.37 -2.40 1.68
C ILE A 40 4.61 -3.75 0.99
N CYS A 41 4.58 -3.72 -0.34
CA CYS A 41 4.79 -4.92 -1.12
C CYS A 41 6.10 -5.58 -0.65
N SER A 42 7.14 -4.76 -0.58
CA SER A 42 8.44 -5.24 -0.14
C SER A 42 8.31 -5.91 1.23
N LYS A 43 7.50 -5.30 2.08
CA LYS A 43 7.30 -5.82 3.42
C LYS A 43 6.67 -7.22 3.32
N CYS A 44 5.80 -7.38 2.33
CA CYS A 44 5.13 -8.65 2.13
C CYS A 44 5.87 -9.41 1.02
N GLU A 45 7.05 -8.91 0.68
CA GLU A 45 7.86 -9.52 -0.35
C GLU A 45 7.03 -9.73 -1.63
N PHE A 46 6.20 -8.74 -1.91
CA PHE A 46 5.34 -8.80 -3.09
C PHE A 46 5.96 -8.01 -4.25
N ASP A 47 5.24 -8.02 -5.37
CA ASP A 47 5.71 -7.30 -6.55
C ASP A 47 4.75 -6.16 -6.86
N PRO A 48 5.31 -4.92 -6.79
CA PRO A 48 4.51 -3.73 -7.06
C PRO A 48 4.24 -3.57 -8.56
N LEU A 49 4.78 -4.52 -9.33
CA LEU A 49 4.61 -4.49 -10.77
C LEU A 49 3.13 -4.64 -11.10
N HIS A 50 2.50 -5.64 -10.49
CA HIS A 50 1.09 -5.89 -10.72
C HIS A 50 0.38 -6.03 -9.37
N THR A 51 0.44 -4.96 -8.60
CA THR A 51 -0.20 -4.94 -7.28
C THR A 51 -1.24 -3.82 -7.21
N LEU A 52 -2.30 -4.09 -6.48
CA LEU A 52 -3.37 -3.12 -6.31
C LEU A 52 -3.66 -2.93 -4.82
N LEU A 53 -4.29 -1.81 -4.51
CA LEU A 53 -4.62 -1.50 -3.14
C LEU A 53 -6.14 -1.33 -3.02
N LEU A 54 -6.79 -2.37 -2.52
CA LEU A 54 -8.24 -2.34 -2.35
C LEU A 54 -8.57 -1.85 -0.94
N LYS A 55 -9.78 -1.33 -0.80
CA LYS A 55 -10.24 -0.82 0.48
C LYS A 55 -9.94 -1.85 1.57
N ASP A 56 -10.63 -2.98 1.48
CA ASP A 56 -10.46 -4.05 2.46
C ASP A 56 -10.65 -5.40 1.75
N TYR A 57 -10.27 -6.45 2.46
CA TYR A 57 -10.38 -7.80 1.92
C TYR A 57 -11.75 -8.00 1.26
N GLN A 58 -12.79 -7.60 1.98
CA GLN A 58 -14.15 -7.74 1.49
C GLN A 58 -14.39 -6.78 0.32
N SER A 59 -14.29 -5.49 0.62
CA SER A 59 -14.50 -4.46 -0.38
C SER A 59 -13.55 -4.70 -1.57
N GLN A 60 -14.11 -4.59 -2.76
CA GLN A 60 -13.34 -4.79 -3.97
C GLN A 60 -12.93 -3.44 -4.58
N GLU A 61 -13.46 -2.38 -3.97
CA GLU A 61 -13.16 -1.03 -4.43
C GLU A 61 -11.67 -0.72 -4.22
N PRO A 62 -11.02 -0.28 -5.33
CA PRO A 62 -9.61 0.07 -5.28
C PRO A 62 -9.39 1.40 -4.57
N LEU A 63 -8.13 1.68 -4.27
CA LEU A 63 -7.78 2.92 -3.59
C LEU A 63 -7.06 3.84 -4.58
N ASP A 64 -6.70 5.02 -4.09
CA ASP A 64 -6.00 5.99 -4.91
C ASP A 64 -4.58 6.17 -4.39
N LEU A 65 -3.63 5.66 -5.16
CA LEU A 65 -2.24 5.76 -4.78
C LEU A 65 -1.84 7.23 -4.66
N THR A 66 -2.59 8.07 -5.37
CA THR A 66 -2.33 9.50 -5.35
C THR A 66 -2.78 10.10 -4.02
N LYS A 67 -3.48 9.30 -3.24
CA LYS A 67 -3.97 9.73 -1.95
C LYS A 67 -3.10 9.13 -0.84
N SER A 68 -3.37 9.57 0.38
CA SER A 68 -2.62 9.08 1.52
C SER A 68 -3.57 8.50 2.58
N LEU A 69 -3.00 7.78 3.52
CA LEU A 69 -3.78 7.18 4.58
C LEU A 69 -4.58 8.26 5.31
N ASN A 70 -4.02 9.47 5.29
CA ASN A 70 -4.66 10.61 5.93
C ASN A 70 -5.85 11.05 5.09
N ASP A 71 -5.62 11.16 3.79
CA ASP A 71 -6.66 11.58 2.87
C ASP A 71 -7.76 10.52 2.84
N LEU A 72 -7.34 9.26 2.86
CA LEU A 72 -8.27 8.15 2.84
C LEU A 72 -8.93 8.02 4.21
N GLY A 73 -8.09 7.94 5.23
CA GLY A 73 -8.58 7.81 6.59
C GLY A 73 -8.72 6.34 6.99
N LEU A 74 -7.94 5.51 6.32
CA LEU A 74 -7.97 4.08 6.59
C LEU A 74 -6.65 3.66 7.23
N ARG A 75 -6.74 2.68 8.12
CA ARG A 75 -5.56 2.17 8.80
C ARG A 75 -5.26 0.74 8.36
N GLU A 76 -5.98 0.31 7.33
CA GLU A 76 -5.80 -1.03 6.80
C GLU A 76 -6.18 -1.07 5.31
N LEU A 77 -5.59 -2.02 4.61
CA LEU A 77 -5.86 -2.18 3.19
C LEU A 77 -5.44 -3.59 2.75
N TYR A 78 -5.88 -3.95 1.55
CA TYR A 78 -5.56 -5.26 1.00
C TYR A 78 -4.70 -5.13 -0.26
N ALA A 79 -3.82 -6.10 -0.44
CA ALA A 79 -2.94 -6.11 -1.60
C ALA A 79 -3.40 -7.20 -2.57
N MET A 80 -3.91 -6.73 -3.71
CA MET A 80 -4.40 -7.65 -4.73
C MET A 80 -3.33 -7.86 -5.82
N ASP A 81 -3.32 -9.07 -6.35
CA ASP A 81 -2.36 -9.41 -7.40
C ASP A 81 -3.08 -9.45 -8.75
N VAL A 82 -2.79 -8.46 -9.57
CA VAL A 82 -3.40 -8.36 -10.88
C VAL A 82 -2.33 -8.60 -11.95
N ASN A 83 -2.42 -7.82 -13.01
CA ASN A 83 -1.47 -7.94 -14.11
C ASN A 83 -1.73 -6.83 -15.13
N ARG A 84 -0.98 -5.75 -15.01
CA ARG A 84 -1.12 -4.63 -15.91
C ARG A 84 0.07 -3.67 -15.77
N GLU A 85 0.14 -3.04 -14.61
CA GLU A 85 1.21 -2.11 -14.33
C GLU A 85 1.19 -1.69 -12.85
N SER A 86 2.16 -0.87 -12.48
CA SER A 86 2.26 -0.39 -11.12
C SER A 86 1.40 0.86 -10.94
N GLY A 87 1.75 1.90 -11.69
CA GLY A 87 1.01 3.15 -11.62
C GLY A 87 1.11 3.91 -12.94
N PRO A 88 0.06 4.76 -13.20
CA PRO A 88 0.03 5.55 -14.42
C PRO A 88 1.00 6.72 -14.33
N SER A 89 2.05 6.64 -15.14
CA SER A 89 3.06 7.68 -15.16
C SER A 89 2.86 8.58 -16.39
N SER A 90 2.32 9.76 -16.13
CA SER A 90 2.06 10.71 -17.20
C SER A 90 2.89 11.99 -16.97
N GLY A 91 4.11 11.96 -17.50
CA GLY A 91 5.00 13.10 -17.36
C GLY A 91 4.45 14.32 -18.11
N GLY A 1 20.03 7.22 -1.25
CA GLY A 1 21.13 8.05 -1.70
C GLY A 1 21.28 9.30 -0.83
N SER A 2 22.07 9.16 0.22
CA SER A 2 22.29 10.27 1.14
C SER A 2 20.97 10.65 1.82
N SER A 3 20.82 10.20 3.05
CA SER A 3 19.62 10.49 3.82
C SER A 3 19.88 10.27 5.31
N GLY A 4 19.47 11.25 6.10
CA GLY A 4 19.65 11.17 7.55
C GLY A 4 18.72 12.14 8.27
N SER A 5 17.57 11.63 8.65
CA SER A 5 16.57 12.43 9.35
C SER A 5 15.74 11.55 10.27
N SER A 6 16.08 11.59 11.55
CA SER A 6 15.36 10.80 12.54
C SER A 6 13.94 11.34 12.73
N GLY A 7 13.06 10.46 13.17
CA GLY A 7 11.68 10.85 13.40
C GLY A 7 10.74 9.64 13.21
N GLU A 8 10.47 8.97 14.31
CA GLU A 8 9.60 7.81 14.30
C GLU A 8 8.14 8.24 14.26
N LYS A 9 7.72 8.73 13.09
CA LYS A 9 6.35 9.18 12.92
C LYS A 9 5.63 8.23 11.96
N THR A 10 5.56 6.98 12.37
CA THR A 10 4.89 5.96 11.57
C THR A 10 3.71 5.35 12.34
N VAL A 11 2.77 4.80 11.58
CA VAL A 11 1.60 4.19 12.17
C VAL A 11 1.51 2.73 11.73
N ARG A 12 0.85 1.93 12.55
CA ARG A 12 0.70 0.52 12.26
C ARG A 12 -0.46 0.31 11.27
N VAL A 13 -0.10 -0.18 10.10
CA VAL A 13 -1.10 -0.43 9.07
C VAL A 13 -1.28 -1.95 8.90
N VAL A 14 -2.52 -2.33 8.66
CA VAL A 14 -2.85 -3.74 8.47
C VAL A 14 -2.74 -4.09 6.99
N ILE A 15 -1.74 -4.89 6.68
CA ILE A 15 -1.52 -5.30 5.30
C ILE A 15 -2.07 -6.73 5.11
N ASN A 16 -3.28 -6.79 4.58
CA ASN A 16 -3.92 -8.07 4.34
C ASN A 16 -3.52 -8.59 2.96
N PHE A 17 -2.96 -9.79 2.96
CA PHE A 17 -2.53 -10.41 1.71
C PHE A 17 -2.75 -11.93 1.75
N LYS A 18 -2.55 -12.54 0.59
CA LYS A 18 -2.72 -13.99 0.47
C LYS A 18 -4.22 -14.32 0.57
N LYS A 19 -5.03 -13.28 0.57
CA LYS A 19 -6.47 -13.45 0.66
C LYS A 19 -6.81 -14.23 1.93
N THR A 20 -6.14 -13.86 3.01
CA THR A 20 -6.37 -14.51 4.28
C THR A 20 -5.33 -14.04 5.31
N GLN A 21 -4.08 -14.01 4.88
CA GLN A 21 -3.00 -13.60 5.74
C GLN A 21 -2.93 -12.07 5.80
N LYS A 22 -2.32 -11.58 6.87
CA LYS A 22 -2.19 -10.14 7.07
C LYS A 22 -0.92 -9.85 7.86
N THR A 23 -0.35 -8.68 7.61
CA THR A 23 0.87 -8.28 8.28
C THR A 23 0.80 -6.80 8.67
N ILE A 24 1.45 -6.48 9.77
CA ILE A 24 1.47 -5.11 10.26
C ILE A 24 2.82 -4.48 9.93
N VAL A 25 2.75 -3.19 9.58
CA VAL A 25 3.96 -2.46 9.22
C VAL A 25 3.84 -1.02 9.73
N ARG A 26 4.99 -0.42 9.97
CA ARG A 26 5.03 0.95 10.46
C ARG A 26 5.61 1.88 9.39
N VAL A 27 4.72 2.68 8.80
CA VAL A 27 5.13 3.62 7.77
C VAL A 27 4.42 4.94 7.98
N SER A 28 4.87 5.95 7.26
CA SER A 28 4.30 7.28 7.36
C SER A 28 2.93 7.31 6.67
N PRO A 29 1.90 7.70 7.45
CA PRO A 29 0.54 7.77 6.92
C PRO A 29 0.37 9.00 6.02
N HIS A 30 1.38 9.85 6.03
CA HIS A 30 1.35 11.06 5.22
C HIS A 30 1.61 10.69 3.76
N ALA A 31 2.72 10.04 3.53
CA ALA A 31 3.10 9.64 2.19
C ALA A 31 1.91 8.95 1.52
N SER A 32 1.90 9.02 0.20
CA SER A 32 0.82 8.40 -0.57
C SER A 32 1.12 6.92 -0.81
N LEU A 33 0.06 6.13 -0.83
CA LEU A 33 0.19 4.70 -1.04
C LEU A 33 1.14 4.45 -2.21
N GLN A 34 1.10 5.38 -3.17
CA GLN A 34 1.95 5.26 -4.35
C GLN A 34 3.42 5.10 -3.93
N GLU A 35 3.76 5.73 -2.83
CA GLU A 35 5.13 5.66 -2.31
C GLU A 35 5.25 4.53 -1.29
N LEU A 36 4.11 4.17 -0.72
CA LEU A 36 4.07 3.10 0.26
C LEU A 36 3.70 1.79 -0.42
N ALA A 37 3.70 1.82 -1.75
CA ALA A 37 3.36 0.65 -2.53
C ALA A 37 4.47 -0.38 -2.39
N PRO A 38 5.73 0.09 -2.62
CA PRO A 38 6.89 -0.78 -2.53
C PRO A 38 7.24 -1.07 -1.07
N ILE A 39 7.20 -0.02 -0.26
CA ILE A 39 7.51 -0.16 1.15
C ILE A 39 6.60 -1.22 1.77
N ILE A 40 5.44 -1.40 1.15
CA ILE A 40 4.47 -2.37 1.62
C ILE A 40 4.69 -3.70 0.90
N CYS A 41 4.50 -3.66 -0.41
CA CYS A 41 4.68 -4.84 -1.22
C CYS A 41 6.00 -5.50 -0.84
N SER A 42 7.02 -4.67 -0.72
CA SER A 42 8.34 -5.16 -0.35
C SER A 42 8.25 -6.01 0.92
N LYS A 43 7.45 -5.52 1.86
CA LYS A 43 7.27 -6.22 3.12
C LYS A 43 6.76 -7.63 2.85
N CYS A 44 5.79 -7.72 1.95
CA CYS A 44 5.20 -9.00 1.59
C CYS A 44 5.90 -9.50 0.32
N GLU A 45 7.04 -8.91 0.03
CA GLU A 45 7.81 -9.28 -1.14
C GLU A 45 6.89 -9.39 -2.36
N PHE A 46 6.03 -8.40 -2.52
CA PHE A 46 5.09 -8.37 -3.63
C PHE A 46 5.61 -7.47 -4.76
N ASP A 47 4.91 -7.55 -5.88
CA ASP A 47 5.29 -6.74 -7.03
C ASP A 47 4.40 -5.50 -7.10
N PRO A 48 5.03 -4.33 -6.82
CA PRO A 48 4.31 -3.06 -6.84
C PRO A 48 4.04 -2.62 -8.28
N LEU A 49 4.50 -3.43 -9.22
CA LEU A 49 4.32 -3.12 -10.63
C LEU A 49 2.95 -3.65 -11.08
N HIS A 50 2.60 -4.81 -10.55
CA HIS A 50 1.34 -5.43 -10.88
C HIS A 50 0.53 -5.71 -9.60
N THR A 51 0.55 -4.73 -8.71
CA THR A 51 -0.16 -4.85 -7.45
C THR A 51 -1.18 -3.73 -7.31
N LEU A 52 -2.34 -4.10 -6.76
CA LEU A 52 -3.41 -3.14 -6.57
C LEU A 52 -3.63 -2.92 -5.07
N LEU A 53 -4.40 -1.90 -4.76
CA LEU A 53 -4.71 -1.57 -3.37
C LEU A 53 -6.21 -1.53 -3.18
N LEU A 54 -6.73 -2.59 -2.58
CA LEU A 54 -8.16 -2.69 -2.32
C LEU A 54 -8.45 -2.33 -0.86
N LYS A 55 -9.69 -1.95 -0.61
CA LYS A 55 -10.10 -1.59 0.73
C LYS A 55 -9.70 -2.70 1.71
N ASP A 56 -10.24 -3.89 1.44
CA ASP A 56 -9.95 -5.04 2.28
C ASP A 56 -9.98 -6.30 1.42
N TYR A 57 -9.86 -7.44 2.09
CA TYR A 57 -9.86 -8.72 1.41
C TYR A 57 -11.21 -8.95 0.71
N GLN A 58 -12.24 -8.30 1.23
CA GLN A 58 -13.57 -8.43 0.67
C GLN A 58 -14.16 -7.05 0.39
N SER A 59 -13.80 -6.51 -0.76
CA SER A 59 -14.29 -5.20 -1.15
C SER A 59 -14.26 -5.07 -2.68
N GLN A 60 -13.13 -5.45 -3.25
CA GLN A 60 -12.95 -5.38 -4.69
C GLN A 60 -13.01 -3.92 -5.16
N GLU A 61 -12.68 -3.02 -4.24
CA GLU A 61 -12.69 -1.60 -4.54
C GLU A 61 -11.27 -1.03 -4.46
N PRO A 62 -10.77 -0.57 -5.64
CA PRO A 62 -9.43 0.00 -5.71
C PRO A 62 -9.39 1.40 -5.10
N LEU A 63 -8.32 1.65 -4.36
CA LEU A 63 -8.16 2.95 -3.71
C LEU A 63 -7.42 3.89 -4.66
N ASP A 64 -7.10 5.06 -4.14
CA ASP A 64 -6.40 6.07 -4.93
C ASP A 64 -4.99 6.26 -4.36
N LEU A 65 -4.02 5.72 -5.06
CA LEU A 65 -2.63 5.83 -4.64
C LEU A 65 -2.30 7.30 -4.34
N THR A 66 -2.67 8.15 -5.28
CA THR A 66 -2.42 9.57 -5.14
C THR A 66 -2.79 10.04 -3.73
N LYS A 67 -3.88 9.48 -3.23
CA LYS A 67 -4.34 9.84 -1.89
C LYS A 67 -3.43 9.19 -0.85
N SER A 68 -3.55 9.66 0.38
CA SER A 68 -2.74 9.15 1.47
C SER A 68 -3.63 8.51 2.53
N LEU A 69 -3.01 7.73 3.40
CA LEU A 69 -3.74 7.07 4.47
C LEU A 69 -4.55 8.09 5.25
N ASN A 70 -3.98 9.28 5.39
CA ASN A 70 -4.64 10.36 6.11
C ASN A 70 -5.83 10.86 5.29
N ASP A 71 -5.57 11.10 4.01
CA ASP A 71 -6.61 11.58 3.11
C ASP A 71 -7.75 10.56 3.07
N LEU A 72 -7.39 9.33 2.75
CA LEU A 72 -8.36 8.26 2.68
C LEU A 72 -9.07 8.11 4.02
N GLY A 73 -8.26 7.95 5.06
CA GLY A 73 -8.78 7.79 6.42
C GLY A 73 -8.91 6.32 6.79
N LEU A 74 -8.08 5.50 6.15
CA LEU A 74 -8.09 4.08 6.41
C LEU A 74 -6.81 3.69 7.14
N ARG A 75 -6.91 2.64 7.94
CA ARG A 75 -5.77 2.16 8.70
C ARG A 75 -5.42 0.73 8.28
N GLU A 76 -5.93 0.35 7.13
CA GLU A 76 -5.68 -0.98 6.60
C GLU A 76 -5.99 -1.04 5.11
N LEU A 77 -5.37 -2.00 4.44
CA LEU A 77 -5.57 -2.16 3.00
C LEU A 77 -5.12 -3.56 2.59
N TYR A 78 -5.43 -3.91 1.35
CA TYR A 78 -5.06 -5.21 0.82
C TYR A 78 -4.26 -5.07 -0.48
N ALA A 79 -3.40 -6.05 -0.71
CA ALA A 79 -2.57 -6.04 -1.90
C ALA A 79 -2.98 -7.21 -2.82
N MET A 80 -3.51 -6.84 -3.98
CA MET A 80 -3.94 -7.84 -4.93
C MET A 80 -2.92 -7.98 -6.08
N ASP A 81 -2.75 -9.21 -6.52
CA ASP A 81 -1.82 -9.50 -7.60
C ASP A 81 -2.59 -9.59 -8.92
N VAL A 82 -2.32 -8.63 -9.79
CA VAL A 82 -2.98 -8.59 -11.09
C VAL A 82 -1.93 -8.65 -12.19
N ASN A 83 -2.16 -7.87 -13.24
CA ASN A 83 -1.24 -7.83 -14.36
C ASN A 83 -1.77 -6.85 -15.41
N ARG A 84 -0.90 -5.96 -15.83
CA ARG A 84 -1.26 -4.97 -16.83
C ARG A 84 -0.03 -4.19 -17.29
N GLU A 85 0.36 -4.42 -18.54
CA GLU A 85 1.51 -3.76 -19.11
C GLU A 85 1.12 -2.39 -19.65
N SER A 86 1.99 -1.42 -19.42
CA SER A 86 1.75 -0.07 -19.88
C SER A 86 3.08 0.63 -20.15
N GLY A 87 3.22 1.11 -21.38
CA GLY A 87 4.44 1.80 -21.78
C GLY A 87 4.78 1.51 -23.24
N PRO A 88 5.49 2.48 -23.87
CA PRO A 88 5.89 2.34 -25.26
C PRO A 88 7.05 1.36 -25.41
N SER A 89 8.14 1.69 -24.74
CA SER A 89 9.33 0.86 -24.78
C SER A 89 9.73 0.45 -23.36
N SER A 90 10.65 -0.51 -23.30
CA SER A 90 11.12 -0.99 -22.01
C SER A 90 9.96 -1.63 -21.23
N GLY A 91 10.26 -2.78 -20.65
CA GLY A 91 9.25 -3.51 -19.88
C GLY A 91 8.98 -2.80 -18.55
N GLY A 1 6.43 21.11 1.84
CA GLY A 1 6.93 20.96 3.20
C GLY A 1 7.25 22.32 3.81
N SER A 2 6.87 22.47 5.08
CA SER A 2 7.12 23.72 5.79
C SER A 2 8.38 23.59 6.64
N SER A 3 9.35 24.45 6.35
CA SER A 3 10.60 24.45 7.07
C SER A 3 10.34 24.28 8.57
N GLY A 4 11.28 23.64 9.23
CA GLY A 4 11.16 23.40 10.66
C GLY A 4 11.80 22.07 11.06
N SER A 5 11.61 21.70 12.32
CA SER A 5 12.16 20.46 12.83
C SER A 5 11.52 19.27 12.12
N SER A 6 10.21 19.18 12.25
CA SER A 6 9.46 18.10 11.63
C SER A 6 10.01 16.75 12.10
N GLY A 7 9.34 16.19 13.10
CA GLY A 7 9.75 14.91 13.65
C GLY A 7 9.29 13.76 12.75
N GLU A 8 8.98 12.65 13.39
CA GLU A 8 8.54 11.47 12.66
C GLU A 8 7.56 10.66 13.52
N LYS A 9 6.59 10.06 12.83
CA LYS A 9 5.59 9.26 13.52
C LYS A 9 4.91 8.33 12.51
N THR A 10 5.21 7.04 12.64
CA THR A 10 4.64 6.05 11.75
C THR A 10 3.41 5.40 12.39
N VAL A 11 2.48 5.00 11.54
CA VAL A 11 1.26 4.36 12.01
C VAL A 11 1.28 2.88 11.63
N ARG A 12 0.59 2.09 12.43
CA ARG A 12 0.52 0.66 12.19
C ARG A 12 -0.57 0.34 11.17
N VAL A 13 -0.13 -0.06 9.99
CA VAL A 13 -1.06 -0.39 8.92
C VAL A 13 -1.14 -1.91 8.78
N VAL A 14 -2.33 -2.38 8.44
CA VAL A 14 -2.56 -3.80 8.26
C VAL A 14 -2.51 -4.14 6.78
N ILE A 15 -1.63 -5.07 6.44
CA ILE A 15 -1.47 -5.49 5.06
C ILE A 15 -2.02 -6.91 4.91
N ASN A 16 -3.29 -6.98 4.50
CA ASN A 16 -3.94 -8.26 4.32
C ASN A 16 -3.64 -8.78 2.91
N PHE A 17 -3.12 -10.00 2.85
CA PHE A 17 -2.79 -10.62 1.59
C PHE A 17 -3.06 -12.13 1.61
N LYS A 18 -3.08 -12.72 0.43
CA LYS A 18 -3.33 -14.14 0.30
C LYS A 18 -4.79 -14.43 0.66
N LYS A 19 -5.56 -13.36 0.82
CA LYS A 19 -6.96 -13.49 1.16
C LYS A 19 -7.10 -14.22 2.50
N THR A 20 -6.18 -13.91 3.40
CA THR A 20 -6.19 -14.53 4.71
C THR A 20 -5.01 -14.00 5.55
N GLN A 21 -3.82 -14.20 5.03
CA GLN A 21 -2.61 -13.75 5.71
C GLN A 21 -2.56 -12.23 5.74
N LYS A 22 -2.04 -11.71 6.85
CA LYS A 22 -1.92 -10.26 7.02
C LYS A 22 -0.63 -9.95 7.77
N THR A 23 -0.08 -8.78 7.48
CA THR A 23 1.14 -8.35 8.12
C THR A 23 1.05 -6.87 8.51
N ILE A 24 1.59 -6.57 9.68
CA ILE A 24 1.58 -5.20 10.18
C ILE A 24 2.92 -4.53 9.87
N VAL A 25 2.85 -3.27 9.51
CA VAL A 25 4.05 -2.51 9.19
C VAL A 25 3.88 -1.07 9.66
N ARG A 26 5.01 -0.42 9.93
CA ARG A 26 4.99 0.96 10.39
C ARG A 26 5.53 1.88 9.30
N VAL A 27 4.65 2.74 8.80
CA VAL A 27 5.03 3.68 7.76
C VAL A 27 4.42 5.04 8.08
N SER A 28 4.59 5.96 7.13
CA SER A 28 4.07 7.31 7.30
C SER A 28 2.70 7.42 6.63
N PRO A 29 1.73 7.99 7.40
CA PRO A 29 0.37 8.16 6.89
C PRO A 29 0.30 9.31 5.90
N HIS A 30 1.36 10.11 5.89
CA HIS A 30 1.44 11.25 4.99
C HIS A 30 1.69 10.76 3.56
N ALA A 31 2.84 10.13 3.38
CA ALA A 31 3.20 9.62 2.06
C ALA A 31 1.99 8.94 1.44
N SER A 32 1.98 8.93 0.11
CA SER A 32 0.89 8.32 -0.63
C SER A 32 1.19 6.83 -0.85
N LEU A 33 0.12 6.06 -0.96
CA LEU A 33 0.25 4.63 -1.18
C LEU A 33 1.19 4.38 -2.37
N GLN A 34 1.19 5.34 -3.29
CA GLN A 34 2.03 5.23 -4.46
C GLN A 34 3.50 5.07 -4.06
N GLU A 35 3.85 5.73 -2.96
CA GLU A 35 5.21 5.68 -2.46
C GLU A 35 5.35 4.55 -1.44
N LEU A 36 4.22 4.17 -0.87
CA LEU A 36 4.22 3.10 0.12
C LEU A 36 3.85 1.78 -0.56
N ALA A 37 3.84 1.81 -1.88
CA ALA A 37 3.52 0.64 -2.67
C ALA A 37 4.62 -0.41 -2.47
N PRO A 38 5.89 0.04 -2.65
CA PRO A 38 7.03 -0.84 -2.49
C PRO A 38 7.30 -1.13 -1.02
N ILE A 39 7.25 -0.08 -0.22
CA ILE A 39 7.48 -0.21 1.22
C ILE A 39 6.55 -1.29 1.78
N ILE A 40 5.36 -1.34 1.23
CA ILE A 40 4.36 -2.31 1.68
C ILE A 40 4.64 -3.65 1.00
N CYS A 41 4.49 -3.66 -0.32
CA CYS A 41 4.72 -4.86 -1.10
C CYS A 41 6.00 -5.53 -0.58
N SER A 42 7.02 -4.70 -0.38
CA SER A 42 8.29 -5.20 0.11
C SER A 42 8.08 -6.07 1.36
N LYS A 43 7.46 -5.45 2.36
CA LYS A 43 7.20 -6.15 3.60
C LYS A 43 6.44 -7.45 3.30
N CYS A 44 5.58 -7.38 2.32
CA CYS A 44 4.79 -8.53 1.92
C CYS A 44 5.51 -9.23 0.77
N GLU A 45 6.79 -8.91 0.62
CA GLU A 45 7.60 -9.49 -0.43
C GLU A 45 6.77 -9.65 -1.71
N PHE A 46 5.83 -8.73 -1.88
CA PHE A 46 4.97 -8.76 -3.05
C PHE A 46 5.60 -7.99 -4.22
N ASP A 47 5.02 -8.15 -5.39
CA ASP A 47 5.51 -7.49 -6.58
C ASP A 47 4.65 -6.24 -6.85
N PRO A 48 5.30 -5.05 -6.68
CA PRO A 48 4.61 -3.80 -6.90
C PRO A 48 4.42 -3.53 -8.40
N LEU A 49 4.93 -4.45 -9.19
CA LEU A 49 4.83 -4.33 -10.65
C LEU A 49 3.35 -4.43 -11.06
N HIS A 50 2.70 -5.46 -10.55
CA HIS A 50 1.30 -5.68 -10.85
C HIS A 50 0.52 -5.88 -9.56
N THR A 51 0.56 -4.88 -8.71
CA THR A 51 -0.13 -4.93 -7.44
C THR A 51 -1.15 -3.78 -7.33
N LEU A 52 -2.28 -4.10 -6.71
CA LEU A 52 -3.34 -3.11 -6.54
C LEU A 52 -3.55 -2.86 -5.05
N LEU A 53 -4.38 -1.87 -4.76
CA LEU A 53 -4.68 -1.51 -3.39
C LEU A 53 -6.19 -1.35 -3.23
N LEU A 54 -6.80 -2.36 -2.63
CA LEU A 54 -8.24 -2.35 -2.41
C LEU A 54 -8.53 -1.94 -0.97
N LYS A 55 -9.78 -1.57 -0.73
CA LYS A 55 -10.19 -1.15 0.61
C LYS A 55 -9.82 -2.24 1.62
N ASP A 56 -10.41 -3.42 1.42
CA ASP A 56 -10.16 -4.54 2.30
C ASP A 56 -10.25 -5.84 1.50
N TYR A 57 -10.40 -6.93 2.22
CA TYR A 57 -10.51 -8.24 1.59
C TYR A 57 -11.94 -8.52 1.14
N GLN A 58 -12.89 -8.10 1.97
CA GLN A 58 -14.29 -8.29 1.67
C GLN A 58 -14.66 -7.58 0.37
N SER A 59 -14.35 -6.30 0.32
CA SER A 59 -14.63 -5.50 -0.86
C SER A 59 -13.52 -5.67 -1.90
N GLN A 60 -13.69 -4.97 -3.01
CA GLN A 60 -12.71 -5.05 -4.08
C GLN A 60 -12.52 -3.66 -4.72
N GLU A 61 -12.95 -2.65 -3.99
CA GLU A 61 -12.84 -1.28 -4.47
C GLU A 61 -11.39 -0.81 -4.40
N PRO A 62 -10.88 -0.33 -5.57
CA PRO A 62 -9.51 0.14 -5.65
C PRO A 62 -9.37 1.52 -4.99
N LEU A 63 -8.23 1.72 -4.34
CA LEU A 63 -7.96 2.99 -3.67
C LEU A 63 -7.17 3.89 -4.61
N ASP A 64 -7.06 5.15 -4.21
CA ASP A 64 -6.34 6.14 -5.00
C ASP A 64 -4.93 6.30 -4.41
N LEU A 65 -3.96 5.78 -5.14
CA LEU A 65 -2.57 5.87 -4.70
C LEU A 65 -2.22 7.33 -4.44
N THR A 66 -2.71 8.20 -5.30
CA THR A 66 -2.47 9.62 -5.17
C THR A 66 -2.80 10.09 -3.76
N LYS A 67 -3.86 9.50 -3.20
CA LYS A 67 -4.29 9.85 -1.87
C LYS A 67 -3.38 9.18 -0.84
N SER A 68 -3.51 9.61 0.41
CA SER A 68 -2.70 9.07 1.48
C SER A 68 -3.60 8.46 2.56
N LEU A 69 -2.98 7.71 3.45
CA LEU A 69 -3.71 7.08 4.54
C LEU A 69 -4.49 8.14 5.32
N ASN A 70 -3.92 9.35 5.34
CA ASN A 70 -4.54 10.45 6.04
C ASN A 70 -5.76 10.93 5.26
N ASP A 71 -5.55 11.15 3.96
CA ASP A 71 -6.62 11.60 3.10
C ASP A 71 -7.75 10.58 3.12
N LEU A 72 -7.37 9.31 3.05
CA LEU A 72 -8.34 8.23 3.05
C LEU A 72 -8.91 8.07 4.46
N GLY A 73 -8.01 7.81 5.40
CA GLY A 73 -8.42 7.63 6.78
C GLY A 73 -8.62 6.15 7.11
N LEU A 74 -7.88 5.31 6.39
CA LEU A 74 -7.98 3.88 6.59
C LEU A 74 -6.71 3.38 7.29
N ARG A 75 -6.91 2.45 8.21
CA ARG A 75 -5.78 1.89 8.95
C ARG A 75 -5.51 0.46 8.49
N GLU A 76 -6.04 0.14 7.31
CA GLU A 76 -5.85 -1.19 6.74
C GLU A 76 -6.20 -1.17 5.25
N LEU A 77 -5.54 -2.05 4.51
CA LEU A 77 -5.77 -2.16 3.09
C LEU A 77 -5.42 -3.56 2.62
N TYR A 78 -5.77 -3.84 1.37
CA TYR A 78 -5.50 -5.16 0.79
C TYR A 78 -4.68 -5.02 -0.50
N ALA A 79 -3.73 -5.94 -0.66
CA ALA A 79 -2.88 -5.93 -1.83
C ALA A 79 -3.29 -7.09 -2.75
N MET A 80 -3.79 -6.71 -3.92
CA MET A 80 -4.22 -7.70 -4.91
C MET A 80 -3.16 -7.89 -5.98
N ASP A 81 -3.04 -9.14 -6.42
CA ASP A 81 -2.07 -9.48 -7.45
C ASP A 81 -2.77 -9.57 -8.80
N VAL A 82 -2.51 -8.57 -9.65
CA VAL A 82 -3.11 -8.53 -10.96
C VAL A 82 -2.04 -8.79 -12.02
N ASN A 83 -1.58 -10.03 -12.06
CA ASN A 83 -0.55 -10.42 -13.01
C ASN A 83 -1.16 -11.37 -14.04
N ARG A 84 -1.59 -10.78 -15.14
CA ARG A 84 -2.20 -11.55 -16.23
C ARG A 84 -1.34 -11.46 -17.48
N GLU A 85 -1.04 -10.23 -17.87
CA GLU A 85 -0.24 -9.99 -19.05
C GLU A 85 1.17 -9.52 -18.65
N SER A 86 2.15 -9.94 -19.43
CA SER A 86 3.53 -9.57 -19.18
C SER A 86 3.83 -8.22 -19.81
N GLY A 87 4.77 -7.50 -19.19
CA GLY A 87 5.15 -6.19 -19.67
C GLY A 87 6.17 -5.53 -18.74
N PRO A 88 7.40 -5.33 -19.28
CA PRO A 88 8.46 -4.71 -18.51
C PRO A 88 8.24 -3.21 -18.35
N SER A 89 7.97 -2.57 -19.48
CA SER A 89 7.73 -1.13 -19.48
C SER A 89 8.94 -0.39 -18.91
N SER A 90 9.71 0.19 -19.81
CA SER A 90 10.90 0.93 -19.40
C SER A 90 11.19 2.05 -20.39
N GLY A 91 11.27 3.26 -19.87
CA GLY A 91 11.54 4.42 -20.71
C GLY A 91 10.29 5.29 -20.85
N GLY A 1 21.84 4.34 19.86
CA GLY A 1 20.74 3.65 20.50
C GLY A 1 19.42 4.38 20.27
N SER A 2 18.65 4.49 21.34
CA SER A 2 17.35 5.16 21.26
C SER A 2 16.44 4.42 20.29
N SER A 3 15.68 3.49 20.83
CA SER A 3 14.75 2.71 20.03
C SER A 3 13.31 3.07 20.39
N GLY A 4 12.99 2.88 21.66
CA GLY A 4 11.66 3.17 22.14
C GLY A 4 11.32 4.65 21.96
N SER A 5 12.02 5.48 22.72
CA SER A 5 11.81 6.91 22.64
C SER A 5 12.25 7.45 21.28
N SER A 6 11.53 8.46 20.81
CA SER A 6 11.83 9.06 19.53
C SER A 6 11.66 8.03 18.41
N GLY A 7 11.13 8.50 17.29
CA GLY A 7 10.91 7.63 16.14
C GLY A 7 10.03 8.31 15.10
N GLU A 8 10.12 7.82 13.87
CA GLU A 8 9.34 8.37 12.78
C GLU A 8 7.87 8.46 13.18
N LYS A 9 7.14 9.26 12.42
CA LYS A 9 5.71 9.44 12.68
C LYS A 9 4.92 8.43 11.85
N THR A 10 5.36 7.18 11.91
CA THR A 10 4.70 6.12 11.18
C THR A 10 3.56 5.52 12.02
N VAL A 11 2.59 4.96 11.31
CA VAL A 11 1.44 4.36 11.98
C VAL A 11 1.41 2.86 11.67
N ARG A 12 0.68 2.13 12.49
CA ARG A 12 0.55 0.69 12.33
C ARG A 12 -0.55 0.37 11.31
N VAL A 13 -0.12 -0.14 10.16
CA VAL A 13 -1.06 -0.49 9.12
C VAL A 13 -1.19 -2.02 9.04
N VAL A 14 -2.41 -2.46 8.78
CA VAL A 14 -2.68 -3.88 8.69
C VAL A 14 -2.74 -4.29 7.21
N ILE A 15 -1.67 -4.92 6.76
CA ILE A 15 -1.58 -5.35 5.38
C ILE A 15 -2.24 -6.73 5.24
N ASN A 16 -3.26 -6.79 4.41
CA ASN A 16 -3.98 -8.03 4.18
C ASN A 16 -3.74 -8.51 2.75
N PHE A 17 -3.26 -9.74 2.64
CA PHE A 17 -2.99 -10.32 1.34
C PHE A 17 -3.34 -11.81 1.31
N LYS A 18 -3.62 -12.30 0.11
CA LYS A 18 -3.98 -13.69 -0.06
C LYS A 18 -5.37 -13.94 0.53
N LYS A 19 -6.02 -12.85 0.93
CA LYS A 19 -7.35 -12.93 1.50
C LYS A 19 -7.33 -13.92 2.66
N THR A 20 -6.18 -13.98 3.33
CA THR A 20 -6.03 -14.88 4.47
C THR A 20 -4.91 -14.38 5.39
N GLN A 21 -3.73 -14.26 4.82
CA GLN A 21 -2.58 -13.79 5.57
C GLN A 21 -2.52 -12.26 5.57
N LYS A 22 -1.92 -11.72 6.62
CA LYS A 22 -1.78 -10.28 6.75
C LYS A 22 -0.50 -9.96 7.51
N THR A 23 0.10 -8.84 7.15
CA THR A 23 1.33 -8.41 7.78
C THR A 23 1.19 -6.97 8.30
N ILE A 24 1.93 -6.68 9.37
CA ILE A 24 1.89 -5.36 9.97
C ILE A 24 3.17 -4.61 9.61
N VAL A 25 3.00 -3.33 9.32
CA VAL A 25 4.14 -2.49 8.97
C VAL A 25 3.90 -1.07 9.50
N ARG A 26 5.01 -0.37 9.74
CA ARG A 26 4.93 0.99 10.24
C ARG A 26 5.35 1.98 9.16
N VAL A 27 4.36 2.69 8.64
CA VAL A 27 4.62 3.67 7.59
C VAL A 27 3.92 4.98 7.95
N SER A 28 4.26 6.02 7.19
CA SER A 28 3.67 7.33 7.42
C SER A 28 2.32 7.42 6.71
N PRO A 29 1.30 7.93 7.46
CA PRO A 29 -0.03 8.08 6.91
C PRO A 29 -0.10 9.28 5.96
N HIS A 30 1.02 9.99 5.87
CA HIS A 30 1.10 11.16 5.01
C HIS A 30 1.47 10.72 3.59
N ALA A 31 2.65 10.15 3.47
CA ALA A 31 3.14 9.68 2.18
C ALA A 31 1.98 9.02 1.42
N SER A 32 2.06 9.12 0.10
CA SER A 32 1.04 8.52 -0.74
C SER A 32 1.27 7.02 -0.90
N LEU A 33 0.18 6.29 -1.04
CA LEU A 33 0.27 4.85 -1.20
C LEU A 33 1.30 4.51 -2.28
N GLN A 34 1.35 5.37 -3.29
CA GLN A 34 2.28 5.18 -4.40
C GLN A 34 3.69 4.96 -3.86
N GLU A 35 3.99 5.64 -2.76
CA GLU A 35 5.30 5.52 -2.14
C GLU A 35 5.30 4.40 -1.10
N LEU A 36 4.11 4.08 -0.62
CA LEU A 36 3.95 3.04 0.38
C LEU A 36 3.59 1.73 -0.32
N ALA A 37 3.69 1.74 -1.63
CA ALA A 37 3.36 0.58 -2.43
C ALA A 37 4.48 -0.46 -2.28
N PRO A 38 5.74 0.02 -2.48
CA PRO A 38 6.89 -0.86 -2.36
C PRO A 38 7.20 -1.17 -0.89
N ILE A 39 7.14 -0.13 -0.08
CA ILE A 39 7.41 -0.29 1.35
C ILE A 39 6.47 -1.34 1.93
N ILE A 40 5.32 -1.47 1.29
CA ILE A 40 4.32 -2.44 1.73
C ILE A 40 4.56 -3.78 1.03
N CYS A 41 4.50 -3.74 -0.29
CA CYS A 41 4.71 -4.93 -1.09
C CYS A 41 6.01 -5.59 -0.63
N SER A 42 7.05 -4.77 -0.54
CA SER A 42 8.35 -5.27 -0.12
C SER A 42 8.23 -5.99 1.23
N LYS A 43 7.48 -5.38 2.12
CA LYS A 43 7.27 -5.96 3.44
C LYS A 43 6.65 -7.36 3.29
N CYS A 44 5.76 -7.47 2.33
CA CYS A 44 5.09 -8.74 2.06
C CYS A 44 5.81 -9.43 0.90
N GLU A 45 7.03 -8.97 0.65
CA GLU A 45 7.83 -9.53 -0.42
C GLU A 45 6.98 -9.73 -1.68
N PHE A 46 6.08 -8.78 -1.90
CA PHE A 46 5.19 -8.83 -3.05
C PHE A 46 5.79 -8.06 -4.23
N ASP A 47 5.19 -8.27 -5.40
CA ASP A 47 5.66 -7.61 -6.60
C ASP A 47 4.74 -6.41 -6.90
N PRO A 48 5.34 -5.20 -6.79
CA PRO A 48 4.60 -3.98 -7.04
C PRO A 48 4.38 -3.77 -8.54
N LEU A 49 4.91 -4.70 -9.32
CA LEU A 49 4.77 -4.63 -10.76
C LEU A 49 3.31 -4.80 -11.15
N HIS A 50 2.64 -5.70 -10.43
CA HIS A 50 1.24 -5.96 -10.70
C HIS A 50 0.49 -6.07 -9.37
N THR A 51 0.54 -4.99 -8.61
CA THR A 51 -0.12 -4.95 -7.31
C THR A 51 -1.13 -3.80 -7.28
N LEU A 52 -2.23 -4.05 -6.57
CA LEU A 52 -3.29 -3.05 -6.45
C LEU A 52 -3.55 -2.78 -4.98
N LEU A 53 -4.23 -1.66 -4.72
CA LEU A 53 -4.56 -1.28 -3.36
C LEU A 53 -6.06 -1.02 -3.26
N LEU A 54 -6.74 -1.91 -2.55
CA LEU A 54 -8.17 -1.79 -2.37
C LEU A 54 -8.47 -1.23 -0.97
N LYS A 55 -9.72 -0.86 -0.77
CA LYS A 55 -10.14 -0.31 0.51
C LYS A 55 -9.74 -1.28 1.63
N ASP A 56 -10.32 -2.47 1.58
CA ASP A 56 -10.03 -3.49 2.58
C ASP A 56 -10.18 -4.87 1.94
N TYR A 57 -10.03 -5.89 2.78
CA TYR A 57 -10.14 -7.26 2.31
C TYR A 57 -11.51 -7.52 1.70
N GLN A 58 -12.44 -6.61 1.98
CA GLN A 58 -13.78 -6.73 1.46
C GLN A 58 -14.31 -5.37 1.00
N SER A 59 -14.07 -5.08 -0.27
CA SER A 59 -14.50 -3.82 -0.85
C SER A 59 -14.56 -3.94 -2.37
N GLN A 60 -13.47 -4.43 -2.94
CA GLN A 60 -13.39 -4.59 -4.38
C GLN A 60 -13.32 -3.22 -5.06
N GLU A 61 -12.82 -2.25 -4.32
CA GLU A 61 -12.70 -0.90 -4.85
C GLU A 61 -11.26 -0.42 -4.74
N PRO A 62 -10.70 0.01 -5.90
CA PRO A 62 -9.34 0.50 -5.95
C PRO A 62 -9.23 1.90 -5.33
N LEU A 63 -8.16 2.10 -4.59
CA LEU A 63 -7.92 3.39 -3.94
C LEU A 63 -7.13 4.29 -4.88
N ASP A 64 -6.85 5.49 -4.40
CA ASP A 64 -6.09 6.46 -5.19
C ASP A 64 -4.69 6.60 -4.61
N LEU A 65 -3.73 6.06 -5.34
CA LEU A 65 -2.34 6.12 -4.92
C LEU A 65 -1.98 7.57 -4.57
N THR A 66 -2.37 8.48 -5.46
CA THR A 66 -2.10 9.89 -5.26
C THR A 66 -2.47 10.31 -3.82
N LYS A 67 -3.53 9.70 -3.33
CA LYS A 67 -4.01 9.99 -1.99
C LYS A 67 -3.10 9.31 -0.97
N SER A 68 -3.48 9.43 0.30
CA SER A 68 -2.71 8.83 1.38
C SER A 68 -3.65 8.27 2.44
N LEU A 69 -3.07 7.51 3.36
CA LEU A 69 -3.84 6.91 4.44
C LEU A 69 -4.64 8.00 5.14
N ASN A 70 -4.08 9.20 5.15
CA ASN A 70 -4.74 10.32 5.79
C ASN A 70 -5.91 10.77 4.93
N ASP A 71 -5.62 11.12 3.69
CA ASP A 71 -6.65 11.57 2.77
C ASP A 71 -7.78 10.54 2.74
N LEU A 72 -7.38 9.28 2.73
CA LEU A 72 -8.35 8.19 2.71
C LEU A 72 -9.04 8.10 4.06
N GLY A 73 -8.24 7.84 5.09
CA GLY A 73 -8.76 7.72 6.43
C GLY A 73 -8.84 6.24 6.86
N LEU A 74 -8.03 5.43 6.21
CA LEU A 74 -8.01 4.00 6.50
C LEU A 74 -6.71 3.66 7.23
N ARG A 75 -6.75 2.57 7.99
CA ARG A 75 -5.60 2.12 8.74
C ARG A 75 -5.08 0.80 8.16
N GLU A 76 -5.96 0.11 7.45
CA GLU A 76 -5.60 -1.16 6.84
C GLU A 76 -5.99 -1.17 5.36
N LEU A 77 -5.23 -1.92 4.58
CA LEU A 77 -5.48 -2.03 3.16
C LEU A 77 -5.21 -3.46 2.70
N TYR A 78 -5.68 -3.77 1.50
CA TYR A 78 -5.50 -5.09 0.94
C TYR A 78 -4.64 -5.04 -0.33
N ALA A 79 -3.83 -6.07 -0.49
CA ALA A 79 -2.96 -6.15 -1.66
C ALA A 79 -3.46 -7.26 -2.58
N MET A 80 -3.97 -6.85 -3.74
CA MET A 80 -4.48 -7.78 -4.72
C MET A 80 -3.42 -8.12 -5.77
N ASP A 81 -3.18 -9.41 -5.94
CA ASP A 81 -2.19 -9.87 -6.90
C ASP A 81 -2.89 -10.15 -8.24
N VAL A 82 -2.60 -9.29 -9.21
CA VAL A 82 -3.19 -9.43 -10.53
C VAL A 82 -2.23 -10.22 -11.42
N ASN A 83 -0.95 -10.01 -11.19
CA ASN A 83 0.08 -10.70 -11.97
C ASN A 83 -0.26 -10.59 -13.46
N ARG A 84 0.15 -9.48 -14.04
CA ARG A 84 -0.11 -9.23 -15.46
C ARG A 84 -1.59 -8.96 -15.69
N GLU A 85 -1.85 -7.83 -16.34
CA GLU A 85 -3.22 -7.44 -16.63
C GLU A 85 -3.25 -6.44 -17.79
N SER A 86 -2.33 -5.48 -17.73
CA SER A 86 -2.25 -4.47 -18.77
C SER A 86 -0.93 -4.63 -19.55
N GLY A 87 0.16 -4.65 -18.80
CA GLY A 87 1.47 -4.80 -19.41
C GLY A 87 2.48 -3.84 -18.76
N PRO A 88 3.63 -3.66 -19.46
CA PRO A 88 4.68 -2.78 -18.97
C PRO A 88 4.29 -1.31 -19.15
N SER A 89 3.88 -0.99 -20.37
CA SER A 89 3.47 0.38 -20.68
C SER A 89 4.55 1.36 -20.22
N SER A 90 5.42 1.70 -21.16
CA SER A 90 6.50 2.63 -20.88
C SER A 90 6.33 3.91 -21.71
N GLY A 91 7.12 4.91 -21.36
CA GLY A 91 7.08 6.18 -22.07
C GLY A 91 5.82 6.97 -21.69
N GLY A 1 2.22 17.02 2.71
CA GLY A 1 3.29 17.23 1.76
C GLY A 1 3.97 15.92 1.39
N SER A 2 5.03 16.04 0.60
CA SER A 2 5.78 14.87 0.17
C SER A 2 7.22 14.94 0.73
N SER A 3 7.69 13.79 1.18
CA SER A 3 9.03 13.70 1.74
C SER A 3 9.15 14.62 2.95
N GLY A 4 9.23 13.99 4.12
CA GLY A 4 9.35 14.73 5.36
C GLY A 4 9.14 13.82 6.58
N SER A 5 10.11 12.94 6.78
CA SER A 5 10.05 12.01 7.90
C SER A 5 10.55 12.69 9.18
N SER A 6 11.77 13.21 9.09
CA SER A 6 12.38 13.88 10.23
C SER A 6 12.75 12.85 11.31
N GLY A 7 11.71 12.31 11.94
CA GLY A 7 11.90 11.32 12.98
C GLY A 7 11.12 10.04 12.69
N GLU A 8 10.72 9.38 13.76
CA GLU A 8 9.96 8.14 13.62
C GLU A 8 8.49 8.39 13.94
N LYS A 9 7.75 8.78 12.91
CA LYS A 9 6.33 9.06 13.07
C LYS A 9 5.53 8.16 12.13
N THR A 10 5.75 6.86 12.27
CA THR A 10 5.06 5.88 11.44
C THR A 10 3.92 5.24 12.22
N VAL A 11 2.91 4.81 11.47
CA VAL A 11 1.74 4.18 12.07
C VAL A 11 1.68 2.72 11.63
N ARG A 12 0.97 1.93 12.43
CA ARG A 12 0.83 0.51 12.13
C ARG A 12 -0.38 0.28 11.21
N VAL A 13 -0.09 -0.22 10.02
CA VAL A 13 -1.14 -0.49 9.05
C VAL A 13 -1.29 -2.00 8.87
N VAL A 14 -2.52 -2.42 8.65
CA VAL A 14 -2.81 -3.83 8.46
C VAL A 14 -2.71 -4.17 6.96
N ILE A 15 -1.71 -4.97 6.63
CA ILE A 15 -1.50 -5.37 5.26
C ILE A 15 -2.06 -6.79 5.06
N ASN A 16 -3.28 -6.84 4.55
CA ASN A 16 -3.94 -8.11 4.31
C ASN A 16 -3.59 -8.60 2.90
N PHE A 17 -3.02 -9.78 2.84
CA PHE A 17 -2.62 -10.37 1.57
C PHE A 17 -2.82 -11.89 1.58
N LYS A 18 -2.65 -12.49 0.42
CA LYS A 18 -2.79 -13.92 0.28
C LYS A 18 -4.27 -14.30 0.40
N LYS A 19 -5.11 -13.26 0.46
CA LYS A 19 -6.54 -13.46 0.56
C LYS A 19 -6.84 -14.24 1.84
N THR A 20 -6.12 -13.90 2.90
CA THR A 20 -6.29 -14.56 4.18
C THR A 20 -5.22 -14.10 5.17
N GLN A 21 -3.98 -14.08 4.70
CA GLN A 21 -2.87 -13.66 5.53
C GLN A 21 -2.85 -12.14 5.66
N LYS A 22 -2.25 -11.68 6.75
CA LYS A 22 -2.16 -10.25 6.99
C LYS A 22 -0.91 -9.97 7.83
N THR A 23 -0.36 -8.78 7.63
CA THR A 23 0.83 -8.38 8.36
C THR A 23 0.74 -6.90 8.76
N ILE A 24 1.55 -6.53 9.74
CA ILE A 24 1.57 -5.16 10.23
C ILE A 24 2.90 -4.52 9.87
N VAL A 25 2.83 -3.26 9.46
CA VAL A 25 4.02 -2.52 9.08
C VAL A 25 3.91 -1.08 9.59
N ARG A 26 5.06 -0.48 9.81
CA ARG A 26 5.11 0.89 10.30
C ARG A 26 5.64 1.82 9.22
N VAL A 27 4.75 2.64 8.69
CA VAL A 27 5.12 3.58 7.64
C VAL A 27 4.48 4.94 7.94
N SER A 28 4.79 5.91 7.08
CA SER A 28 4.26 7.25 7.25
C SER A 28 2.87 7.34 6.61
N PRO A 29 1.89 7.85 7.41
CA PRO A 29 0.54 7.99 6.93
C PRO A 29 0.42 9.17 5.96
N HIS A 30 1.49 9.94 5.87
CA HIS A 30 1.52 11.10 5.01
C HIS A 30 1.77 10.65 3.57
N ALA A 31 2.95 10.07 3.35
CA ALA A 31 3.31 9.60 2.03
C ALA A 31 2.12 8.89 1.39
N SER A 32 2.04 8.99 0.07
CA SER A 32 0.96 8.38 -0.67
C SER A 32 1.25 6.89 -0.88
N LEU A 33 0.18 6.10 -0.93
CA LEU A 33 0.31 4.67 -1.13
C LEU A 33 1.25 4.41 -2.32
N GLN A 34 1.24 5.34 -3.25
CA GLN A 34 2.07 5.23 -4.44
C GLN A 34 3.54 5.06 -4.04
N GLU A 35 3.90 5.71 -2.94
CA GLU A 35 5.26 5.64 -2.45
C GLU A 35 5.40 4.52 -1.41
N LEU A 36 4.27 4.19 -0.80
CA LEU A 36 4.25 3.14 0.21
C LEU A 36 3.83 1.83 -0.45
N ALA A 37 3.80 1.84 -1.77
CA ALA A 37 3.42 0.66 -2.53
C ALA A 37 4.53 -0.39 -2.41
N PRO A 38 5.78 0.07 -2.69
CA PRO A 38 6.93 -0.82 -2.62
C PRO A 38 7.31 -1.11 -1.17
N ILE A 39 7.29 -0.06 -0.36
CA ILE A 39 7.64 -0.19 1.04
C ILE A 39 6.76 -1.26 1.68
N ILE A 40 5.51 -1.31 1.23
CA ILE A 40 4.56 -2.28 1.76
C ILE A 40 4.80 -3.64 1.08
N CYS A 41 4.62 -3.64 -0.23
CA CYS A 41 4.81 -4.85 -1.02
C CYS A 41 6.13 -5.49 -0.58
N SER A 42 7.12 -4.64 -0.38
CA SER A 42 8.44 -5.11 0.04
C SER A 42 8.31 -5.93 1.32
N LYS A 43 7.61 -5.37 2.30
CA LYS A 43 7.42 -6.04 3.57
C LYS A 43 6.82 -7.42 3.32
N CYS A 44 5.89 -7.47 2.38
CA CYS A 44 5.24 -8.72 2.04
C CYS A 44 5.96 -9.34 0.84
N GLU A 45 7.18 -8.86 0.63
CA GLU A 45 8.00 -9.36 -0.47
C GLU A 45 7.12 -9.63 -1.70
N PHE A 46 6.20 -8.70 -1.95
CA PHE A 46 5.30 -8.83 -3.09
C PHE A 46 5.89 -8.17 -4.33
N ASP A 47 5.07 -8.08 -5.36
CA ASP A 47 5.50 -7.48 -6.61
C ASP A 47 4.65 -6.24 -6.90
N PRO A 48 5.30 -5.06 -6.78
CA PRO A 48 4.62 -3.79 -7.03
C PRO A 48 4.39 -3.57 -8.53
N LEU A 49 4.87 -4.52 -9.31
CA LEU A 49 4.74 -4.44 -10.76
C LEU A 49 3.26 -4.57 -11.13
N HIS A 50 2.63 -5.59 -10.56
CA HIS A 50 1.22 -5.83 -10.84
C HIS A 50 0.47 -6.02 -9.52
N THR A 51 0.53 -4.99 -8.68
CA THR A 51 -0.13 -5.03 -7.39
C THR A 51 -1.13 -3.88 -7.28
N LEU A 52 -2.32 -4.22 -6.78
CA LEU A 52 -3.38 -3.23 -6.61
C LEU A 52 -3.57 -2.96 -5.13
N LEU A 53 -4.42 -1.96 -4.85
CA LEU A 53 -4.71 -1.59 -3.48
C LEU A 53 -6.22 -1.45 -3.30
N LEU A 54 -6.82 -2.51 -2.76
CA LEU A 54 -8.25 -2.53 -2.53
C LEU A 54 -8.53 -2.23 -1.06
N LYS A 55 -9.78 -1.89 -0.78
CA LYS A 55 -10.19 -1.57 0.58
C LYS A 55 -9.83 -2.74 1.49
N ASP A 56 -10.66 -3.77 1.42
CA ASP A 56 -10.46 -4.95 2.24
C ASP A 56 -10.37 -6.19 1.34
N TYR A 57 -10.26 -7.34 1.98
CA TYR A 57 -10.17 -8.60 1.25
C TYR A 57 -11.46 -8.87 0.47
N GLN A 58 -12.53 -8.26 0.93
CA GLN A 58 -13.82 -8.43 0.29
C GLN A 58 -14.49 -7.07 0.08
N SER A 59 -14.15 -6.45 -1.04
CA SER A 59 -14.72 -5.14 -1.37
C SER A 59 -14.65 -4.93 -2.89
N GLN A 60 -13.48 -5.23 -3.45
CA GLN A 60 -13.28 -5.06 -4.87
C GLN A 60 -13.24 -3.58 -5.24
N GLU A 61 -12.86 -2.78 -4.26
CA GLU A 61 -12.77 -1.33 -4.47
C GLU A 61 -11.32 -0.86 -4.32
N PRO A 62 -10.76 -0.40 -5.47
CA PRO A 62 -9.38 0.08 -5.48
C PRO A 62 -9.28 1.47 -4.82
N LEU A 63 -8.15 1.70 -4.18
CA LEU A 63 -7.91 2.97 -3.50
C LEU A 63 -7.20 3.92 -4.46
N ASP A 64 -7.09 5.16 -4.03
CA ASP A 64 -6.42 6.17 -4.83
C ASP A 64 -5.01 6.42 -4.28
N LEU A 65 -4.04 5.82 -4.96
CA LEU A 65 -2.66 5.96 -4.54
C LEU A 65 -2.37 7.43 -4.23
N THR A 66 -2.68 8.28 -5.20
CA THR A 66 -2.46 9.71 -5.03
C THR A 66 -2.87 10.15 -3.62
N LYS A 67 -3.87 9.47 -3.09
CA LYS A 67 -4.35 9.79 -1.75
C LYS A 67 -3.54 9.00 -0.72
N SER A 68 -3.47 9.56 0.48
CA SER A 68 -2.74 8.93 1.56
C SER A 68 -3.71 8.34 2.57
N LEU A 69 -3.14 7.64 3.55
CA LEU A 69 -3.93 7.01 4.59
C LEU A 69 -4.73 8.09 5.33
N ASN A 70 -4.14 9.27 5.41
CA ASN A 70 -4.78 10.38 6.08
C ASN A 70 -5.99 10.84 5.27
N ASP A 71 -5.76 11.04 3.98
CA ASP A 71 -6.82 11.47 3.09
C ASP A 71 -7.93 10.42 3.08
N LEU A 72 -7.53 9.18 2.80
CA LEU A 72 -8.48 8.09 2.75
C LEU A 72 -9.14 7.93 4.12
N GLY A 73 -8.33 8.08 5.16
CA GLY A 73 -8.82 7.95 6.52
C GLY A 73 -8.98 6.48 6.91
N LEU A 74 -8.09 5.66 6.38
CA LEU A 74 -8.11 4.24 6.67
C LEU A 74 -6.85 3.86 7.44
N ARG A 75 -6.91 2.68 8.06
CA ARG A 75 -5.78 2.20 8.84
C ARG A 75 -5.35 0.81 8.34
N GLU A 76 -6.04 0.35 7.30
CA GLU A 76 -5.74 -0.95 6.72
C GLU A 76 -6.11 -0.96 5.23
N LEU A 77 -5.46 -1.85 4.51
CA LEU A 77 -5.72 -1.98 3.08
C LEU A 77 -5.36 -3.40 2.63
N TYR A 78 -5.73 -3.70 1.40
CA TYR A 78 -5.47 -5.02 0.83
C TYR A 78 -4.64 -4.90 -0.45
N ALA A 79 -3.70 -5.83 -0.58
CA ALA A 79 -2.82 -5.84 -1.74
C ALA A 79 -3.23 -6.99 -2.66
N MET A 80 -3.78 -6.62 -3.81
CA MET A 80 -4.22 -7.61 -4.78
C MET A 80 -3.17 -7.81 -5.87
N ASP A 81 -3.00 -9.07 -6.26
CA ASP A 81 -2.03 -9.41 -7.29
C ASP A 81 -2.78 -9.83 -8.57
N VAL A 82 -2.82 -8.92 -9.53
CA VAL A 82 -3.48 -9.18 -10.78
C VAL A 82 -2.57 -10.04 -11.68
N ASN A 83 -1.27 -9.81 -11.51
CA ASN A 83 -0.28 -10.55 -12.29
C ASN A 83 -0.64 -10.45 -13.77
N ARG A 84 -0.55 -9.23 -14.29
CA ARG A 84 -0.86 -8.99 -15.69
C ARG A 84 0.12 -7.97 -16.28
N GLU A 85 -0.05 -6.73 -15.86
CA GLU A 85 0.80 -5.65 -16.33
C GLU A 85 0.60 -4.39 -15.48
N SER A 86 -0.64 -3.92 -15.46
CA SER A 86 -0.97 -2.74 -14.70
C SER A 86 0.07 -1.65 -14.92
N GLY A 87 -0.19 -0.81 -15.91
CA GLY A 87 0.72 0.27 -16.24
C GLY A 87 0.87 0.43 -17.75
N PRO A 88 0.43 1.61 -18.25
CA PRO A 88 0.51 1.91 -19.68
C PRO A 88 1.95 2.20 -20.10
N SER A 89 2.31 1.69 -21.27
CA SER A 89 3.65 1.90 -21.79
C SER A 89 3.66 1.68 -23.30
N SER A 90 4.27 2.63 -24.00
CA SER A 90 4.36 2.55 -25.45
C SER A 90 5.42 1.53 -25.86
N GLY A 91 5.06 0.71 -26.83
CA GLY A 91 5.96 -0.32 -27.31
C GLY A 91 5.63 -1.68 -26.71
N GLY A 1 11.44 10.92 -0.68
CA GLY A 1 10.20 11.06 0.07
C GLY A 1 10.23 12.31 0.95
N SER A 2 10.71 12.13 2.17
CA SER A 2 10.80 13.22 3.11
C SER A 2 12.23 13.35 3.64
N SER A 3 12.70 14.59 3.69
CA SER A 3 14.05 14.86 4.16
C SER A 3 14.02 15.23 5.64
N GLY A 4 14.38 14.26 6.47
CA GLY A 4 14.41 14.47 7.91
C GLY A 4 15.73 13.97 8.51
N SER A 5 15.73 13.90 9.83
CA SER A 5 16.92 13.44 10.55
C SER A 5 16.51 12.51 11.68
N SER A 6 16.38 11.24 11.34
CA SER A 6 15.99 10.23 12.32
C SER A 6 14.60 10.54 12.88
N GLY A 7 13.66 9.67 12.54
CA GLY A 7 12.29 9.84 13.00
C GLY A 7 11.50 8.55 12.84
N GLU A 8 10.67 8.27 13.83
CA GLU A 8 9.84 7.08 13.81
C GLU A 8 8.36 7.45 13.91
N LYS A 9 8.00 8.51 13.22
CA LYS A 9 6.63 8.98 13.22
C LYS A 9 5.82 8.16 12.22
N THR A 10 5.85 6.85 12.42
CA THR A 10 5.13 5.94 11.54
C THR A 10 3.92 5.33 12.28
N VAL A 11 2.93 4.94 11.50
CA VAL A 11 1.73 4.35 12.06
C VAL A 11 1.64 2.89 11.64
N ARG A 12 0.97 2.09 12.47
CA ARG A 12 0.81 0.67 12.19
C ARG A 12 -0.38 0.45 11.25
N VAL A 13 -0.09 -0.16 10.11
CA VAL A 13 -1.11 -0.43 9.12
C VAL A 13 -1.21 -1.94 8.91
N VAL A 14 -2.42 -2.39 8.62
CA VAL A 14 -2.67 -3.81 8.39
C VAL A 14 -2.57 -4.10 6.89
N ILE A 15 -1.77 -5.11 6.58
CA ILE A 15 -1.56 -5.50 5.19
C ILE A 15 -2.16 -6.90 4.97
N ASN A 16 -3.39 -6.91 4.49
CA ASN A 16 -4.08 -8.17 4.23
C ASN A 16 -3.67 -8.69 2.84
N PHE A 17 -3.18 -9.92 2.83
CA PHE A 17 -2.75 -10.54 1.59
C PHE A 17 -3.07 -12.03 1.59
N LYS A 18 -3.22 -12.58 0.39
CA LYS A 18 -3.52 -13.98 0.24
C LYS A 18 -4.96 -14.26 0.70
N LYS A 19 -5.66 -13.17 0.98
CA LYS A 19 -7.04 -13.27 1.42
C LYS A 19 -7.12 -14.23 2.62
N THR A 20 -6.03 -14.27 3.37
CA THR A 20 -5.96 -15.13 4.54
C THR A 20 -4.92 -14.62 5.53
N GLN A 21 -3.71 -14.43 5.02
CA GLN A 21 -2.62 -13.95 5.84
C GLN A 21 -2.59 -12.42 5.83
N LYS A 22 -1.97 -11.86 6.86
CA LYS A 22 -1.86 -10.42 7.00
C LYS A 22 -0.61 -10.07 7.79
N THR A 23 -0.07 -8.89 7.50
CA THR A 23 1.13 -8.43 8.17
C THR A 23 1.01 -6.95 8.53
N ILE A 24 1.70 -6.56 9.58
CA ILE A 24 1.67 -5.18 10.04
C ILE A 24 3.00 -4.50 9.67
N VAL A 25 2.92 -3.20 9.46
CA VAL A 25 4.10 -2.42 9.10
C VAL A 25 3.94 -0.99 9.61
N ARG A 26 5.08 -0.35 9.85
CA ARG A 26 5.07 1.01 10.34
C ARG A 26 5.59 1.97 9.26
N VAL A 27 4.66 2.74 8.71
CA VAL A 27 4.99 3.69 7.67
C VAL A 27 4.42 5.07 8.03
N SER A 28 4.71 6.04 7.18
CA SER A 28 4.21 7.39 7.39
C SER A 28 2.82 7.55 6.78
N PRO A 29 1.88 8.09 7.60
CA PRO A 29 0.52 8.29 7.15
C PRO A 29 0.44 9.50 6.21
N HIS A 30 1.57 10.15 6.03
CA HIS A 30 1.64 11.32 5.17
C HIS A 30 1.87 10.88 3.72
N ALA A 31 3.01 10.23 3.51
CA ALA A 31 3.36 9.75 2.18
C ALA A 31 2.14 9.08 1.55
N SER A 32 2.14 9.06 0.22
CA SER A 32 1.04 8.45 -0.51
C SER A 32 1.28 6.94 -0.65
N LEU A 33 0.19 6.23 -0.90
CA LEU A 33 0.26 4.79 -1.06
C LEU A 33 1.26 4.45 -2.16
N GLN A 34 1.24 5.27 -3.21
CA GLN A 34 2.14 5.07 -4.33
C GLN A 34 3.59 4.88 -3.84
N GLU A 35 3.91 5.61 -2.78
CA GLU A 35 5.25 5.52 -2.20
C GLU A 35 5.30 4.40 -1.17
N LEU A 36 4.13 4.06 -0.63
CA LEU A 36 4.04 3.01 0.36
C LEU A 36 3.67 1.69 -0.33
N ALA A 37 3.73 1.72 -1.65
CA ALA A 37 3.40 0.54 -2.43
C ALA A 37 4.52 -0.50 -2.28
N PRO A 38 5.77 -0.01 -2.49
CA PRO A 38 6.93 -0.88 -2.39
C PRO A 38 7.25 -1.19 -0.93
N ILE A 39 7.19 -0.14 -0.11
CA ILE A 39 7.48 -0.29 1.31
C ILE A 39 6.55 -1.34 1.91
N ILE A 40 5.39 -1.49 1.27
CA ILE A 40 4.41 -2.46 1.73
C ILE A 40 4.64 -3.80 1.03
N CYS A 41 4.57 -3.76 -0.29
CA CYS A 41 4.77 -4.95 -1.09
C CYS A 41 6.08 -5.61 -0.65
N SER A 42 7.11 -4.79 -0.53
CA SER A 42 8.42 -5.27 -0.13
C SER A 42 8.31 -5.98 1.23
N LYS A 43 7.52 -5.38 2.11
CA LYS A 43 7.33 -5.94 3.44
C LYS A 43 6.72 -7.34 3.31
N CYS A 44 5.83 -7.48 2.34
CA CYS A 44 5.17 -8.75 2.11
C CYS A 44 5.87 -9.44 0.93
N GLU A 45 7.05 -8.95 0.62
CA GLU A 45 7.83 -9.50 -0.47
C GLU A 45 6.94 -9.75 -1.69
N PHE A 46 6.09 -8.77 -1.97
CA PHE A 46 5.18 -8.87 -3.10
C PHE A 46 5.75 -8.16 -4.33
N ASP A 47 5.01 -8.24 -5.42
CA ASP A 47 5.43 -7.61 -6.66
C ASP A 47 4.62 -6.33 -6.88
N PRO A 48 5.30 -5.18 -6.67
CA PRO A 48 4.66 -3.89 -6.84
C PRO A 48 4.47 -3.55 -8.33
N LEU A 49 4.95 -4.47 -9.16
CA LEU A 49 4.85 -4.27 -10.59
C LEU A 49 3.37 -4.31 -11.01
N HIS A 50 2.68 -5.34 -10.52
CA HIS A 50 1.27 -5.50 -10.83
C HIS A 50 0.49 -5.71 -9.53
N THR A 51 0.57 -4.72 -8.66
CA THR A 51 -0.13 -4.78 -7.39
C THR A 51 -1.10 -3.61 -7.25
N LEU A 52 -2.29 -3.92 -6.74
CA LEU A 52 -3.31 -2.91 -6.54
C LEU A 52 -3.54 -2.69 -5.05
N LEU A 53 -4.29 -1.65 -4.74
CA LEU A 53 -4.59 -1.31 -3.35
C LEU A 53 -6.10 -1.13 -3.20
N LEU A 54 -6.76 -2.19 -2.75
CA LEU A 54 -8.19 -2.16 -2.55
C LEU A 54 -8.50 -1.72 -1.12
N LYS A 55 -9.73 -1.29 -0.92
CA LYS A 55 -10.16 -0.83 0.40
C LYS A 55 -9.83 -1.91 1.44
N ASP A 56 -10.61 -2.99 1.40
CA ASP A 56 -10.41 -4.09 2.32
C ASP A 56 -10.49 -5.41 1.56
N TYR A 57 -10.09 -6.47 2.23
CA TYR A 57 -10.10 -7.79 1.63
C TYR A 57 -11.43 -8.05 0.92
N GLN A 58 -12.50 -7.61 1.56
CA GLN A 58 -13.83 -7.79 1.00
C GLN A 58 -14.32 -6.50 0.36
N SER A 59 -13.75 -6.19 -0.79
CA SER A 59 -14.10 -4.98 -1.52
C SER A 59 -13.46 -4.98 -2.91
N GLN A 60 -14.11 -4.30 -3.83
CA GLN A 60 -13.62 -4.21 -5.19
C GLN A 60 -13.39 -2.75 -5.59
N GLU A 61 -13.20 -1.92 -4.58
CA GLU A 61 -12.99 -0.50 -4.80
C GLU A 61 -11.51 -0.16 -4.64
N PRO A 62 -10.88 0.28 -5.77
CA PRO A 62 -9.48 0.63 -5.76
C PRO A 62 -9.26 1.99 -5.08
N LEU A 63 -8.16 2.08 -4.36
CA LEU A 63 -7.83 3.31 -3.65
C LEU A 63 -7.00 4.20 -4.57
N ASP A 64 -7.00 5.49 -4.25
CA ASP A 64 -6.26 6.45 -5.04
C ASP A 64 -4.85 6.60 -4.45
N LEU A 65 -3.90 5.93 -5.11
CA LEU A 65 -2.52 5.97 -4.66
C LEU A 65 -2.17 7.40 -4.25
N THR A 66 -2.36 8.31 -5.18
CA THR A 66 -2.06 9.72 -4.94
C THR A 66 -2.53 10.12 -3.53
N LYS A 67 -3.66 9.56 -3.14
CA LYS A 67 -4.22 9.85 -1.84
C LYS A 67 -3.39 9.14 -0.76
N SER A 68 -3.39 9.75 0.42
CA SER A 68 -2.64 9.19 1.54
C SER A 68 -3.60 8.58 2.56
N LEU A 69 -3.05 7.72 3.40
CA LEU A 69 -3.84 7.06 4.42
C LEU A 69 -4.70 8.09 5.15
N ASN A 70 -4.19 9.31 5.20
CA ASN A 70 -4.90 10.40 5.85
C ASN A 70 -6.11 10.80 5.00
N ASP A 71 -5.83 11.16 3.76
CA ASP A 71 -6.88 11.56 2.83
C ASP A 71 -7.97 10.50 2.81
N LEU A 72 -7.53 9.25 2.80
CA LEU A 72 -8.45 8.12 2.78
C LEU A 72 -9.09 7.98 4.16
N GLY A 73 -8.24 7.93 5.17
CA GLY A 73 -8.71 7.79 6.54
C GLY A 73 -8.84 6.31 6.92
N LEU A 74 -7.92 5.52 6.39
CA LEU A 74 -7.92 4.09 6.67
C LEU A 74 -6.59 3.70 7.32
N ARG A 75 -6.61 2.60 8.05
CA ARG A 75 -5.42 2.11 8.71
C ARG A 75 -5.04 0.72 8.17
N GLU A 76 -5.92 0.19 7.33
CA GLU A 76 -5.69 -1.12 6.75
C GLU A 76 -6.09 -1.12 5.27
N LEU A 77 -5.42 -1.96 4.50
CA LEU A 77 -5.69 -2.06 3.08
C LEU A 77 -5.36 -3.48 2.60
N TYR A 78 -5.76 -3.75 1.37
CA TYR A 78 -5.51 -5.07 0.79
C TYR A 78 -4.69 -4.96 -0.50
N ALA A 79 -3.81 -5.93 -0.68
CA ALA A 79 -2.95 -5.95 -1.86
C ALA A 79 -3.45 -7.02 -2.82
N MET A 80 -3.97 -6.56 -3.94
CA MET A 80 -4.48 -7.48 -4.96
C MET A 80 -3.44 -7.70 -6.06
N ASP A 81 -3.32 -8.96 -6.45
CA ASP A 81 -2.37 -9.33 -7.49
C ASP A 81 -3.12 -9.53 -8.81
N VAL A 82 -3.09 -8.50 -9.63
CA VAL A 82 -3.77 -8.54 -10.92
C VAL A 82 -2.85 -9.23 -11.94
N ASN A 83 -1.60 -8.79 -11.95
CA ASN A 83 -0.62 -9.36 -12.86
C ASN A 83 -1.28 -9.61 -14.22
N ARG A 84 -1.37 -8.56 -15.01
CA ARG A 84 -1.97 -8.66 -16.33
C ARG A 84 -1.60 -7.44 -17.18
N GLU A 85 -0.71 -7.67 -18.14
CA GLU A 85 -0.27 -6.61 -19.02
C GLU A 85 0.65 -7.17 -20.11
N SER A 86 0.76 -6.42 -21.19
CA SER A 86 1.59 -6.83 -22.30
C SER A 86 1.88 -5.63 -23.22
N GLY A 87 3.12 -5.17 -23.16
CA GLY A 87 3.53 -4.04 -23.98
C GLY A 87 4.96 -3.62 -23.66
N PRO A 88 5.45 -2.60 -24.42
CA PRO A 88 6.81 -2.10 -24.22
C PRO A 88 6.90 -1.26 -22.94
N SER A 89 7.58 -1.81 -21.95
CA SER A 89 7.75 -1.12 -20.69
C SER A 89 8.80 -1.84 -19.84
N SER A 90 8.54 -3.11 -19.59
CA SER A 90 9.45 -3.93 -18.79
C SER A 90 9.21 -5.41 -19.07
N GLY A 91 10.09 -5.97 -19.89
CA GLY A 91 9.99 -7.38 -20.25
C GLY A 91 9.59 -8.22 -19.03
N GLY A 1 8.91 24.78 9.06
CA GLY A 1 7.91 24.46 8.06
C GLY A 1 8.39 23.36 7.12
N SER A 2 9.14 23.78 6.10
CA SER A 2 9.67 22.84 5.13
C SER A 2 10.98 22.24 5.64
N SER A 3 10.91 20.95 5.98
CA SER A 3 12.07 20.26 6.48
C SER A 3 12.49 20.83 7.84
N GLY A 4 13.13 19.99 8.63
CA GLY A 4 13.59 20.40 9.95
C GLY A 4 13.21 19.36 11.01
N SER A 5 14.16 19.13 11.91
CA SER A 5 13.94 18.16 12.98
C SER A 5 13.52 16.81 12.38
N SER A 6 14.48 15.90 12.31
CA SER A 6 14.22 14.58 11.77
C SER A 6 13.73 13.64 12.88
N GLY A 7 12.48 13.24 12.77
CA GLY A 7 11.89 12.35 13.75
C GLY A 7 11.06 11.25 13.08
N GLU A 8 10.69 10.26 13.87
CA GLU A 8 9.89 9.15 13.36
C GLU A 8 8.47 9.21 13.93
N LYS A 9 7.50 9.10 13.04
CA LYS A 9 6.11 9.14 13.44
C LYS A 9 5.30 8.22 12.52
N THR A 10 5.71 6.97 12.47
CA THR A 10 5.04 5.98 11.65
C THR A 10 3.87 5.36 12.40
N VAL A 11 2.88 4.92 11.65
CA VAL A 11 1.70 4.30 12.24
C VAL A 11 1.64 2.83 11.82
N ARG A 12 0.87 2.07 12.58
CA ARG A 12 0.72 0.65 12.30
C ARG A 12 -0.40 0.42 11.29
N VAL A 13 -0.02 -0.09 10.13
CA VAL A 13 -0.97 -0.36 9.07
C VAL A 13 -0.97 -1.86 8.76
N VAL A 14 -2.17 -2.42 8.71
CA VAL A 14 -2.32 -3.84 8.42
C VAL A 14 -2.45 -4.04 6.91
N ILE A 15 -1.73 -5.03 6.41
CA ILE A 15 -1.75 -5.33 4.99
C ILE A 15 -2.40 -6.70 4.78
N ASN A 16 -3.62 -6.66 4.24
CA ASN A 16 -4.36 -7.87 3.98
C ASN A 16 -3.92 -8.47 2.64
N PHE A 17 -3.33 -9.65 2.71
CA PHE A 17 -2.86 -10.32 1.53
C PHE A 17 -3.05 -11.84 1.64
N LYS A 18 -2.97 -12.51 0.49
CA LYS A 18 -3.13 -13.95 0.45
C LYS A 18 -4.60 -14.30 0.68
N LYS A 19 -5.42 -13.26 0.76
CA LYS A 19 -6.84 -13.45 0.99
C LYS A 19 -7.06 -14.25 2.28
N THR A 20 -6.29 -13.87 3.29
CA THR A 20 -6.38 -14.54 4.58
C THR A 20 -5.26 -14.06 5.51
N GLN A 21 -4.06 -14.01 4.96
CA GLN A 21 -2.90 -13.57 5.72
C GLN A 21 -2.86 -12.05 5.80
N LYS A 22 -2.27 -11.55 6.87
CA LYS A 22 -2.16 -10.12 7.08
C LYS A 22 -0.83 -9.81 7.78
N THR A 23 -0.37 -8.58 7.60
CA THR A 23 0.88 -8.15 8.21
C THR A 23 0.83 -6.65 8.50
N ILE A 24 1.36 -6.29 9.67
CA ILE A 24 1.39 -4.91 10.09
C ILE A 24 2.77 -4.32 9.83
N VAL A 25 2.79 -3.04 9.51
CA VAL A 25 4.04 -2.35 9.24
C VAL A 25 3.96 -0.91 9.75
N ARG A 26 5.12 -0.35 10.07
CA ARG A 26 5.17 1.01 10.57
C ARG A 26 5.76 1.93 9.49
N VAL A 27 4.89 2.76 8.93
CA VAL A 27 5.29 3.70 7.89
C VAL A 27 4.62 5.04 8.14
N SER A 28 4.93 5.99 7.27
CA SER A 28 4.37 7.33 7.38
C SER A 28 2.99 7.36 6.71
N PRO A 29 1.98 7.84 7.48
CA PRO A 29 0.62 7.95 6.97
C PRO A 29 0.48 9.12 6.01
N HIS A 30 1.53 9.92 5.94
CA HIS A 30 1.54 11.08 5.06
C HIS A 30 1.80 10.63 3.62
N ALA A 31 2.99 10.07 3.42
CA ALA A 31 3.36 9.59 2.11
C ALA A 31 2.18 8.90 1.44
N SER A 32 2.13 9.00 0.13
CA SER A 32 1.04 8.39 -0.63
C SER A 32 1.34 6.91 -0.86
N LEU A 33 0.26 6.14 -0.97
CA LEU A 33 0.39 4.71 -1.18
C LEU A 33 1.35 4.46 -2.34
N GLN A 34 1.34 5.38 -3.29
CA GLN A 34 2.21 5.26 -4.45
C GLN A 34 3.66 5.10 -4.01
N GLU A 35 4.00 5.77 -2.92
CA GLU A 35 5.35 5.70 -2.38
C GLU A 35 5.47 4.56 -1.38
N LEU A 36 4.33 4.19 -0.81
CA LEU A 36 4.30 3.12 0.17
C LEU A 36 3.94 1.80 -0.54
N ALA A 37 3.93 1.86 -1.86
CA ALA A 37 3.60 0.69 -2.66
C ALA A 37 4.68 -0.37 -2.48
N PRO A 38 5.96 0.07 -2.64
CA PRO A 38 7.09 -0.84 -2.49
C PRO A 38 7.34 -1.15 -1.02
N ILE A 39 7.27 -0.11 -0.20
CA ILE A 39 7.49 -0.26 1.23
C ILE A 39 6.51 -1.30 1.79
N ILE A 40 5.36 -1.38 1.13
CA ILE A 40 4.33 -2.34 1.55
C ILE A 40 4.57 -3.68 0.86
N CYS A 41 4.57 -3.64 -0.46
CA CYS A 41 4.80 -4.85 -1.24
C CYS A 41 6.06 -5.53 -0.71
N SER A 42 7.11 -4.74 -0.59
CA SER A 42 8.38 -5.25 -0.11
C SER A 42 8.20 -5.91 1.26
N LYS A 43 7.40 -5.26 2.09
CA LYS A 43 7.14 -5.77 3.42
C LYS A 43 6.49 -7.15 3.32
N CYS A 44 5.64 -7.31 2.32
CA CYS A 44 4.96 -8.57 2.09
C CYS A 44 5.67 -9.31 0.95
N GLU A 45 6.92 -8.91 0.73
CA GLU A 45 7.71 -9.52 -0.32
C GLU A 45 6.86 -9.77 -1.56
N PHE A 46 6.08 -8.76 -1.92
CA PHE A 46 5.21 -8.86 -3.08
C PHE A 46 5.84 -8.18 -4.30
N ASP A 47 5.08 -8.12 -5.37
CA ASP A 47 5.54 -7.49 -6.60
C ASP A 47 4.65 -6.30 -6.93
N PRO A 48 5.27 -5.09 -6.87
CA PRO A 48 4.55 -3.86 -7.16
C PRO A 48 4.32 -3.70 -8.67
N LEU A 49 4.81 -4.69 -9.41
CA LEU A 49 4.68 -4.67 -10.86
C LEU A 49 3.20 -4.77 -11.23
N HIS A 50 2.54 -5.75 -10.63
CA HIS A 50 1.12 -5.98 -10.88
C HIS A 50 0.39 -6.16 -9.55
N THR A 51 0.53 -5.17 -8.69
CA THR A 51 -0.11 -5.21 -7.39
C THR A 51 -1.04 -4.00 -7.21
N LEU A 52 -2.26 -4.29 -6.79
CA LEU A 52 -3.25 -3.25 -6.57
C LEU A 52 -3.49 -3.07 -5.08
N LEU A 53 -4.23 -2.03 -4.74
CA LEU A 53 -4.55 -1.74 -3.36
C LEU A 53 -6.06 -1.57 -3.20
N LEU A 54 -6.71 -2.65 -2.78
CA LEU A 54 -8.15 -2.64 -2.59
C LEU A 54 -8.46 -2.30 -1.14
N LYS A 55 -9.62 -1.70 -0.92
CA LYS A 55 -10.04 -1.33 0.41
C LYS A 55 -10.02 -2.57 1.31
N ASP A 56 -10.77 -3.58 0.89
CA ASP A 56 -10.84 -4.82 1.64
C ASP A 56 -11.42 -5.92 0.75
N TYR A 57 -11.37 -7.14 1.27
CA TYR A 57 -11.89 -8.28 0.53
C TYR A 57 -13.42 -8.21 0.43
N GLN A 58 -13.99 -7.35 1.25
CA GLN A 58 -15.45 -7.19 1.26
C GLN A 58 -15.83 -5.88 0.58
N SER A 59 -14.83 -5.02 0.40
CA SER A 59 -15.06 -3.73 -0.24
C SER A 59 -14.78 -3.84 -1.74
N GLN A 60 -13.63 -4.40 -2.05
CA GLN A 60 -13.23 -4.57 -3.44
C GLN A 60 -12.73 -3.24 -4.01
N GLU A 61 -13.56 -2.22 -3.87
CA GLU A 61 -13.21 -0.90 -4.37
C GLU A 61 -11.73 -0.62 -4.14
N PRO A 62 -11.05 -0.17 -5.23
CA PRO A 62 -9.64 0.13 -5.17
C PRO A 62 -9.39 1.45 -4.44
N LEU A 63 -8.15 1.64 -4.00
CA LEU A 63 -7.78 2.85 -3.30
C LEU A 63 -7.11 3.82 -4.27
N ASP A 64 -6.80 5.00 -3.76
CA ASP A 64 -6.16 6.03 -4.57
C ASP A 64 -4.72 6.21 -4.11
N LEU A 65 -3.79 5.88 -5.00
CA LEU A 65 -2.39 5.99 -4.69
C LEU A 65 -2.05 7.47 -4.42
N THR A 66 -2.56 8.32 -5.30
CA THR A 66 -2.33 9.75 -5.17
C THR A 66 -2.69 10.23 -3.77
N LYS A 67 -3.63 9.52 -3.16
CA LYS A 67 -4.07 9.85 -1.82
C LYS A 67 -3.21 9.12 -0.80
N SER A 68 -3.42 9.46 0.47
CA SER A 68 -2.67 8.84 1.55
C SER A 68 -3.63 8.18 2.53
N LEU A 69 -3.05 7.52 3.53
CA LEU A 69 -3.84 6.83 4.54
C LEU A 69 -4.68 7.87 5.29
N ASN A 70 -4.13 9.07 5.40
CA ASN A 70 -4.82 10.14 6.09
C ASN A 70 -6.02 10.61 5.26
N ASP A 71 -5.74 10.88 3.99
CA ASP A 71 -6.79 11.33 3.08
C ASP A 71 -7.90 10.27 3.04
N LEU A 72 -7.48 9.01 3.01
CA LEU A 72 -8.43 7.92 2.97
C LEU A 72 -9.16 7.82 4.31
N GLY A 73 -8.41 7.44 5.33
CA GLY A 73 -8.96 7.32 6.67
C GLY A 73 -9.09 5.85 7.07
N LEU A 74 -8.16 5.04 6.55
CA LEU A 74 -8.15 3.63 6.85
C LEU A 74 -6.85 3.27 7.56
N ARG A 75 -6.90 2.18 8.31
CA ARG A 75 -5.73 1.72 9.04
C ARG A 75 -5.10 0.52 8.33
N GLU A 76 -5.93 -0.19 7.58
CA GLU A 76 -5.47 -1.35 6.85
C GLU A 76 -5.90 -1.26 5.39
N LEU A 77 -5.34 -2.16 4.57
CA LEU A 77 -5.65 -2.19 3.16
C LEU A 77 -5.41 -3.60 2.62
N TYR A 78 -5.87 -3.82 1.40
CA TYR A 78 -5.72 -5.11 0.76
C TYR A 78 -4.90 -4.99 -0.53
N ALA A 79 -3.95 -5.91 -0.69
CA ALA A 79 -3.10 -5.92 -1.86
C ALA A 79 -3.53 -7.05 -2.79
N MET A 80 -3.90 -6.68 -4.00
CA MET A 80 -4.32 -7.65 -4.99
C MET A 80 -3.25 -7.87 -6.05
N ASP A 81 -3.14 -9.11 -6.50
CA ASP A 81 -2.16 -9.46 -7.51
C ASP A 81 -2.86 -9.63 -8.86
N VAL A 82 -2.68 -8.64 -9.72
CA VAL A 82 -3.29 -8.68 -11.04
C VAL A 82 -2.23 -9.08 -12.07
N ASN A 83 -2.27 -8.41 -13.21
CA ASN A 83 -1.33 -8.69 -14.29
C ASN A 83 -0.79 -7.38 -14.84
N ARG A 84 -1.72 -6.49 -15.17
CA ARG A 84 -1.36 -5.19 -15.71
C ARG A 84 -2.61 -4.39 -16.06
N GLU A 85 -2.93 -3.44 -15.20
CA GLU A 85 -4.09 -2.60 -15.40
C GLU A 85 -3.81 -1.17 -14.95
N SER A 86 -3.35 -0.37 -15.91
CA SER A 86 -3.02 1.02 -15.61
C SER A 86 -2.77 1.77 -16.92
N GLY A 87 -3.64 2.74 -17.18
CA GLY A 87 -3.52 3.54 -18.39
C GLY A 87 -2.48 4.65 -18.21
N PRO A 88 -2.05 5.22 -19.37
CA PRO A 88 -1.06 6.28 -19.36
C PRO A 88 -1.67 7.61 -18.89
N SER A 89 -2.69 8.04 -19.62
CA SER A 89 -3.37 9.27 -19.29
C SER A 89 -4.56 9.49 -20.23
N SER A 90 -5.46 10.36 -19.81
CA SER A 90 -6.64 10.66 -20.61
C SER A 90 -6.36 11.83 -21.55
N GLY A 91 -6.73 11.64 -22.81
CA GLY A 91 -6.52 12.67 -23.81
C GLY A 91 -5.63 12.15 -24.95
N GLY A 1 23.91 19.70 -5.00
CA GLY A 1 22.74 18.85 -4.79
C GLY A 1 23.04 17.78 -3.74
N SER A 2 21.96 17.28 -3.15
CA SER A 2 22.08 16.26 -2.12
C SER A 2 20.74 15.54 -1.94
N SER A 3 19.71 16.34 -1.65
CA SER A 3 18.38 15.79 -1.45
C SER A 3 18.38 14.86 -0.24
N GLY A 4 17.85 15.38 0.87
CA GLY A 4 17.77 14.61 2.10
C GLY A 4 16.65 13.58 2.03
N SER A 5 16.48 12.87 3.13
CA SER A 5 15.44 11.85 3.21
C SER A 5 15.11 11.55 4.68
N SER A 6 13.82 11.67 4.99
CA SER A 6 13.36 11.42 6.35
C SER A 6 11.96 10.82 6.32
N GLY A 7 11.54 10.32 7.47
CA GLY A 7 10.21 9.73 7.59
C GLY A 7 10.02 9.10 8.97
N GLU A 8 9.42 9.87 9.86
CA GLU A 8 9.16 9.41 11.22
C GLU A 8 7.67 9.48 11.53
N LYS A 9 7.34 9.08 12.75
CA LYS A 9 5.96 9.11 13.19
C LYS A 9 5.12 8.22 12.27
N THR A 10 5.53 6.96 12.18
CA THR A 10 4.84 6.00 11.34
C THR A 10 3.66 5.39 12.10
N VAL A 11 2.64 4.99 11.34
CA VAL A 11 1.46 4.39 11.94
C VAL A 11 1.41 2.91 11.56
N ARG A 12 0.78 2.13 12.42
CA ARG A 12 0.65 0.70 12.19
C ARG A 12 -0.42 0.43 11.14
N VAL A 13 0.02 0.06 9.95
CA VAL A 13 -0.89 -0.23 8.86
C VAL A 13 -0.99 -1.74 8.67
N VAL A 14 -2.20 -2.20 8.41
CA VAL A 14 -2.46 -3.61 8.20
C VAL A 14 -2.40 -3.93 6.70
N ILE A 15 -1.70 -5.00 6.39
CA ILE A 15 -1.57 -5.42 5.00
C ILE A 15 -2.17 -6.82 4.83
N ASN A 16 -3.43 -6.84 4.43
CA ASN A 16 -4.14 -8.09 4.24
C ASN A 16 -3.87 -8.61 2.82
N PHE A 17 -3.33 -9.82 2.76
CA PHE A 17 -3.02 -10.43 1.48
C PHE A 17 -3.25 -11.95 1.53
N LYS A 18 -3.20 -12.55 0.35
CA LYS A 18 -3.40 -13.99 0.25
C LYS A 18 -4.88 -14.31 0.49
N LYS A 19 -5.67 -13.25 0.60
CA LYS A 19 -7.10 -13.40 0.83
C LYS A 19 -7.31 -14.19 2.13
N THR A 20 -6.51 -13.87 3.12
CA THR A 20 -6.59 -14.54 4.41
C THR A 20 -5.47 -14.06 5.34
N GLN A 21 -4.27 -14.08 4.80
CA GLN A 21 -3.11 -13.65 5.57
C GLN A 21 -3.03 -12.13 5.63
N LYS A 22 -2.39 -11.64 6.68
CA LYS A 22 -2.25 -10.21 6.87
C LYS A 22 -0.98 -9.93 7.67
N THR A 23 -0.40 -8.76 7.40
CA THR A 23 0.83 -8.37 8.08
C THR A 23 0.74 -6.90 8.53
N ILE A 24 1.54 -6.57 9.53
CA ILE A 24 1.56 -5.22 10.05
C ILE A 24 2.93 -4.59 9.76
N VAL A 25 2.88 -3.34 9.33
CA VAL A 25 4.09 -2.60 9.01
C VAL A 25 3.92 -1.14 9.40
N ARG A 26 5.03 -0.52 9.76
CA ARG A 26 5.02 0.88 10.15
C ARG A 26 5.40 1.77 8.98
N VAL A 27 4.59 2.80 8.76
CA VAL A 27 4.83 3.73 7.67
C VAL A 27 4.16 5.06 8.00
N SER A 28 4.45 6.05 7.15
CA SER A 28 3.88 7.38 7.34
C SER A 28 2.50 7.45 6.69
N PRO A 29 1.53 8.00 7.46
CA PRO A 29 0.16 8.13 6.97
C PRO A 29 0.05 9.27 5.96
N HIS A 30 1.06 10.13 5.96
CA HIS A 30 1.09 11.26 5.06
C HIS A 30 1.43 10.78 3.65
N ALA A 31 2.56 10.09 3.56
CA ALA A 31 3.02 9.57 2.28
C ALA A 31 1.85 8.86 1.58
N SER A 32 1.83 8.99 0.27
CA SER A 32 0.79 8.37 -0.53
C SER A 32 1.11 6.89 -0.76
N LEU A 33 0.06 6.08 -0.81
CA LEU A 33 0.23 4.65 -1.02
C LEU A 33 1.20 4.43 -2.18
N GLN A 34 1.19 5.36 -3.12
CA GLN A 34 2.07 5.27 -4.27
C GLN A 34 3.52 5.12 -3.83
N GLU A 35 3.84 5.77 -2.72
CA GLU A 35 5.18 5.72 -2.18
C GLU A 35 5.32 4.57 -1.17
N LEU A 36 4.17 4.18 -0.62
CA LEU A 36 4.14 3.10 0.34
C LEU A 36 3.80 1.79 -0.38
N ALA A 37 3.82 1.85 -1.69
CA ALA A 37 3.52 0.68 -2.51
C ALA A 37 4.63 -0.35 -2.35
N PRO A 38 5.89 0.14 -2.50
CA PRO A 38 7.05 -0.73 -2.38
C PRO A 38 7.33 -1.06 -0.91
N ILE A 39 7.24 -0.03 -0.08
CA ILE A 39 7.49 -0.19 1.34
C ILE A 39 6.54 -1.26 1.89
N ILE A 40 5.40 -1.40 1.23
CA ILE A 40 4.41 -2.38 1.65
C ILE A 40 4.68 -3.71 0.94
N CYS A 41 4.61 -3.66 -0.38
CA CYS A 41 4.85 -4.84 -1.19
C CYS A 41 6.16 -5.48 -0.73
N SER A 42 7.18 -4.64 -0.62
CA SER A 42 8.49 -5.12 -0.19
C SER A 42 8.36 -5.87 1.13
N LYS A 43 7.62 -5.28 2.05
CA LYS A 43 7.42 -5.88 3.36
C LYS A 43 6.87 -7.29 3.18
N CYS A 44 5.99 -7.43 2.20
CA CYS A 44 5.38 -8.72 1.92
C CYS A 44 6.08 -9.32 0.70
N GLU A 45 7.28 -8.83 0.44
CA GLU A 45 8.05 -9.31 -0.70
C GLU A 45 7.14 -9.55 -1.90
N PHE A 46 6.15 -8.68 -2.04
CA PHE A 46 5.21 -8.78 -3.13
C PHE A 46 5.74 -8.07 -4.38
N ASP A 47 5.00 -8.21 -5.47
CA ASP A 47 5.38 -7.60 -6.73
C ASP A 47 4.53 -6.35 -6.96
N PRO A 48 5.18 -5.17 -6.80
CA PRO A 48 4.50 -3.90 -6.99
C PRO A 48 4.27 -3.62 -8.47
N LEU A 49 4.76 -4.54 -9.30
CA LEU A 49 4.61 -4.39 -10.74
C LEU A 49 3.13 -4.49 -11.12
N HIS A 50 2.49 -5.54 -10.60
CA HIS A 50 1.08 -5.76 -10.86
C HIS A 50 0.33 -5.97 -9.54
N THR A 51 0.40 -4.96 -8.70
CA THR A 51 -0.26 -5.03 -7.40
C THR A 51 -1.28 -3.89 -7.26
N LEU A 52 -2.37 -4.20 -6.57
CA LEU A 52 -3.42 -3.21 -6.36
C LEU A 52 -3.61 -2.99 -4.86
N LEU A 53 -4.37 -1.96 -4.54
CA LEU A 53 -4.65 -1.64 -3.15
C LEU A 53 -6.16 -1.53 -2.94
N LEU A 54 -6.72 -2.58 -2.34
CA LEU A 54 -8.14 -2.62 -2.09
C LEU A 54 -8.41 -2.24 -0.62
N LYS A 55 -9.66 -1.93 -0.34
CA LYS A 55 -10.05 -1.55 1.01
C LYS A 55 -9.63 -2.65 1.98
N ASP A 56 -10.04 -3.87 1.65
CA ASP A 56 -9.71 -5.01 2.49
C ASP A 56 -10.00 -6.30 1.71
N TYR A 57 -10.22 -7.36 2.46
CA TYR A 57 -10.50 -8.65 1.85
C TYR A 57 -11.98 -8.77 1.45
N GLN A 58 -12.78 -7.93 2.07
CA GLN A 58 -14.21 -7.92 1.80
C GLN A 58 -14.66 -6.52 1.36
N SER A 59 -14.47 -6.24 0.08
CA SER A 59 -14.85 -4.96 -0.48
C SER A 59 -14.58 -4.93 -1.97
N GLN A 60 -13.34 -5.25 -2.32
CA GLN A 60 -12.94 -5.27 -3.72
C GLN A 60 -12.82 -3.85 -4.26
N GLU A 61 -13.01 -2.88 -3.36
CA GLU A 61 -12.93 -1.48 -3.73
C GLU A 61 -11.47 -1.03 -3.74
N PRO A 62 -11.01 -0.62 -4.95
CA PRO A 62 -9.64 -0.15 -5.11
C PRO A 62 -9.46 1.25 -4.54
N LEU A 63 -8.27 1.49 -4.00
CA LEU A 63 -7.96 2.78 -3.42
C LEU A 63 -7.18 3.62 -4.42
N ASP A 64 -6.94 4.87 -4.05
CA ASP A 64 -6.21 5.79 -4.91
C ASP A 64 -4.81 6.00 -4.34
N LEU A 65 -3.82 5.63 -5.13
CA LEU A 65 -2.43 5.79 -4.71
C LEU A 65 -2.12 7.26 -4.49
N THR A 66 -2.62 8.08 -5.40
CA THR A 66 -2.40 9.52 -5.31
C THR A 66 -2.82 10.03 -3.93
N LYS A 67 -3.65 9.24 -3.26
CA LYS A 67 -4.12 9.61 -1.94
C LYS A 67 -3.23 8.94 -0.88
N SER A 68 -3.40 9.39 0.35
CA SER A 68 -2.62 8.84 1.46
C SER A 68 -3.55 8.31 2.54
N LEU A 69 -2.96 7.64 3.52
CA LEU A 69 -3.72 7.08 4.62
C LEU A 69 -4.50 8.19 5.32
N ASN A 70 -3.91 9.39 5.29
CA ASN A 70 -4.54 10.53 5.92
C ASN A 70 -5.77 10.96 5.10
N ASP A 71 -5.56 11.06 3.80
CA ASP A 71 -6.63 11.45 2.90
C ASP A 71 -7.76 10.42 2.98
N LEU A 72 -7.36 9.15 2.88
CA LEU A 72 -8.32 8.07 2.94
C LEU A 72 -8.91 7.99 4.35
N GLY A 73 -8.03 8.01 5.33
CA GLY A 73 -8.44 7.94 6.72
C GLY A 73 -8.65 6.49 7.17
N LEU A 74 -7.89 5.60 6.54
CA LEU A 74 -7.97 4.19 6.86
C LEU A 74 -6.66 3.73 7.49
N ARG A 75 -6.71 2.57 8.11
CA ARG A 75 -5.53 2.00 8.76
C ARG A 75 -5.32 0.55 8.31
N GLU A 76 -6.12 0.14 7.33
CA GLU A 76 -6.03 -1.20 6.81
C GLU A 76 -6.30 -1.21 5.30
N LEU A 77 -5.59 -2.10 4.61
CA LEU A 77 -5.73 -2.21 3.18
C LEU A 77 -5.32 -3.62 2.74
N TYR A 78 -5.60 -3.92 1.47
CA TYR A 78 -5.26 -5.21 0.92
C TYR A 78 -4.42 -5.06 -0.36
N ALA A 79 -3.62 -6.09 -0.61
CA ALA A 79 -2.77 -6.08 -1.79
C ALA A 79 -3.16 -7.25 -2.70
N MET A 80 -3.68 -6.91 -3.86
CA MET A 80 -4.10 -7.91 -4.83
C MET A 80 -3.11 -7.98 -6.00
N ASP A 81 -2.57 -9.18 -6.21
CA ASP A 81 -1.63 -9.40 -7.28
C ASP A 81 -2.39 -9.71 -8.57
N VAL A 82 -2.43 -8.72 -9.45
CA VAL A 82 -3.12 -8.87 -10.72
C VAL A 82 -2.11 -9.22 -11.81
N ASN A 83 -1.56 -10.43 -11.69
CA ASN A 83 -0.58 -10.90 -12.65
C ASN A 83 -1.27 -11.80 -13.68
N ARG A 84 -1.87 -11.15 -14.67
CA ARG A 84 -2.56 -11.87 -15.72
C ARG A 84 -1.82 -11.72 -17.06
N GLU A 85 -1.61 -10.47 -17.44
CA GLU A 85 -0.92 -10.19 -18.69
C GLU A 85 0.36 -9.39 -18.41
N SER A 86 1.25 -9.41 -19.39
CA SER A 86 2.51 -8.69 -19.26
C SER A 86 2.65 -7.67 -20.38
N GLY A 87 3.57 -6.73 -20.19
CA GLY A 87 3.81 -5.69 -21.17
C GLY A 87 5.20 -5.09 -21.01
N PRO A 88 5.71 -4.50 -22.12
CA PRO A 88 7.03 -3.88 -22.11
C PRO A 88 7.00 -2.54 -21.37
N SER A 89 8.15 -2.18 -20.81
CA SER A 89 8.26 -0.93 -20.07
C SER A 89 9.67 -0.80 -19.49
N SER A 90 10.40 0.18 -20.01
CA SER A 90 11.75 0.42 -19.56
C SER A 90 11.84 1.79 -18.89
N GLY A 91 12.48 1.82 -17.73
CA GLY A 91 12.65 3.06 -16.98
C GLY A 91 11.29 3.64 -16.60
#